data_3M5I
#
_entry.id   3M5I
#
_cell.length_a   66.597
_cell.length_b   116.528
_cell.length_c   250.727
_cell.angle_alpha   90.00
_cell.angle_beta   90.00
_cell.angle_gamma   90.00
#
_symmetry.space_group_name_H-M   'P 21 21 21'
#
loop_
_entity.id
_entity.type
_entity.pdbx_description
1 polymer Hemagglutinin
2 polymer Hemagglutinin
3 branched 'N-acetyl-alpha-neuraminic acid-(2-6)-beta-D-galactopyranose'
4 branched 2-acetamido-2-deoxy-beta-D-glucopyranose-(1-4)-2-acetamido-2-deoxy-beta-D-glucopyranose
5 non-polymer 2-acetamido-2-deoxy-beta-D-glucopyranose
6 water water
#
loop_
_entity_poly.entity_id
_entity_poly.type
_entity_poly.pdbx_seq_one_letter_code
_entity_poly.pdbx_strand_id
1 'polypeptide(L)'
;ADPGDKICLGHHAVANGTKVNTLTERGIEVVNATETVETTNIKKICTQGKRPTDLGQCGLLGTLIGPPQCDQFLEFSSDL
IIERREGTDICYPGRFTNEESLRQILRRSGGIGKESMGFTYSGIRTNGATSACTRSGSSFYAEMKWLLSNSDNAAFPQMT
KAYRNPRNKPALIIWGVHHSESVSEQTKLYGSGNKLITVRSSKYQQSFTPNPGARRIDFHWLLLDPNDTVTFTFNGAFIA
PDRTSFFRGESLGVQSDAPLDSSCRGDCFHSGGTIVSSLPFQNINSRTVGKCPRYVKQKSLLLATGMRNVPEKPKPR
;
A,C,E
2 'polypeptide(L)'
;GLFGAIAGFIENGWEGLINGWYGFRHQNAQGEGTAADYKSTQSAIDQITGKLNRLIGKTNQQFELIDNEFNEIEQQIGNV
INWTRDAMTEIWSYNAELLVAMENQHTIDLADSEMSKLYERVKKQLRENAEEDGTGCFEIFHKCDDQCMESIRNNTYDHT
QYRTESLQNRIQIDSGRLVPRG
;
B,D,F
#
loop_
_chem_comp.id
_chem_comp.type
_chem_comp.name
_chem_comp.formula
GAL D-saccharide, beta linking beta-D-galactopyranose 'C6 H12 O6'
NAG D-saccharide, beta linking 2-acetamido-2-deoxy-beta-D-glucopyranose 'C8 H15 N O6'
SIA D-saccharide, alpha linking 'N-acetyl-alpha-neuraminic acid' 'C11 H19 N O9'
#
# COMPACT_ATOMS: atom_id res chain seq x y z
N GLY A 4 35.99 -22.28 50.76
CA GLY A 4 34.91 -22.44 49.73
C GLY A 4 35.04 -21.47 48.57
N ASP A 5 35.77 -21.90 47.53
CA ASP A 5 35.96 -21.08 46.33
C ASP A 5 34.70 -21.06 45.47
N LYS A 6 34.51 -20.01 44.70
CA LYS A 6 33.38 -19.95 43.78
C LYS A 6 33.67 -19.09 42.56
N ILE A 7 33.09 -19.46 41.42
CA ILE A 7 33.11 -18.61 40.23
C ILE A 7 31.68 -18.27 39.82
N CYS A 8 31.47 -17.02 39.38
CA CYS A 8 30.14 -16.54 39.03
C CYS A 8 30.04 -16.16 37.58
N LEU A 9 28.81 -16.16 37.07
CA LEU A 9 28.55 -15.69 35.72
C LEU A 9 27.64 -14.48 35.72
N GLY A 10 27.93 -13.53 34.84
CA GLY A 10 27.17 -12.28 34.80
C GLY A 10 27.35 -11.51 33.52
N HIS A 11 26.67 -10.37 33.44
CA HIS A 11 26.67 -9.49 32.28
C HIS A 11 26.86 -8.04 32.70
N HIS A 12 27.09 -7.15 31.74
CA HIS A 12 27.33 -5.75 32.07
C HIS A 12 26.03 -4.96 32.24
N ALA A 13 26.18 -3.71 32.65
CA ALA A 13 25.08 -2.75 32.77
C ALA A 13 25.65 -1.34 32.83
N VAL A 14 24.85 -0.37 32.41
CA VAL A 14 25.18 1.03 32.62
C VAL A 14 24.23 1.62 33.66
N ALA A 15 24.62 2.75 34.25
CA ALA A 15 23.81 3.40 35.29
C ALA A 15 22.38 3.61 34.80
N ASN A 16 22.24 4.30 33.68
CA ASN A 16 20.93 4.56 33.10
C ASN A 16 20.91 4.34 31.59
N GLY A 17 20.30 3.24 31.18
CA GLY A 17 20.24 2.86 29.78
C GLY A 17 19.17 3.64 29.04
N THR A 18 18.77 3.13 27.88
CA THR A 18 17.73 3.76 27.09
C THR A 18 16.50 2.87 26.97
N LYS A 19 15.34 3.49 26.94
CA LYS A 19 14.06 2.80 26.93
C LYS A 19 13.60 2.51 25.50
N VAL A 20 13.35 1.23 25.21
CA VAL A 20 12.84 0.82 23.90
C VAL A 20 11.53 0.05 24.05
N ASN A 21 10.82 -0.13 22.95
CA ASN A 21 9.58 -0.91 22.97
C ASN A 21 9.78 -2.26 22.33
N THR A 22 9.15 -3.26 22.94
CA THR A 22 9.22 -4.62 22.42
C THR A 22 7.83 -5.04 22.02
N LEU A 23 7.62 -6.34 21.85
CA LEU A 23 6.32 -6.86 21.49
C LEU A 23 5.36 -6.86 22.68
N THR A 24 5.92 -7.12 23.86
CA THR A 24 5.10 -7.35 25.06
C THR A 24 5.27 -6.30 26.16
N GLU A 25 6.28 -5.46 26.03
CA GLU A 25 6.52 -4.39 26.99
C GLU A 25 6.78 -3.05 26.31
N ARG A 26 6.37 -1.98 26.98
CA ARG A 26 6.59 -0.61 26.52
C ARG A 26 7.60 0.12 27.42
N GLY A 27 8.63 0.71 26.81
CA GLY A 27 9.61 1.52 27.54
C GLY A 27 10.56 0.73 28.42
N ILE A 28 10.82 -0.52 28.06
CA ILE A 28 11.76 -1.38 28.78
C ILE A 28 13.22 -0.97 28.51
N GLU A 29 13.96 -0.70 29.59
CA GLU A 29 15.33 -0.17 29.52
C GLU A 29 16.34 -1.21 29.03
N VAL A 30 17.16 -0.84 28.05
CA VAL A 30 18.25 -1.69 27.56
C VAL A 30 19.57 -0.91 27.59
N VAL A 31 20.69 -1.64 27.52
CA VAL A 31 22.02 -1.03 27.67
C VAL A 31 22.31 0.01 26.58
N ASN A 32 22.05 -0.39 25.34
CA ASN A 32 22.25 0.50 24.20
C ASN A 32 21.18 0.31 23.15
N ALA A 33 20.79 1.42 22.51
CA ALA A 33 19.83 1.44 21.41
C ALA A 33 20.19 2.54 20.42
N THR A 34 19.75 2.38 19.18
CA THR A 34 19.98 3.39 18.14
C THR A 34 18.69 3.83 17.41
N GLU A 35 18.71 5.07 16.90
CA GLU A 35 17.59 5.65 16.20
C GLU A 35 17.46 5.11 14.76
N THR A 36 16.23 4.82 14.32
CA THR A 36 15.95 4.43 12.92
C THR A 36 15.14 5.46 12.15
N VAL A 37 14.63 6.47 12.86
CA VAL A 37 13.84 7.55 12.25
C VAL A 37 14.62 8.86 12.21
N GLU A 38 14.94 9.32 11.00
CA GLU A 38 15.66 10.57 10.86
C GLU A 38 14.73 11.77 11.03
N THR A 39 15.11 12.69 11.92
CA THR A 39 14.34 13.91 12.14
C THR A 39 15.17 15.17 11.93
N THR A 40 16.47 15.02 11.75
CA THR A 40 17.33 16.17 11.48
C THR A 40 17.38 16.49 9.99
N ASN A 41 16.91 17.69 9.66
CA ASN A 41 16.84 18.12 8.29
C ASN A 41 17.94 19.11 7.97
N ILE A 42 18.57 18.94 6.82
CA ILE A 42 19.51 19.93 6.31
C ILE A 42 18.76 20.95 5.43
N LYS A 43 18.73 22.21 5.89
CA LYS A 43 17.86 23.26 5.32
C LYS A 43 18.35 23.85 3.99
N LYS A 44 19.01 23.03 3.19
CA LYS A 44 19.66 23.45 1.95
C LYS A 44 19.46 22.37 0.89
N ILE A 45 19.58 22.74 -0.38
CA ILE A 45 19.63 21.74 -1.46
C ILE A 45 21.09 21.34 -1.68
N CYS A 46 21.42 20.10 -1.33
CA CYS A 46 22.80 19.62 -1.35
C CYS A 46 23.18 19.13 -2.74
N THR A 47 23.91 19.99 -3.45
CA THR A 47 24.14 19.80 -4.88
C THR A 47 25.50 19.17 -5.23
N GLN A 48 26.30 18.86 -4.21
CA GLN A 48 27.65 18.38 -4.41
C GLN A 48 27.68 17.03 -5.14
N GLY A 49 28.40 16.99 -6.26
CA GLY A 49 28.45 15.81 -7.11
C GLY A 49 27.49 15.90 -8.28
N LYS A 50 26.36 16.59 -8.05
CA LYS A 50 25.35 16.82 -9.09
C LYS A 50 25.67 18.07 -9.89
N ARG A 51 24.98 18.24 -11.02
CA ARG A 51 25.02 19.47 -11.78
C ARG A 51 23.61 20.07 -11.69
N PRO A 52 23.42 21.03 -10.78
CA PRO A 52 22.11 21.59 -10.49
C PRO A 52 21.69 22.66 -11.48
N THR A 53 20.40 22.97 -11.49
CA THR A 53 19.85 24.06 -12.27
C THR A 53 18.82 24.75 -11.40
N ASP A 54 19.22 25.86 -10.79
CA ASP A 54 18.27 26.68 -10.05
C ASP A 54 17.52 27.56 -11.04
N LEU A 55 16.27 27.19 -11.29
CA LEU A 55 15.44 27.87 -12.28
C LEU A 55 15.00 29.29 -11.89
N GLY A 56 15.38 29.74 -10.69
CA GLY A 56 15.06 31.10 -10.21
C GLY A 56 13.67 31.59 -10.59
N GLN A 57 13.61 32.61 -11.43
CA GLN A 57 12.34 33.23 -11.81
C GLN A 57 11.66 32.60 -13.02
N CYS A 58 12.35 31.65 -13.67
CA CYS A 58 11.82 30.93 -14.82
C CYS A 58 11.04 29.71 -14.38
N GLY A 59 9.76 29.67 -14.72
CA GLY A 59 8.94 28.49 -14.49
C GLY A 59 9.43 27.35 -15.37
N LEU A 60 9.32 26.12 -14.86
CA LEU A 60 9.84 24.95 -15.57
C LEU A 60 9.36 24.89 -17.01
N LEU A 61 8.05 25.06 -17.19
CA LEU A 61 7.45 24.98 -18.52
C LEU A 61 7.85 26.15 -19.43
N GLY A 62 8.34 27.24 -18.83
CA GLY A 62 8.83 28.37 -19.61
C GLY A 62 9.87 27.92 -20.60
N THR A 63 10.75 27.04 -20.15
CA THR A 63 11.89 26.54 -20.94
C THR A 63 11.52 26.02 -22.33
N LEU A 64 10.24 25.71 -22.54
CA LEU A 64 9.79 25.10 -23.80
C LEU A 64 9.28 26.12 -24.81
N ILE A 65 8.66 27.19 -24.31
CA ILE A 65 8.06 28.19 -25.18
C ILE A 65 8.88 29.47 -25.23
N GLY A 66 9.51 29.81 -24.11
CA GLY A 66 10.53 30.87 -24.06
C GLY A 66 10.08 32.28 -23.79
N PRO A 67 9.41 32.51 -22.65
CA PRO A 67 9.15 33.88 -22.21
C PRO A 67 10.45 34.52 -21.71
N PRO A 68 10.53 35.87 -21.67
CA PRO A 68 11.81 36.55 -21.36
C PRO A 68 12.54 36.04 -20.11
N GLN A 69 11.79 35.61 -19.09
CA GLN A 69 12.39 35.16 -17.84
C GLN A 69 13.17 33.85 -18.02
N CYS A 70 12.97 33.20 -19.17
CA CYS A 70 13.60 31.92 -19.44
C CYS A 70 14.65 31.96 -20.55
N ASP A 71 14.98 33.16 -21.02
CA ASP A 71 15.96 33.34 -22.08
C ASP A 71 17.23 32.51 -21.82
N GLN A 72 17.65 32.47 -20.56
CA GLN A 72 18.88 31.79 -20.19
C GLN A 72 18.71 30.32 -19.79
N PHE A 73 17.56 29.74 -20.14
CA PHE A 73 17.27 28.34 -19.84
C PHE A 73 16.58 27.62 -20.98
N LEU A 74 16.65 28.18 -22.19
CA LEU A 74 15.96 27.58 -23.33
C LEU A 74 16.58 26.23 -23.68
N GLU A 75 17.87 26.10 -23.39
CA GLU A 75 18.57 24.83 -23.51
C GLU A 75 19.38 24.68 -22.26
N PHE A 76 19.33 23.53 -21.63
CA PHE A 76 20.15 23.30 -20.46
C PHE A 76 20.38 21.82 -20.23
N SER A 77 21.31 21.52 -19.34
CA SER A 77 21.67 20.16 -19.01
C SER A 77 21.84 20.06 -17.50
N SER A 78 21.13 19.11 -16.91
CA SER A 78 21.06 19.02 -15.47
C SER A 78 20.58 17.65 -15.03
N ASP A 79 21.16 17.16 -13.95
CA ASP A 79 20.65 15.96 -13.28
C ASP A 79 19.84 16.33 -12.02
N LEU A 80 19.73 17.63 -11.75
CA LEU A 80 18.98 18.12 -10.59
C LEU A 80 18.36 19.49 -10.85
N ILE A 81 17.06 19.51 -11.16
CA ILE A 81 16.35 20.73 -11.47
C ILE A 81 15.61 21.27 -10.25
N ILE A 82 15.85 22.53 -9.90
CA ILE A 82 15.23 23.12 -8.70
C ILE A 82 14.24 24.23 -9.05
N GLU A 83 12.95 23.90 -8.98
CA GLU A 83 11.87 24.88 -9.18
C GLU A 83 11.66 25.78 -7.95
N ARG A 84 11.54 27.08 -8.19
CA ARG A 84 11.19 28.05 -7.15
C ARG A 84 9.73 28.47 -7.27
N ARG A 85 9.16 28.94 -6.16
CA ARG A 85 7.76 29.36 -6.11
C ARG A 85 7.47 30.57 -7.00
N GLU A 86 8.49 31.39 -7.22
CA GLU A 86 8.36 32.66 -7.96
C GLU A 86 8.55 32.51 -9.47
N GLY A 87 8.72 31.28 -9.94
CA GLY A 87 8.82 30.99 -11.35
C GLY A 87 7.48 31.11 -12.04
N THR A 88 7.50 31.51 -13.31
CA THR A 88 6.30 31.68 -14.15
C THR A 88 6.60 31.14 -15.55
N ASP A 89 5.65 30.41 -16.14
CA ASP A 89 5.82 29.79 -17.47
C ASP A 89 5.40 30.74 -18.60
N ILE A 90 4.63 31.77 -18.26
CA ILE A 90 4.02 32.63 -19.26
C ILE A 90 4.48 34.10 -19.21
N CYS A 91 4.16 34.83 -20.28
CA CYS A 91 4.40 36.26 -20.34
C CYS A 91 3.07 36.93 -20.67
N TYR A 92 2.11 36.13 -21.11
CA TYR A 92 0.86 36.61 -21.70
C TYR A 92 -0.18 35.58 -21.32
N PRO A 93 -1.37 36.03 -20.87
CA PRO A 93 -2.39 35.16 -20.27
C PRO A 93 -2.56 33.79 -20.95
N GLY A 94 -2.82 32.76 -20.16
CA GLY A 94 -3.09 31.44 -20.71
C GLY A 94 -2.38 30.31 -19.98
N ARG A 95 -2.99 29.13 -20.00
CA ARG A 95 -2.42 27.95 -19.36
C ARG A 95 -1.98 26.91 -20.39
N PHE A 96 -1.11 25.99 -19.95
CA PHE A 96 -0.81 24.76 -20.68
C PHE A 96 -1.93 23.77 -20.41
N THR A 97 -2.23 22.91 -21.37
CA THR A 97 -3.04 21.73 -21.03
C THR A 97 -2.11 20.63 -20.54
N ASN A 98 -2.58 19.89 -19.54
CA ASN A 98 -1.78 18.83 -18.88
C ASN A 98 -0.53 19.34 -18.20
N GLU A 99 -0.54 20.60 -17.79
CA GLU A 99 0.66 21.24 -17.25
C GLU A 99 1.46 20.35 -16.31
N GLU A 100 0.76 19.61 -15.44
CA GLU A 100 1.41 18.78 -14.42
C GLU A 100 2.21 17.58 -14.96
N SER A 101 1.64 16.82 -15.89
CA SER A 101 2.36 15.68 -16.48
C SER A 101 3.55 16.16 -17.33
N LEU A 102 3.41 17.35 -17.92
CA LEU A 102 4.49 17.95 -18.67
C LEU A 102 5.64 18.33 -17.72
N ARG A 103 5.31 18.85 -16.55
CA ARG A 103 6.30 19.08 -15.50
C ARG A 103 6.91 17.75 -15.07
N GLN A 104 6.05 16.77 -14.84
CA GLN A 104 6.48 15.44 -14.41
C GLN A 104 7.49 14.83 -15.40
N ILE A 105 7.28 15.08 -16.69
CA ILE A 105 8.19 14.62 -17.76
C ILE A 105 9.49 15.42 -17.81
N LEU A 106 9.36 16.74 -17.72
CA LEU A 106 10.52 17.61 -17.72
C LEU A 106 11.42 17.43 -16.48
N ARG A 107 10.82 17.10 -15.33
CA ARG A 107 11.58 16.89 -14.09
C ARG A 107 12.50 15.68 -14.11
N ARG A 108 12.37 14.82 -15.13
CA ARG A 108 13.23 13.64 -15.26
C ARG A 108 13.91 13.59 -16.63
N SER A 109 13.91 14.72 -17.34
CA SER A 109 14.45 14.83 -18.69
C SER A 109 15.97 14.79 -18.76
N GLY A 110 16.62 15.26 -17.69
CA GLY A 110 18.06 15.45 -17.69
C GLY A 110 18.48 16.75 -18.37
N GLY A 111 17.50 17.64 -18.58
CA GLY A 111 17.69 18.86 -19.37
C GLY A 111 17.01 18.79 -20.73
N ILE A 112 17.11 19.86 -21.50
CA ILE A 112 16.57 19.91 -22.87
C ILE A 112 17.50 20.60 -23.88
N GLY A 113 17.34 20.22 -25.14
CA GLY A 113 18.07 20.81 -26.25
C GLY A 113 17.10 21.11 -27.37
N LYS A 114 17.21 22.31 -27.94
CA LYS A 114 16.30 22.75 -28.99
C LYS A 114 16.85 22.48 -30.37
N GLU A 115 15.95 22.19 -31.32
CA GLU A 115 16.30 22.04 -32.73
C GLU A 115 15.26 22.71 -33.60
N SER A 116 15.69 23.29 -34.70
CA SER A 116 14.79 23.95 -35.65
C SER A 116 13.93 22.93 -36.41
N MET A 117 12.65 23.26 -36.54
CA MET A 117 11.72 22.47 -37.36
C MET A 117 11.80 22.89 -38.83
N GLY A 118 12.28 24.10 -39.06
CA GLY A 118 12.52 24.61 -40.40
C GLY A 118 11.24 24.91 -41.16
N PHE A 119 10.28 25.52 -40.47
CA PHE A 119 9.09 25.99 -41.13
C PHE A 119 9.35 27.32 -41.82
N THR A 120 9.24 27.32 -43.15
CA THR A 120 9.28 28.55 -43.94
C THR A 120 7.86 28.92 -44.34
N TYR A 121 7.50 30.18 -44.17
CA TYR A 121 6.11 30.61 -44.36
C TYR A 121 5.92 31.53 -45.55
N SER A 122 4.93 31.19 -46.36
CA SER A 122 4.66 31.97 -47.57
C SER A 122 3.26 32.60 -47.55
N GLY A 123 3.24 33.91 -47.80
CA GLY A 123 2.00 34.65 -47.95
C GLY A 123 1.25 34.93 -46.66
N ILE A 124 1.97 34.96 -45.55
CA ILE A 124 1.42 35.37 -44.25
C ILE A 124 2.38 36.25 -43.46
N ARG A 125 1.88 36.88 -42.41
CA ARG A 125 2.72 37.61 -41.47
C ARG A 125 3.16 36.71 -40.34
N THR A 126 4.46 36.73 -40.06
CA THR A 126 5.11 35.83 -39.12
C THR A 126 5.41 36.56 -37.80
N ASN A 127 5.64 37.86 -37.90
CA ASN A 127 6.19 38.66 -36.80
C ASN A 127 5.19 39.24 -35.79
N GLY A 128 4.14 38.49 -35.48
CA GLY A 128 3.18 38.91 -34.47
C GLY A 128 3.88 39.10 -33.15
N ALA A 129 3.54 40.18 -32.43
CA ALA A 129 4.23 40.54 -31.19
C ALA A 129 3.28 40.94 -30.07
N THR A 130 3.71 40.76 -28.84
CA THR A 130 3.02 41.32 -27.66
C THR A 130 4.00 42.12 -26.80
N SER A 131 3.51 43.18 -26.17
CA SER A 131 4.36 44.03 -25.33
C SER A 131 4.67 43.41 -23.97
N ALA A 132 3.96 42.34 -23.65
CA ALA A 132 4.19 41.59 -22.42
C ALA A 132 5.47 40.76 -22.54
N CYS A 133 5.80 40.38 -23.78
CA CYS A 133 6.90 39.49 -24.08
C CYS A 133 8.14 40.18 -24.64
N THR A 134 8.00 41.47 -25.01
CA THR A 134 9.07 42.20 -25.71
C THR A 134 10.37 42.31 -24.91
N ARG A 135 11.48 42.19 -25.62
CA ARG A 135 12.80 42.15 -25.02
C ARG A 135 13.89 42.35 -26.08
N SER A 136 15.13 42.38 -25.60
CA SER A 136 16.33 42.45 -26.41
C SER A 136 16.28 41.52 -27.63
N GLY A 137 15.93 40.25 -27.40
CA GLY A 137 15.91 39.20 -28.43
C GLY A 137 14.81 39.32 -29.49
N SER A 138 13.57 39.01 -29.11
CA SER A 138 12.43 39.14 -30.01
C SER A 138 11.17 39.51 -29.25
N SER A 139 10.14 39.95 -29.97
CA SER A 139 8.97 40.54 -29.35
C SER A 139 7.84 39.56 -28.95
N PHE A 140 8.15 38.28 -28.95
CA PHE A 140 7.18 37.23 -28.61
C PHE A 140 7.93 36.08 -27.94
N TYR A 141 7.27 34.94 -27.70
CA TYR A 141 7.94 33.76 -27.17
C TYR A 141 9.08 33.35 -28.09
N ALA A 142 10.24 33.07 -27.51
CA ALA A 142 11.47 32.81 -28.26
C ALA A 142 11.36 31.64 -29.21
N GLU A 143 10.61 30.61 -28.81
CA GLU A 143 10.54 29.35 -29.55
C GLU A 143 9.31 29.27 -30.46
N MET A 144 8.54 30.36 -30.49
CA MET A 144 7.23 30.38 -31.14
C MET A 144 7.16 31.45 -32.22
N LYS A 145 6.19 31.30 -33.11
CA LYS A 145 5.90 32.34 -34.10
C LYS A 145 4.39 32.58 -34.15
N TRP A 146 4.00 33.83 -33.90
CA TRP A 146 2.60 34.26 -33.94
C TRP A 146 2.21 34.60 -35.37
N LEU A 147 1.43 33.72 -35.99
CA LEU A 147 1.10 33.87 -37.40
C LEU A 147 -0.23 34.60 -37.63
N LEU A 148 -0.22 35.60 -38.51
CA LEU A 148 -1.45 36.32 -38.87
C LEU A 148 -1.56 36.70 -40.35
N SER A 149 -2.60 37.46 -40.69
CA SER A 149 -2.84 37.90 -42.07
C SER A 149 -1.89 39.00 -42.50
N ASN A 150 -1.66 39.11 -43.81
CA ASN A 150 -0.81 40.16 -44.35
C ASN A 150 -1.29 41.57 -44.04
N SER A 151 -2.61 41.74 -43.94
CA SER A 151 -3.20 43.00 -43.48
C SER A 151 -4.37 42.76 -42.54
N ASP A 152 -4.90 43.83 -41.96
CA ASP A 152 -6.06 43.77 -41.09
C ASP A 152 -7.25 43.21 -41.86
N ASN A 153 -8.02 42.34 -41.19
CA ASN A 153 -9.27 41.78 -41.72
C ASN A 153 -9.11 40.88 -42.95
N ALA A 154 -7.89 40.83 -43.51
CA ALA A 154 -7.56 39.97 -44.65
C ALA A 154 -7.76 38.48 -44.34
N ALA A 155 -8.14 37.71 -45.36
CA ALA A 155 -8.38 36.27 -45.18
C ALA A 155 -7.07 35.50 -45.09
N PHE A 156 -7.03 34.61 -44.09
CA PHE A 156 -5.86 33.79 -43.77
C PHE A 156 -6.08 32.46 -44.48
N PRO A 157 -5.07 32.00 -45.26
CA PRO A 157 -5.24 30.82 -46.11
C PRO A 157 -5.24 29.52 -45.33
N GLN A 158 -5.96 28.52 -45.83
CA GLN A 158 -5.90 27.18 -45.28
C GLN A 158 -4.52 26.59 -45.55
N MET A 159 -3.84 26.15 -44.49
CA MET A 159 -2.40 25.87 -44.52
C MET A 159 -2.04 24.56 -43.84
N THR A 160 -1.08 23.84 -44.41
CA THR A 160 -0.61 22.58 -43.86
C THR A 160 0.90 22.58 -43.69
N LYS A 161 1.36 22.35 -42.46
CA LYS A 161 2.79 22.23 -42.16
C LYS A 161 3.04 20.91 -41.45
N ALA A 162 4.13 20.23 -41.83
CA ALA A 162 4.46 18.92 -41.30
C ALA A 162 5.90 18.88 -40.83
N TYR A 163 6.16 18.10 -39.79
CA TYR A 163 7.51 17.94 -39.28
C TYR A 163 7.86 16.48 -38.95
N ARG A 164 8.86 15.94 -39.64
CA ARG A 164 9.33 14.58 -39.34
C ARG A 164 10.53 14.63 -38.41
N ASN A 165 10.41 13.92 -37.29
CA ASN A 165 11.47 13.80 -36.31
C ASN A 165 12.61 12.98 -36.87
N PRO A 166 13.77 13.62 -37.13
CA PRO A 166 14.87 12.92 -37.79
C PRO A 166 15.81 12.23 -36.81
N ARG A 167 15.36 12.04 -35.57
CA ARG A 167 16.29 11.69 -34.51
C ARG A 167 16.22 10.31 -33.89
N ASN A 168 17.08 10.15 -32.90
CA ASN A 168 17.27 8.97 -32.07
C ASN A 168 16.20 8.81 -30.97
N LYS A 169 15.64 9.92 -30.50
CA LYS A 169 14.71 9.93 -29.36
C LYS A 169 13.50 10.85 -29.62
N PRO A 170 12.39 10.70 -28.83
CA PRO A 170 11.13 11.39 -29.15
C PRO A 170 11.21 12.90 -28.98
N ALA A 171 10.51 13.63 -29.84
CA ALA A 171 10.52 15.09 -29.82
C ALA A 171 9.36 15.61 -29.01
N LEU A 172 9.55 16.77 -28.38
CA LEU A 172 8.49 17.43 -27.64
C LEU A 172 7.94 18.62 -28.43
N ILE A 173 6.73 18.46 -28.97
CA ILE A 173 6.16 19.43 -29.89
C ILE A 173 5.12 20.29 -29.20
N ILE A 174 5.37 21.60 -29.16
CA ILE A 174 4.46 22.54 -28.55
C ILE A 174 3.83 23.44 -29.62
N TRP A 175 2.52 23.58 -29.57
CA TRP A 175 1.82 24.57 -30.37
C TRP A 175 0.87 25.36 -29.48
N GLY A 176 0.45 26.53 -29.95
CA GLY A 176 -0.47 27.37 -29.20
C GLY A 176 -1.74 27.72 -29.94
N VAL A 177 -2.80 27.96 -29.18
CA VAL A 177 -4.06 28.41 -29.73
C VAL A 177 -4.34 29.80 -29.16
N HIS A 178 -4.56 30.77 -30.07
CA HIS A 178 -4.87 32.13 -29.66
C HIS A 178 -6.38 32.41 -29.54
N HIS A 179 -6.81 32.69 -28.31
CA HIS A 179 -8.13 33.20 -28.07
C HIS A 179 -8.05 34.73 -27.98
N SER A 180 -8.82 35.39 -28.83
CA SER A 180 -8.77 36.84 -28.95
C SER A 180 -9.69 37.53 -27.92
N GLU A 181 -9.57 38.85 -27.82
CA GLU A 181 -10.35 39.66 -26.84
C GLU A 181 -11.83 39.71 -27.19
N SER A 182 -12.12 39.59 -28.48
CA SER A 182 -13.48 39.66 -28.97
C SER A 182 -13.54 39.03 -30.34
N VAL A 183 -14.76 38.81 -30.83
CA VAL A 183 -14.97 38.34 -32.20
C VAL A 183 -14.35 39.33 -33.18
N SER A 184 -14.60 40.62 -32.95
CA SER A 184 -14.04 41.69 -33.79
C SER A 184 -12.52 41.60 -33.89
N GLU A 185 -11.87 41.33 -32.77
CA GLU A 185 -10.41 41.31 -32.69
C GLU A 185 -9.84 40.08 -33.40
N GLN A 186 -10.56 38.96 -33.31
CA GLN A 186 -10.22 37.73 -34.02
C GLN A 186 -10.29 37.98 -35.53
N THR A 187 -11.27 38.77 -35.95
CA THR A 187 -11.43 39.14 -37.36
C THR A 187 -10.28 40.02 -37.84
N LYS A 188 -9.77 40.89 -36.98
CA LYS A 188 -8.74 41.85 -37.35
C LYS A 188 -7.39 41.17 -37.59
N LEU A 189 -7.16 40.04 -36.92
CA LEU A 189 -5.87 39.35 -37.03
C LEU A 189 -5.86 38.22 -38.06
N TYR A 190 -7.00 37.54 -38.19
CA TYR A 190 -7.08 36.33 -39.03
C TYR A 190 -8.20 36.36 -40.09
N GLY A 191 -9.07 37.37 -40.02
CA GLY A 191 -10.20 37.49 -40.93
C GLY A 191 -11.48 36.90 -40.35
N SER A 192 -12.59 37.08 -41.06
CA SER A 192 -13.85 36.52 -40.64
C SER A 192 -13.89 35.01 -40.88
N GLY A 193 -14.99 34.37 -40.49
CA GLY A 193 -15.17 32.93 -40.68
C GLY A 193 -14.79 32.11 -39.45
N ASN A 194 -15.42 30.95 -39.31
CA ASN A 194 -15.10 30.02 -38.23
C ASN A 194 -13.70 29.46 -38.43
N LYS A 195 -12.91 29.45 -37.36
CA LYS A 195 -11.52 28.99 -37.44
C LYS A 195 -11.30 27.64 -36.75
N LEU A 196 -10.32 26.88 -37.26
CA LEU A 196 -10.02 25.55 -36.74
C LEU A 196 -8.54 25.19 -36.84
N ILE A 197 -8.04 24.52 -35.81
CA ILE A 197 -6.69 23.98 -35.78
C ILE A 197 -6.77 22.47 -35.53
N THR A 198 -6.14 21.70 -36.40
CA THR A 198 -6.06 20.25 -36.25
C THR A 198 -4.58 19.86 -36.19
N VAL A 199 -4.23 18.99 -35.26
CA VAL A 199 -2.85 18.49 -35.13
C VAL A 199 -2.87 16.97 -35.17
N ARG A 200 -2.07 16.39 -36.06
CA ARG A 200 -2.09 14.93 -36.27
C ARG A 200 -0.73 14.28 -36.47
N SER A 201 -0.39 13.39 -35.55
CA SER A 201 0.66 12.39 -35.76
C SER A 201 0.00 11.02 -35.95
N SER A 202 0.76 9.94 -35.78
CA SER A 202 0.20 8.59 -35.88
C SER A 202 -0.29 8.08 -34.53
N LYS A 203 -0.03 8.86 -33.49
CA LYS A 203 -0.52 8.56 -32.14
C LYS A 203 -1.68 9.49 -31.77
N TYR A 204 -1.59 10.73 -32.26
CA TYR A 204 -2.34 11.86 -31.73
C TYR A 204 -3.21 12.49 -32.81
N GLN A 205 -4.36 13.00 -32.38
CA GLN A 205 -5.40 13.52 -33.27
C GLN A 205 -6.31 14.41 -32.42
N GLN A 206 -6.24 15.73 -32.63
CA GLN A 206 -7.01 16.69 -31.84
C GLN A 206 -7.41 17.96 -32.60
N SER A 207 -8.67 18.37 -32.44
CA SER A 207 -9.21 19.58 -33.06
C SER A 207 -9.38 20.73 -32.06
N PHE A 208 -9.04 21.94 -32.49
CA PHE A 208 -9.11 23.11 -31.62
C PHE A 208 -9.88 24.25 -32.29
N THR A 209 -10.85 24.84 -31.61
CA THR A 209 -11.44 26.09 -32.07
C THR A 209 -11.12 27.19 -31.08
N PRO A 210 -10.70 28.37 -31.59
CA PRO A 210 -10.60 29.57 -30.76
C PRO A 210 -11.92 29.92 -30.06
N ASN A 211 -11.80 30.38 -28.82
CA ASN A 211 -12.94 30.80 -28.04
C ASN A 211 -12.74 32.26 -27.63
N PRO A 212 -13.08 33.21 -28.52
CA PRO A 212 -12.79 34.62 -28.26
C PRO A 212 -13.65 35.20 -27.14
N GLY A 213 -13.10 36.15 -26.39
CA GLY A 213 -13.82 36.77 -25.27
C GLY A 213 -12.90 37.39 -24.23
N ALA A 214 -11.90 36.63 -23.80
CA ALA A 214 -10.87 37.15 -22.91
C ALA A 214 -9.49 36.74 -23.42
N ARG A 215 -8.77 37.73 -23.94
CA ARG A 215 -7.38 37.60 -24.38
C ARG A 215 -6.60 36.50 -23.65
N ARG A 216 -6.19 35.46 -24.39
CA ARG A 216 -5.36 34.35 -23.84
C ARG A 216 -4.74 33.44 -24.90
N ILE A 217 -3.59 32.85 -24.56
CA ILE A 217 -2.96 31.86 -25.42
C ILE A 217 -2.78 30.55 -24.67
N ASP A 218 -3.56 29.55 -25.05
CA ASP A 218 -3.45 28.25 -24.43
C ASP A 218 -2.56 27.34 -25.27
N PHE A 219 -1.59 26.70 -24.62
CA PHE A 219 -0.62 25.85 -25.30
C PHE A 219 -0.97 24.38 -25.18
N HIS A 220 -0.55 23.60 -26.16
CA HIS A 220 -0.82 22.18 -26.17
C HIS A 220 0.46 21.45 -26.56
N TRP A 221 0.47 20.12 -26.41
CA TRP A 221 1.71 19.36 -26.64
C TRP A 221 1.50 17.85 -26.86
N LEU A 222 2.48 17.23 -27.51
CA LEU A 222 2.51 15.78 -27.74
C LEU A 222 3.96 15.30 -27.80
N LEU A 223 4.15 13.97 -27.80
CA LEU A 223 5.47 13.38 -27.98
C LEU A 223 5.54 12.62 -29.30
N LEU A 224 6.26 13.19 -30.25
CA LEU A 224 6.40 12.63 -31.57
C LEU A 224 7.42 11.50 -31.57
N ASP A 225 6.98 10.32 -32.01
CA ASP A 225 7.88 9.18 -32.20
C ASP A 225 9.02 9.49 -33.16
N PRO A 226 10.23 8.95 -32.90
CA PRO A 226 11.31 9.08 -33.87
C PRO A 226 10.91 8.47 -35.22
N ASN A 227 11.12 9.23 -36.28
CA ASN A 227 10.78 8.80 -37.66
C ASN A 227 9.34 9.16 -38.07
N ASP A 228 8.51 9.46 -37.08
CA ASP A 228 7.12 9.83 -37.30
C ASP A 228 6.99 11.31 -37.61
N THR A 229 5.93 11.67 -38.35
CA THR A 229 5.64 13.05 -38.73
C THR A 229 4.45 13.58 -37.93
N VAL A 230 4.49 14.87 -37.61
CA VAL A 230 3.34 15.61 -37.08
C VAL A 230 2.80 16.48 -38.21
N THR A 231 1.51 16.84 -38.14
CA THR A 231 0.88 17.67 -39.16
C THR A 231 -0.02 18.74 -38.55
N PHE A 232 0.25 19.98 -38.93
CA PHE A 232 -0.54 21.12 -38.53
C PHE A 232 -1.38 21.62 -39.68
N THR A 233 -2.70 21.58 -39.54
CA THR A 233 -3.59 22.25 -40.47
C THR A 233 -4.33 23.31 -39.70
N PHE A 234 -4.42 24.49 -40.30
CA PHE A 234 -4.91 25.69 -39.60
C PHE A 234 -5.28 26.84 -40.55
N ASN A 235 -6.29 27.60 -40.15
CA ASN A 235 -6.73 28.73 -40.95
C ASN A 235 -6.71 30.00 -40.15
N GLY A 236 -5.98 29.97 -39.02
CA GLY A 236 -5.78 31.15 -38.17
C GLY A 236 -5.62 30.81 -36.70
N ALA A 237 -5.51 31.86 -35.88
CA ALA A 237 -5.36 31.71 -34.43
C ALA A 237 -4.34 30.66 -34.04
N PHE A 238 -3.35 30.44 -34.89
CA PHE A 238 -2.39 29.38 -34.62
C PHE A 238 -1.04 29.92 -34.20
N ILE A 239 -0.56 29.48 -33.03
CA ILE A 239 0.78 29.79 -32.58
C ILE A 239 1.69 28.62 -32.92
N ALA A 240 2.60 28.87 -33.86
CA ALA A 240 3.39 27.80 -34.47
C ALA A 240 4.73 27.67 -33.78
N PRO A 241 5.18 26.42 -33.59
CA PRO A 241 6.49 26.19 -33.02
C PRO A 241 7.58 26.54 -34.03
N ASP A 242 8.64 27.18 -33.57
CA ASP A 242 9.80 27.37 -34.40
C ASP A 242 10.77 26.23 -34.12
N ARG A 243 11.05 26.01 -32.84
CA ARG A 243 11.95 24.94 -32.42
C ARG A 243 11.20 23.84 -31.66
N THR A 244 11.89 22.74 -31.41
CA THR A 244 11.35 21.60 -30.66
C THR A 244 12.42 21.06 -29.72
N SER A 245 11.99 20.54 -28.56
CA SER A 245 12.94 20.10 -27.53
C SER A 245 13.26 18.60 -27.59
N PHE A 246 14.48 18.25 -27.19
CA PHE A 246 14.87 16.86 -27.05
C PHE A 246 15.48 16.64 -25.69
N PHE A 247 14.99 15.62 -24.97
CA PHE A 247 15.47 15.35 -23.61
C PHE A 247 16.85 14.71 -23.59
N ARG A 248 17.64 15.02 -22.57
CA ARG A 248 19.02 14.59 -22.52
C ARG A 248 19.20 13.24 -21.83
N GLY A 249 19.16 13.23 -20.50
CA GLY A 249 19.40 12.00 -19.75
C GLY A 249 18.38 11.79 -18.65
N GLU A 250 18.84 11.87 -17.41
CA GLU A 250 18.02 11.57 -16.25
C GLU A 250 18.24 12.62 -15.16
N SER A 251 17.16 13.22 -14.66
CA SER A 251 17.26 14.24 -13.62
C SER A 251 16.26 14.03 -12.48
N LEU A 252 16.49 14.71 -11.36
CA LEU A 252 15.49 14.81 -10.30
C LEU A 252 14.96 16.22 -10.32
N GLY A 253 13.69 16.39 -9.96
CA GLY A 253 13.07 17.71 -9.95
C GLY A 253 12.56 18.04 -8.57
N VAL A 254 13.03 19.15 -8.02
CA VAL A 254 12.66 19.52 -6.67
C VAL A 254 11.92 20.83 -6.68
N GLN A 255 10.89 20.91 -5.85
CA GLN A 255 10.25 22.18 -5.57
C GLN A 255 10.70 22.63 -4.18
N SER A 256 11.39 23.76 -4.10
CA SER A 256 11.97 24.19 -2.83
C SER A 256 12.24 25.66 -2.75
N ASP A 257 12.27 26.16 -1.52
CA ASP A 257 12.63 27.55 -1.26
C ASP A 257 13.95 27.65 -0.47
N ALA A 258 14.64 26.52 -0.36
CA ALA A 258 15.92 26.44 0.31
C ALA A 258 17.05 26.70 -0.68
N PRO A 259 18.13 27.37 -0.22
CA PRO A 259 19.28 27.67 -1.09
C PRO A 259 20.09 26.42 -1.39
N LEU A 260 20.74 26.38 -2.54
CA LEU A 260 21.63 25.27 -2.85
C LEU A 260 22.91 25.36 -2.02
N ASP A 261 23.55 24.22 -1.79
CA ASP A 261 24.84 24.17 -1.14
C ASP A 261 25.69 23.12 -1.82
N SER A 262 26.77 23.55 -2.46
CA SER A 262 27.63 22.67 -3.24
C SER A 262 28.77 22.07 -2.40
N SER A 263 28.46 21.71 -1.16
CA SER A 263 29.41 21.06 -0.26
C SER A 263 28.74 20.11 0.73
N CYS A 264 27.71 19.42 0.25
CA CYS A 264 27.09 18.32 0.99
C CYS A 264 26.42 17.38 -0.02
N ARG A 265 26.69 16.08 0.11
CA ARG A 265 26.17 15.09 -0.84
C ARG A 265 24.72 14.78 -0.50
N GLY A 266 23.84 14.95 -1.49
CA GLY A 266 22.41 14.72 -1.27
C GLY A 266 21.84 13.70 -2.22
N ASP A 267 20.88 12.92 -1.74
CA ASP A 267 20.23 11.90 -2.55
C ASP A 267 18.72 11.98 -2.39
N CYS A 268 18.28 12.58 -1.29
CA CYS A 268 16.88 12.69 -0.95
C CYS A 268 16.53 14.15 -0.75
N PHE A 269 15.49 14.60 -1.44
CA PHE A 269 15.13 16.02 -1.45
C PHE A 269 13.66 16.26 -1.17
N HIS A 270 13.36 17.45 -0.65
CA HIS A 270 11.98 17.83 -0.37
C HIS A 270 11.87 19.33 -0.29
N SER A 271 10.63 19.82 -0.18
CA SER A 271 10.36 21.25 -0.21
C SER A 271 11.21 22.08 0.75
N GLY A 272 11.80 21.45 1.76
CA GLY A 272 12.49 22.17 2.83
C GLY A 272 13.97 21.87 2.94
N GLY A 273 14.55 21.32 1.89
CA GLY A 273 15.96 21.01 1.88
C GLY A 273 16.26 19.55 1.58
N THR A 274 17.23 19.01 2.30
CA THR A 274 17.78 17.68 2.02
C THR A 274 17.80 16.79 3.26
N ILE A 275 17.43 15.52 3.06
CA ILE A 275 17.55 14.47 4.06
C ILE A 275 18.79 13.63 3.74
N VAL A 276 19.77 13.63 4.67
CA VAL A 276 20.95 12.78 4.54
C VAL A 276 20.94 11.78 5.66
N SER A 277 20.79 10.50 5.30
CA SER A 277 20.55 9.48 6.30
C SER A 277 20.61 8.09 5.70
N SER A 278 21.35 7.20 6.36
CA SER A 278 21.26 5.77 6.02
C SER A 278 20.18 5.09 6.87
N LEU A 279 19.29 5.90 7.45
CA LEU A 279 18.20 5.36 8.26
C LEU A 279 17.07 4.87 7.38
N PRO A 280 16.43 3.74 7.76
CA PRO A 280 15.33 3.17 7.00
C PRO A 280 14.12 4.09 6.94
N PHE A 281 13.94 4.90 7.98
CA PHE A 281 12.75 5.75 8.10
C PHE A 281 13.08 7.23 8.37
N GLN A 282 12.12 8.09 8.06
CA GLN A 282 12.27 9.54 8.26
C GLN A 282 10.95 10.13 8.68
N ASN A 283 10.98 11.14 9.54
CA ASN A 283 9.76 11.81 9.98
C ASN A 283 9.71 13.25 9.49
N ILE A 284 10.62 13.59 8.59
CA ILE A 284 10.76 14.96 8.15
C ILE A 284 9.59 15.39 7.27
N ASN A 285 9.43 14.77 6.10
CA ASN A 285 8.48 15.24 5.11
C ASN A 285 7.95 14.10 4.23
N SER A 286 6.63 14.02 4.06
CA SER A 286 6.00 12.93 3.30
C SER A 286 6.11 13.06 1.78
N ARG A 287 6.36 14.27 1.29
CA ARG A 287 6.53 14.51 -0.14
C ARG A 287 8.00 14.74 -0.44
N THR A 288 8.67 13.69 -0.95
CA THR A 288 10.11 13.76 -1.24
C THR A 288 10.44 13.25 -2.65
N VAL A 289 11.69 13.41 -3.06
CA VAL A 289 12.12 13.04 -4.39
C VAL A 289 13.57 12.56 -4.33
N GLY A 290 13.82 11.39 -4.90
CA GLY A 290 15.16 10.81 -4.92
C GLY A 290 15.19 9.48 -4.18
N LYS A 291 16.39 9.08 -3.76
CA LYS A 291 16.55 7.90 -2.91
C LYS A 291 16.39 8.29 -1.44
N CYS A 292 15.21 8.01 -0.91
CA CYS A 292 14.78 8.52 0.39
C CYS A 292 14.43 7.41 1.35
N PRO A 293 14.66 7.65 2.66
CA PRO A 293 14.04 6.79 3.68
C PRO A 293 12.51 6.89 3.56
N ARG A 294 11.82 5.79 3.84
CA ARG A 294 10.35 5.81 3.85
C ARG A 294 9.81 6.78 4.90
N TYR A 295 8.76 7.51 4.57
CA TYR A 295 8.15 8.42 5.53
C TYR A 295 7.26 7.67 6.52
N VAL A 296 7.54 7.85 7.81
CA VAL A 296 6.70 7.29 8.87
C VAL A 296 6.16 8.41 9.74
N LYS A 297 5.04 8.17 10.41
CA LYS A 297 4.40 9.19 11.23
C LYS A 297 4.88 9.22 12.68
N GLN A 298 5.81 8.34 13.03
CA GLN A 298 6.38 8.30 14.38
C GLN A 298 7.61 9.16 14.46
N LYS A 299 7.82 9.85 15.59
CA LYS A 299 9.01 10.67 15.79
C LYS A 299 10.28 9.84 15.96
N SER A 300 10.18 8.76 16.73
CA SER A 300 11.34 8.02 17.16
C SER A 300 10.99 6.54 17.25
N LEU A 301 11.83 5.70 16.64
CA LEU A 301 11.75 4.24 16.85
C LEU A 301 13.10 3.69 17.24
N LEU A 302 13.29 3.47 18.53
CA LEU A 302 14.58 3.04 19.03
C LEU A 302 14.75 1.54 18.86
N LEU A 303 15.91 1.17 18.36
CA LEU A 303 16.26 -0.22 18.06
C LEU A 303 17.42 -0.66 18.95
N ALA A 304 17.20 -1.71 19.74
CA ALA A 304 18.18 -2.16 20.74
C ALA A 304 19.48 -2.67 20.11
N THR A 305 20.57 -1.97 20.39
CA THR A 305 21.91 -2.43 19.99
C THR A 305 22.59 -3.14 21.15
N GLY A 306 21.85 -3.38 22.22
CA GLY A 306 22.39 -4.02 23.41
C GLY A 306 21.40 -4.88 24.14
N MET A 307 21.81 -5.37 25.30
CA MET A 307 20.96 -6.24 26.12
C MET A 307 20.11 -5.47 27.12
N ARG A 308 19.23 -6.22 27.77
CA ARG A 308 18.38 -5.76 28.85
C ARG A 308 19.25 -5.18 29.97
N ASN A 309 19.12 -3.89 30.23
CA ASN A 309 19.88 -3.26 31.29
C ASN A 309 19.27 -3.56 32.64
N VAL A 310 20.06 -4.16 33.53
CA VAL A 310 19.64 -4.37 34.92
C VAL A 310 20.68 -3.71 35.84
N PRO A 311 20.37 -2.51 36.35
CA PRO A 311 21.25 -1.81 37.30
C PRO A 311 21.57 -2.66 38.55
N GLU A 312 22.66 -2.31 39.24
CA GLU A 312 23.15 -3.11 40.38
C GLU A 312 22.29 -3.02 41.65
N GLY B 1 13.75 -11.96 28.16
CA GLY B 1 13.78 -12.87 29.35
C GLY B 1 13.20 -14.26 29.12
N LEU B 2 13.32 -14.78 27.90
CA LEU B 2 12.89 -16.14 27.58
C LEU B 2 13.78 -17.19 28.22
N PHE B 3 15.08 -16.95 28.21
CA PHE B 3 16.08 -17.91 28.68
C PHE B 3 16.33 -17.85 30.19
N GLY B 4 15.62 -16.94 30.86
CA GLY B 4 15.60 -16.87 32.32
C GLY B 4 16.92 -16.60 33.01
N ALA B 5 17.94 -16.21 32.27
CA ALA B 5 19.22 -15.86 32.89
C ALA B 5 19.24 -14.38 33.27
N ILE B 6 19.21 -13.51 32.28
CA ILE B 6 19.15 -12.06 32.49
C ILE B 6 17.74 -11.67 32.94
N ALA B 7 17.67 -10.91 34.05
CA ALA B 7 16.42 -10.56 34.73
C ALA B 7 15.63 -11.80 35.22
N GLY B 8 16.34 -12.91 35.36
CA GLY B 8 15.81 -14.15 35.91
C GLY B 8 16.71 -14.54 37.07
N PHE B 9 17.42 -15.65 36.93
CA PHE B 9 18.23 -16.15 38.04
C PHE B 9 19.46 -15.33 38.36
N ILE B 10 20.07 -14.71 37.35
CA ILE B 10 21.15 -13.75 37.60
C ILE B 10 20.54 -12.47 38.13
N GLU B 11 20.70 -12.24 39.44
CA GLU B 11 20.07 -11.13 40.15
C GLU B 11 20.15 -9.83 39.35
N ASN B 12 21.38 -9.42 39.01
CA ASN B 12 21.60 -8.19 38.25
C ASN B 12 22.86 -8.22 37.38
N GLY B 13 23.00 -7.18 36.55
CA GLY B 13 24.23 -6.95 35.79
C GLY B 13 25.28 -6.21 36.59
N TRP B 14 26.53 -6.28 36.14
CA TRP B 14 27.64 -5.62 36.81
C TRP B 14 28.01 -4.30 36.13
N GLU B 15 27.80 -3.19 36.84
CA GLU B 15 28.08 -1.84 36.32
C GLU B 15 29.56 -1.62 36.01
N GLY B 16 30.42 -2.41 36.65
CA GLY B 16 31.86 -2.33 36.42
C GLY B 16 32.46 -3.47 35.62
N LEU B 17 31.74 -3.96 34.61
CA LEU B 17 32.29 -4.92 33.64
C LEU B 17 32.41 -4.27 32.26
N ILE B 18 33.29 -3.26 32.16
CA ILE B 18 33.47 -2.55 30.89
C ILE B 18 34.43 -3.26 29.92
N ASN B 19 35.16 -4.26 30.40
CA ASN B 19 35.98 -5.10 29.52
C ASN B 19 35.21 -5.87 28.39
N GLY B 20 33.90 -6.04 28.55
CA GLY B 20 33.09 -6.79 27.57
C GLY B 20 31.60 -6.93 27.92
N TRP B 21 30.93 -7.93 27.35
CA TRP B 21 29.47 -8.14 27.51
C TRP B 21 29.11 -9.14 28.60
N TYR B 22 29.55 -10.38 28.46
CA TYR B 22 29.31 -11.41 29.45
C TYR B 22 30.59 -11.80 30.13
N GLY B 23 30.53 -11.95 31.45
CA GLY B 23 31.73 -12.17 32.23
C GLY B 23 31.71 -13.16 33.38
N PHE B 24 32.87 -13.27 34.02
CA PHE B 24 33.11 -14.10 35.18
C PHE B 24 33.53 -13.24 36.36
N ARG B 25 33.30 -13.75 37.56
CA ARG B 25 33.73 -13.08 38.78
C ARG B 25 34.05 -14.16 39.79
N HIS B 26 35.34 -14.38 40.03
CA HIS B 26 35.76 -15.43 40.96
C HIS B 26 35.98 -14.93 42.39
N GLN B 27 35.94 -15.88 43.32
CA GLN B 27 36.18 -15.62 44.72
C GLN B 27 36.97 -16.81 45.26
N ASN B 28 38.28 -16.67 45.31
CA ASN B 28 39.15 -17.73 45.81
C ASN B 28 39.93 -17.28 47.04
N ALA B 29 40.87 -18.11 47.49
CA ALA B 29 41.70 -17.79 48.63
C ALA B 29 42.58 -16.55 48.39
N GLN B 30 42.90 -16.29 47.12
CA GLN B 30 43.76 -15.17 46.72
C GLN B 30 43.03 -13.83 46.56
N GLY B 31 41.74 -13.80 46.86
CA GLY B 31 40.93 -12.59 46.70
C GLY B 31 39.82 -12.72 45.66
N GLU B 32 39.37 -11.58 45.15
CA GLU B 32 38.31 -11.51 44.15
C GLU B 32 38.86 -11.04 42.79
N GLY B 33 38.14 -11.32 41.71
CA GLY B 33 38.57 -10.90 40.38
C GLY B 33 37.52 -11.03 39.30
N THR B 34 37.54 -10.10 38.36
CA THR B 34 36.63 -10.08 37.20
C THR B 34 37.42 -10.16 35.88
N ALA B 35 36.95 -11.02 34.98
CA ALA B 35 37.43 -11.09 33.60
C ALA B 35 36.25 -11.30 32.66
N ALA B 36 36.38 -10.85 31.42
CA ALA B 36 35.29 -10.90 30.43
C ALA B 36 35.44 -12.06 29.45
N ASP B 37 34.37 -12.37 28.71
CA ASP B 37 34.43 -13.47 27.73
C ASP B 37 34.33 -13.03 26.27
N TYR B 38 35.42 -13.25 25.55
CA TYR B 38 35.51 -12.89 24.14
C TYR B 38 34.59 -13.72 23.25
N LYS B 39 34.61 -15.04 23.43
CA LYS B 39 33.85 -15.98 22.60
C LYS B 39 32.37 -15.64 22.51
N SER B 40 31.76 -15.33 23.66
CA SER B 40 30.32 -15.11 23.74
C SER B 40 29.88 -13.65 23.60
N THR B 41 30.75 -12.70 23.94
CA THR B 41 30.52 -11.31 23.59
C THR B 41 30.45 -11.19 22.06
N GLN B 42 31.45 -11.76 21.38
CA GLN B 42 31.56 -11.63 19.93
C GLN B 42 30.44 -12.32 19.18
N SER B 43 29.99 -13.46 19.71
CA SER B 43 28.88 -14.18 19.12
C SER B 43 27.62 -13.34 19.13
N ALA B 44 27.40 -12.60 20.20
CA ALA B 44 26.24 -11.74 20.32
C ALA B 44 26.38 -10.52 19.43
N ILE B 45 27.50 -9.81 19.55
CA ILE B 45 27.73 -8.60 18.76
C ILE B 45 27.62 -8.85 17.25
N ASP B 46 28.17 -9.95 16.78
CA ASP B 46 28.10 -10.29 15.35
C ASP B 46 26.67 -10.47 14.87
N GLN B 47 25.82 -10.99 15.75
CA GLN B 47 24.41 -11.18 15.47
C GLN B 47 23.61 -9.89 15.65
N ILE B 48 24.23 -8.86 16.22
CA ILE B 48 23.59 -7.56 16.36
C ILE B 48 24.03 -6.61 15.25
N THR B 49 25.32 -6.64 14.93
CA THR B 49 25.83 -6.00 13.73
C THR B 49 25.07 -6.52 12.51
N GLY B 50 24.75 -7.81 12.50
CA GLY B 50 23.98 -8.45 11.44
C GLY B 50 22.64 -7.76 11.20
N LYS B 51 21.93 -7.50 12.30
CA LYS B 51 20.66 -6.75 12.27
C LYS B 51 20.77 -5.32 11.75
N LEU B 52 21.84 -4.62 12.13
CA LEU B 52 22.08 -3.26 11.64
C LEU B 52 22.38 -3.21 10.14
N ASN B 53 23.22 -4.12 9.66
CA ASN B 53 23.45 -4.28 8.22
C ASN B 53 22.14 -4.43 7.46
N ARG B 54 21.18 -5.09 8.10
CA ARG B 54 19.94 -5.46 7.46
C ARG B 54 19.05 -4.24 7.26
N LEU B 55 19.18 -3.26 8.16
CA LEU B 55 18.26 -2.10 8.22
C LEU B 55 18.91 -0.73 7.92
N ILE B 56 20.11 -0.53 8.46
CA ILE B 56 20.91 0.68 8.20
C ILE B 56 21.71 0.52 6.91
N GLY B 57 21.62 1.51 6.04
CA GLY B 57 22.42 1.55 4.82
C GLY B 57 21.86 0.67 3.73
N LYS B 58 20.62 0.23 3.90
CA LYS B 58 19.88 -0.48 2.87
C LYS B 58 19.64 0.50 1.73
N THR B 59 19.61 0.00 0.49
CA THR B 59 19.32 0.86 -0.66
C THR B 59 17.87 1.35 -0.62
N ASN B 60 17.72 2.67 -0.64
CA ASN B 60 16.41 3.30 -0.61
C ASN B 60 15.69 3.15 -1.96
N GLN B 61 14.37 3.34 -1.94
CA GLN B 61 13.55 3.33 -3.15
C GLN B 61 13.55 4.69 -3.86
N GLN B 62 13.46 4.64 -5.19
CA GLN B 62 13.37 5.84 -6.02
C GLN B 62 12.07 6.58 -5.71
N PHE B 63 12.14 7.89 -5.49
CA PHE B 63 10.95 8.71 -5.25
C PHE B 63 10.81 9.85 -6.26
N GLU B 64 9.58 10.08 -6.71
CA GLU B 64 9.26 11.16 -7.64
C GLU B 64 8.04 11.95 -7.19
N LEU B 65 8.01 13.24 -7.47
CA LEU B 65 6.91 14.10 -7.10
C LEU B 65 5.72 13.87 -8.01
N ILE B 66 4.58 13.60 -7.39
CA ILE B 66 3.31 13.40 -8.11
C ILE B 66 2.37 14.60 -7.86
N ASP B 67 2.52 15.23 -6.69
CA ASP B 67 1.79 16.44 -6.32
C ASP B 67 2.41 17.67 -6.96
N ASN B 68 1.79 18.82 -6.72
CA ASN B 68 2.37 20.12 -7.03
C ASN B 68 2.06 21.02 -5.85
N GLU B 69 3.09 21.66 -5.32
CA GLU B 69 2.98 22.39 -4.06
C GLU B 69 2.98 23.90 -4.27
N PHE B 70 3.16 24.30 -5.52
CA PHE B 70 3.13 25.72 -5.89
C PHE B 70 1.79 26.11 -6.56
N ASN B 71 1.51 25.55 -7.72
CA ASN B 71 0.18 25.66 -8.32
C ASN B 71 -0.61 24.38 -8.18
N GLU B 72 -1.60 24.39 -7.28
CA GLU B 72 -2.34 23.20 -6.94
C GLU B 72 -3.04 22.55 -8.13
N ILE B 73 -2.88 21.23 -8.22
CA ILE B 73 -3.50 20.40 -9.26
C ILE B 73 -5.00 20.16 -8.99
N GLU B 74 -5.71 19.72 -10.02
CA GLU B 74 -7.16 19.54 -9.95
C GLU B 74 -7.58 18.77 -8.70
N GLN B 75 -8.64 19.22 -8.05
CA GLN B 75 -9.02 18.73 -6.72
C GLN B 75 -9.20 17.21 -6.63
N GLN B 76 -9.90 16.62 -7.60
CA GLN B 76 -10.28 15.20 -7.52
C GLN B 76 -9.08 14.28 -7.51
N ILE B 77 -8.17 14.49 -8.45
CA ILE B 77 -6.98 13.66 -8.53
C ILE B 77 -6.06 13.94 -7.33
N GLY B 78 -6.15 15.16 -6.79
CA GLY B 78 -5.40 15.56 -5.61
C GLY B 78 -5.77 14.76 -4.38
N ASN B 79 -7.07 14.49 -4.22
CA ASN B 79 -7.58 13.69 -3.11
C ASN B 79 -7.25 12.19 -3.21
N VAL B 80 -7.28 11.66 -4.44
CA VAL B 80 -6.89 10.27 -4.71
C VAL B 80 -5.42 10.09 -4.35
N ILE B 81 -4.57 11.01 -4.84
CA ILE B 81 -3.15 11.03 -4.47
C ILE B 81 -2.96 11.18 -2.97
N ASN B 82 -3.64 12.13 -2.36
CA ASN B 82 -3.54 12.30 -0.92
C ASN B 82 -3.96 11.05 -0.15
N TRP B 83 -5.09 10.47 -0.55
CA TRP B 83 -5.57 9.21 0.01
C TRP B 83 -4.51 8.12 -0.12
N THR B 84 -3.88 8.02 -1.29
CA THR B 84 -2.94 6.95 -1.56
C THR B 84 -1.70 7.11 -0.70
N ARG B 85 -1.20 8.35 -0.64
CA ARG B 85 -0.07 8.71 0.20
C ARG B 85 -0.34 8.37 1.66
N ASP B 86 -1.53 8.70 2.14
CA ASP B 86 -1.86 8.46 3.55
C ASP B 86 -1.99 6.97 3.87
N ALA B 87 -2.37 6.18 2.87
CA ALA B 87 -2.39 4.72 3.03
C ALA B 87 -0.97 4.19 3.19
N MET B 88 -0.07 4.69 2.35
CA MET B 88 1.35 4.33 2.44
C MET B 88 1.86 4.64 3.81
N THR B 89 1.62 5.87 4.28
CA THR B 89 2.05 6.27 5.61
C THR B 89 1.54 5.32 6.67
N GLU B 90 0.27 4.93 6.59
CA GLU B 90 -0.33 3.99 7.55
C GLU B 90 0.38 2.64 7.48
N ILE B 91 0.59 2.15 6.26
CA ILE B 91 1.31 0.90 6.00
C ILE B 91 2.75 0.89 6.55
N TRP B 92 3.54 1.91 6.19
CA TRP B 92 4.92 2.01 6.61
C TRP B 92 5.10 2.32 8.09
N SER B 93 4.16 3.07 8.66
CA SER B 93 4.19 3.34 10.09
C SER B 93 3.84 2.09 10.86
N TYR B 94 3.03 1.23 10.25
CA TYR B 94 2.72 -0.08 10.83
C TYR B 94 3.94 -0.96 10.81
N ASN B 95 4.55 -1.10 9.63
CA ASN B 95 5.70 -1.95 9.44
C ASN B 95 6.84 -1.61 10.35
N ALA B 96 7.15 -0.32 10.43
CA ALA B 96 8.28 0.16 11.22
C ALA B 96 8.06 -0.14 12.69
N GLU B 97 6.89 0.28 13.19
CA GLU B 97 6.41 -0.07 14.53
C GLU B 97 6.76 -1.50 14.88
N LEU B 98 6.25 -2.41 14.04
CA LEU B 98 6.38 -3.85 14.20
C LEU B 98 7.79 -4.41 13.95
N LEU B 99 8.43 -3.98 12.87
CA LEU B 99 9.81 -4.39 12.58
C LEU B 99 10.66 -4.20 13.82
N VAL B 100 10.67 -2.97 14.33
CA VAL B 100 11.49 -2.60 15.47
C VAL B 100 11.09 -3.35 16.72
N ALA B 101 9.80 -3.35 17.04
CA ALA B 101 9.29 -4.05 18.22
C ALA B 101 9.63 -5.54 18.21
N MET B 102 9.81 -6.11 17.02
CA MET B 102 10.12 -7.53 16.89
C MET B 102 11.63 -7.79 16.98
N GLU B 103 12.40 -6.95 16.28
CA GLU B 103 13.85 -6.98 16.35
C GLU B 103 14.32 -6.70 17.76
N ASN B 104 13.55 -5.92 18.51
CA ASN B 104 13.87 -5.64 19.90
C ASN B 104 13.48 -6.80 20.82
N GLN B 105 12.47 -7.55 20.41
CA GLN B 105 12.08 -8.72 21.17
C GLN B 105 13.12 -9.80 20.94
N HIS B 106 13.58 -9.92 19.70
CA HIS B 106 14.61 -10.90 19.37
C HIS B 106 15.99 -10.54 19.94
N THR B 107 16.30 -9.25 19.98
CA THR B 107 17.60 -8.80 20.50
C THR B 107 17.75 -9.19 21.97
N ILE B 108 16.71 -8.90 22.76
CA ILE B 108 16.73 -9.14 24.20
C ILE B 108 16.84 -10.63 24.52
N ASP B 109 16.09 -11.44 23.80
CA ASP B 109 16.09 -12.88 24.00
C ASP B 109 17.34 -13.57 23.45
N LEU B 110 17.88 -13.04 22.35
CA LEU B 110 19.13 -13.52 21.79
C LEU B 110 20.27 -13.26 22.77
N ALA B 111 20.27 -12.10 23.39
CA ALA B 111 21.25 -11.77 24.42
C ALA B 111 21.14 -12.73 25.60
N ASP B 112 19.91 -12.96 26.07
CA ASP B 112 19.63 -13.89 27.18
C ASP B 112 20.16 -15.29 26.88
N SER B 113 19.96 -15.73 25.65
CA SER B 113 20.46 -17.00 25.12
C SER B 113 21.99 -17.18 25.31
N GLU B 114 22.77 -16.18 24.92
CA GLU B 114 24.23 -16.25 25.02
C GLU B 114 24.71 -16.33 26.46
N MET B 115 23.99 -15.68 27.37
CA MET B 115 24.26 -15.81 28.79
C MET B 115 23.96 -17.24 29.25
N SER B 116 22.80 -17.76 28.85
CA SER B 116 22.41 -19.11 29.21
C SER B 116 23.33 -20.17 28.63
N LYS B 117 23.81 -19.95 27.41
CA LYS B 117 24.70 -20.89 26.72
C LYS B 117 26.06 -21.00 27.40
N LEU B 118 26.61 -19.83 27.77
CA LEU B 118 27.89 -19.75 28.43
C LEU B 118 27.78 -20.41 29.79
N TYR B 119 26.69 -20.12 30.49
CA TYR B 119 26.41 -20.71 31.79
C TYR B 119 26.35 -22.24 31.71
N GLU B 120 25.68 -22.75 30.69
CA GLU B 120 25.62 -24.19 30.48
C GLU B 120 26.96 -24.78 30.03
N ARG B 121 27.79 -23.96 29.37
CA ARG B 121 29.13 -24.36 28.98
C ARG B 121 29.98 -24.60 30.21
N VAL B 122 29.90 -23.65 31.15
CA VAL B 122 30.69 -23.73 32.38
C VAL B 122 30.15 -24.83 33.28
N LYS B 123 28.82 -24.98 33.32
CA LYS B 123 28.19 -26.01 34.13
C LYS B 123 28.73 -27.38 33.74
N LYS B 124 28.85 -27.63 32.44
CA LYS B 124 29.31 -28.91 31.92
C LYS B 124 30.81 -29.10 32.13
N GLN B 125 31.57 -28.01 31.96
CA GLN B 125 33.00 -28.05 32.22
C GLN B 125 33.26 -28.67 33.59
N LEU B 126 32.76 -28.01 34.63
CA LEU B 126 33.03 -28.37 36.02
C LEU B 126 32.54 -29.76 36.45
N ARG B 127 31.56 -30.32 35.73
CA ARG B 127 31.07 -31.68 35.99
C ARG B 127 30.58 -31.87 37.43
N GLU B 128 31.16 -32.82 38.15
CA GLU B 128 30.75 -33.13 39.53
C GLU B 128 31.49 -32.26 40.54
N ASN B 129 32.42 -31.44 40.04
CA ASN B 129 33.33 -30.67 40.89
C ASN B 129 32.72 -29.40 41.47
N ALA B 130 31.50 -29.07 41.08
CA ALA B 130 30.83 -27.87 41.60
C ALA B 130 29.30 -27.99 41.62
N GLU B 131 28.65 -27.12 42.39
CA GLU B 131 27.19 -27.07 42.42
C GLU B 131 26.67 -25.68 42.07
N GLU B 132 25.46 -25.65 41.50
CA GLU B 132 24.77 -24.40 41.15
C GLU B 132 24.08 -23.86 42.40
N ASP B 133 24.23 -22.56 42.65
CA ASP B 133 23.64 -21.95 43.84
C ASP B 133 22.30 -21.28 43.55
N GLY B 134 21.95 -21.20 42.27
CA GLY B 134 20.66 -20.64 41.85
C GLY B 134 20.69 -19.16 41.55
N THR B 135 21.84 -18.53 41.74
CA THR B 135 22.01 -17.10 41.50
C THR B 135 22.98 -16.86 40.34
N GLY B 136 23.46 -17.94 39.75
CA GLY B 136 24.39 -17.86 38.62
C GLY B 136 25.82 -18.19 38.97
N CYS B 137 26.05 -18.56 40.23
CA CYS B 137 27.38 -18.92 40.69
C CYS B 137 27.52 -20.41 40.89
N PHE B 138 28.76 -20.87 40.90
CA PHE B 138 29.08 -22.27 41.15
C PHE B 138 29.85 -22.37 42.45
N GLU B 139 29.35 -23.16 43.38
CA GLU B 139 30.09 -23.48 44.59
C GLU B 139 31.07 -24.59 44.24
N ILE B 140 32.35 -24.24 44.13
CA ILE B 140 33.40 -25.17 43.70
C ILE B 140 33.92 -25.99 44.89
N PHE B 141 33.88 -27.32 44.74
CA PHE B 141 34.20 -28.22 45.84
C PHE B 141 35.66 -28.68 45.92
N HIS B 142 36.56 -27.81 45.48
CA HIS B 142 38.00 -28.02 45.61
C HIS B 142 38.73 -26.67 45.56
N LYS B 143 40.00 -26.66 46.00
CA LYS B 143 40.82 -25.45 45.95
C LYS B 143 41.07 -25.06 44.49
N CYS B 144 40.82 -23.79 44.19
CA CYS B 144 40.93 -23.30 42.82
C CYS B 144 41.59 -21.93 42.86
N ASP B 145 42.90 -21.92 42.71
CA ASP B 145 43.69 -20.68 42.76
C ASP B 145 43.55 -19.92 41.45
N ASP B 146 44.38 -18.89 41.24
CA ASP B 146 44.21 -18.03 40.08
C ASP B 146 44.39 -18.75 38.74
N GLN B 147 45.41 -19.60 38.64
CA GLN B 147 45.60 -20.44 37.45
C GLN B 147 44.40 -21.35 37.17
N CYS B 148 43.86 -21.96 38.23
CA CYS B 148 42.71 -22.83 38.11
C CYS B 148 41.51 -22.05 37.61
N MET B 149 41.28 -20.87 38.17
CA MET B 149 40.18 -20.00 37.74
C MET B 149 40.33 -19.61 36.28
N GLU B 150 41.56 -19.29 35.90
CA GLU B 150 41.93 -18.97 34.52
C GLU B 150 41.53 -20.09 33.54
N SER B 151 41.91 -21.32 33.88
CA SER B 151 41.63 -22.49 33.04
C SER B 151 40.14 -22.69 32.73
N ILE B 152 39.30 -22.40 33.72
CA ILE B 152 37.86 -22.44 33.52
C ILE B 152 37.45 -21.39 32.47
N ARG B 153 37.81 -20.13 32.72
CA ARG B 153 37.45 -19.03 31.82
C ARG B 153 37.84 -19.30 30.38
N ASN B 154 39.06 -19.80 30.18
CA ASN B 154 39.52 -20.16 28.84
C ASN B 154 39.45 -21.67 28.55
N ASN B 155 38.41 -22.32 29.09
CA ASN B 155 38.03 -23.69 28.72
C ASN B 155 39.14 -24.77 28.65
N THR B 156 40.11 -24.71 29.55
CA THR B 156 41.14 -25.75 29.63
C THR B 156 41.09 -26.53 30.95
N TYR B 157 40.10 -26.20 31.78
CA TYR B 157 39.91 -26.82 33.09
C TYR B 157 39.72 -28.33 32.96
N ASP B 158 40.52 -29.08 33.70
CA ASP B 158 40.49 -30.53 33.63
C ASP B 158 39.85 -31.12 34.88
N HIS B 159 38.58 -31.54 34.74
CA HIS B 159 37.80 -31.99 35.90
C HIS B 159 38.35 -33.26 36.53
N THR B 160 38.93 -34.13 35.72
CA THR B 160 39.47 -35.41 36.21
C THR B 160 40.62 -35.18 37.21
N GLN B 161 41.32 -34.07 37.02
CA GLN B 161 42.42 -33.62 37.86
C GLN B 161 41.99 -33.30 39.30
N TYR B 162 40.77 -32.78 39.46
CA TYR B 162 40.27 -32.38 40.78
C TYR B 162 39.12 -33.24 41.31
N ARG B 163 38.59 -34.13 40.46
CA ARG B 163 37.41 -34.92 40.82
C ARG B 163 37.53 -35.52 42.23
N THR B 164 38.63 -36.23 42.48
CA THR B 164 38.80 -37.00 43.71
C THR B 164 38.64 -36.16 44.99
N GLU B 165 39.14 -34.91 44.96
CA GLU B 165 39.00 -34.02 46.11
C GLU B 165 37.56 -33.58 46.27
N SER B 166 36.96 -33.20 45.15
CA SER B 166 35.62 -32.63 45.13
C SER B 166 34.58 -33.58 45.73
N LEU B 167 34.61 -34.84 45.29
CA LEU B 167 33.69 -35.85 45.80
C LEU B 167 33.82 -36.04 47.31
N GLN B 168 35.04 -35.90 47.83
CA GLN B 168 35.30 -35.96 49.26
C GLN B 168 34.74 -34.74 49.98
N ASN B 169 34.33 -33.72 49.23
CA ASN B 169 33.75 -32.54 49.82
C ASN B 169 32.23 -32.46 49.61
N ARG B 170 31.74 -33.10 48.55
CA ARG B 170 30.32 -33.09 48.24
C ARG B 170 29.53 -34.12 49.05
N ILE B 171 29.85 -35.40 48.84
CA ILE B 171 29.24 -36.48 49.61
C ILE B 171 29.81 -36.47 51.03
N GLN B 172 29.14 -35.75 51.92
CA GLN B 172 29.58 -35.64 53.31
C GLN B 172 28.86 -36.66 54.18
N ILE B 173 28.81 -37.90 53.68
CA ILE B 173 28.29 -39.06 54.39
C ILE B 173 29.19 -40.26 54.10
N ASP B 174 29.00 -41.35 54.84
CA ASP B 174 29.64 -42.62 54.54
C ASP B 174 28.87 -43.35 53.44
N SER B 175 29.58 -44.14 52.63
CA SER B 175 28.95 -44.91 51.53
C SER B 175 28.77 -46.40 51.87
N GLY C 4 34.90 -47.34 28.57
CA GLY C 4 33.67 -46.63 29.01
C GLY C 4 32.64 -46.51 27.89
N ASP C 5 31.46 -47.06 28.13
CA ASP C 5 30.37 -47.05 27.16
C ASP C 5 29.69 -45.69 27.10
N LYS C 6 29.57 -45.14 25.90
CA LYS C 6 28.97 -43.83 25.71
C LYS C 6 27.87 -43.84 24.66
N ILE C 7 26.84 -43.02 24.89
CA ILE C 7 25.81 -42.78 23.90
C ILE C 7 25.80 -41.30 23.55
N CYS C 8 25.93 -41.01 22.25
CA CYS C 8 26.04 -39.63 21.79
C CYS C 8 24.86 -39.28 20.90
N LEU C 9 24.35 -38.07 21.11
CA LEU C 9 23.26 -37.52 20.33
C LEU C 9 23.86 -36.56 19.34
N GLY C 10 23.16 -36.33 18.24
CA GLY C 10 23.64 -35.44 17.19
C GLY C 10 22.71 -35.39 15.99
N HIS C 11 22.88 -34.35 15.19
CA HIS C 11 22.03 -34.07 14.05
C HIS C 11 22.71 -34.51 12.76
N HIS C 12 21.96 -34.46 11.67
CA HIS C 12 22.50 -34.78 10.35
C HIS C 12 22.99 -33.55 9.59
N ALA C 13 23.81 -33.80 8.57
CA ALA C 13 24.34 -32.76 7.69
C ALA C 13 24.51 -33.34 6.30
N VAL C 14 24.65 -32.48 5.30
CA VAL C 14 24.98 -32.94 3.97
C VAL C 14 26.33 -32.37 3.54
N ALA C 15 26.86 -32.92 2.45
CA ALA C 15 28.07 -32.39 1.84
C ALA C 15 27.75 -31.09 1.10
N ASN C 16 26.54 -31.01 0.54
CA ASN C 16 26.12 -29.85 -0.29
C ASN C 16 24.93 -29.05 0.27
N GLY C 17 25.18 -28.25 1.32
CA GLY C 17 24.14 -27.38 1.87
C GLY C 17 23.75 -26.26 0.91
N THR C 18 22.69 -25.52 1.27
CA THR C 18 22.23 -24.35 0.50
C THR C 18 22.34 -23.10 1.36
N LYS C 19 22.67 -21.97 0.74
CA LYS C 19 22.74 -20.68 1.43
C LYS C 19 21.39 -19.97 1.54
N VAL C 20 21.08 -19.48 2.75
CA VAL C 20 19.89 -18.68 2.98
C VAL C 20 20.19 -17.47 3.87
N ASN C 21 19.21 -16.58 4.03
CA ASN C 21 19.36 -15.43 4.91
C ASN C 21 18.42 -15.44 6.12
N THR C 22 18.94 -14.99 7.26
CA THR C 22 18.13 -14.81 8.46
C THR C 22 18.18 -13.34 8.91
N LEU C 23 17.63 -13.05 10.08
CA LEU C 23 17.59 -11.68 10.61
C LEU C 23 18.96 -11.18 11.06
N THR C 24 19.79 -12.11 11.52
CA THR C 24 21.13 -11.79 12.04
C THR C 24 22.25 -12.21 11.09
N GLU C 25 22.07 -13.33 10.41
CA GLU C 25 23.07 -13.84 9.49
C GLU C 25 22.62 -13.58 8.06
N ARG C 26 23.55 -13.31 7.17
CA ARG C 26 23.25 -13.33 5.75
C ARG C 26 24.20 -14.26 5.02
N GLY C 27 23.62 -15.27 4.36
CA GLY C 27 24.42 -16.27 3.64
C GLY C 27 24.76 -17.50 4.47
N ILE C 28 24.08 -17.67 5.60
CA ILE C 28 24.20 -18.87 6.44
C ILE C 28 23.72 -20.12 5.68
N GLU C 29 24.35 -21.25 5.95
CA GLU C 29 24.12 -22.48 5.16
C GLU C 29 23.18 -23.46 5.86
N VAL C 30 22.17 -23.91 5.13
CA VAL C 30 21.19 -24.86 5.64
C VAL C 30 21.22 -26.19 4.87
N VAL C 31 20.70 -27.25 5.49
CA VAL C 31 20.64 -28.58 4.86
C VAL C 31 19.92 -28.56 3.52
N ASN C 32 18.70 -28.02 3.51
CA ASN C 32 17.90 -27.88 2.29
C ASN C 32 17.03 -26.63 2.35
N ALA C 33 16.81 -26.01 1.19
CA ALA C 33 15.97 -24.80 1.07
C ALA C 33 15.01 -24.85 -0.13
N THR C 34 14.03 -23.95 -0.13
CA THR C 34 13.01 -23.88 -1.18
C THR C 34 12.78 -22.44 -1.67
N GLU C 35 12.80 -22.27 -2.99
CA GLU C 35 12.53 -20.99 -3.61
C GLU C 35 11.09 -20.54 -3.40
N THR C 36 10.90 -19.26 -3.11
CA THR C 36 9.56 -18.69 -2.96
C THR C 36 9.18 -17.69 -4.06
N VAL C 37 10.13 -17.38 -4.94
CA VAL C 37 9.90 -16.40 -6.01
C VAL C 37 9.85 -17.11 -7.37
N GLU C 38 8.73 -16.98 -8.07
CA GLU C 38 8.59 -17.65 -9.37
C GLU C 38 9.31 -16.89 -10.45
N THR C 39 10.07 -17.63 -11.26
CA THR C 39 10.77 -17.02 -12.38
C THR C 39 10.55 -17.78 -13.69
N THR C 40 9.74 -18.84 -13.65
CA THR C 40 9.46 -19.62 -14.85
C THR C 40 8.19 -19.13 -15.54
N ASN C 41 8.36 -18.70 -16.78
CA ASN C 41 7.27 -18.13 -17.56
C ASN C 41 6.87 -19.06 -18.72
N ILE C 42 5.56 -19.14 -18.97
CA ILE C 42 5.05 -19.82 -20.16
C ILE C 42 4.70 -18.74 -21.19
N LYS C 43 5.39 -18.76 -22.34
CA LYS C 43 5.21 -17.76 -23.39
C LYS C 43 3.92 -17.94 -24.17
N LYS C 44 2.88 -18.44 -23.51
CA LYS C 44 1.63 -18.79 -24.17
C LYS C 44 0.51 -18.32 -23.29
N ILE C 45 -0.59 -17.90 -23.91
CA ILE C 45 -1.77 -17.53 -23.16
C ILE C 45 -2.55 -18.81 -22.93
N CYS C 46 -2.59 -19.25 -21.67
CA CYS C 46 -3.13 -20.56 -21.30
C CYS C 46 -4.64 -20.52 -21.13
N THR C 47 -5.32 -21.10 -22.12
CA THR C 47 -6.74 -20.91 -22.30
C THR C 47 -7.58 -22.14 -21.94
N GLN C 48 -6.92 -23.26 -21.67
CA GLN C 48 -7.65 -24.47 -21.30
C GLN C 48 -8.61 -24.20 -20.15
N GLY C 49 -9.84 -24.69 -20.28
CA GLY C 49 -10.91 -24.42 -19.31
C GLY C 49 -11.70 -23.17 -19.68
N LYS C 50 -11.00 -22.17 -20.21
CA LYS C 50 -11.59 -20.89 -20.60
C LYS C 50 -12.32 -20.96 -21.93
N ARG C 51 -13.18 -19.98 -22.17
CA ARG C 51 -13.75 -19.68 -23.49
C ARG C 51 -13.06 -18.43 -24.03
N PRO C 52 -11.97 -18.60 -24.80
CA PRO C 52 -11.11 -17.47 -25.14
C PRO C 52 -11.57 -16.67 -26.35
N THR C 53 -11.24 -15.39 -26.40
CA THR C 53 -11.45 -14.59 -27.61
C THR C 53 -10.20 -13.84 -28.03
N ASP C 54 -9.68 -14.20 -29.20
CA ASP C 54 -8.49 -13.59 -29.77
C ASP C 54 -8.97 -12.57 -30.77
N LEU C 55 -9.07 -11.32 -30.36
CA LEU C 55 -9.66 -10.28 -31.20
C LEU C 55 -8.85 -9.98 -32.46
N GLY C 56 -7.57 -10.34 -32.45
CA GLY C 56 -6.69 -10.19 -33.61
C GLY C 56 -6.70 -8.79 -34.21
N GLN C 57 -7.15 -8.70 -35.46
CA GLN C 57 -7.19 -7.43 -36.19
C GLN C 57 -8.24 -6.44 -35.62
N CYS C 58 -9.14 -6.94 -34.78
CA CYS C 58 -10.29 -6.16 -34.31
C CYS C 58 -10.03 -5.56 -32.93
N GLY C 59 -10.09 -4.25 -32.85
CA GLY C 59 -10.01 -3.57 -31.55
C GLY C 59 -11.27 -3.79 -30.73
N LEU C 60 -11.14 -3.73 -29.42
CA LEU C 60 -12.27 -3.98 -28.52
C LEU C 60 -13.47 -3.05 -28.72
N LEU C 61 -13.25 -1.73 -28.70
CA LEU C 61 -14.34 -0.77 -28.93
C LEU C 61 -14.96 -0.93 -30.31
N GLY C 62 -14.20 -1.52 -31.24
CA GLY C 62 -14.69 -1.82 -32.58
C GLY C 62 -15.88 -2.75 -32.58
N THR C 63 -15.92 -3.70 -31.65
CA THR C 63 -17.02 -4.66 -31.58
C THR C 63 -18.37 -3.99 -31.34
N LEU C 64 -18.35 -2.71 -30.98
CA LEU C 64 -19.58 -1.95 -30.67
C LEU C 64 -20.23 -1.33 -31.91
N ILE C 65 -19.40 -0.84 -32.82
CA ILE C 65 -19.89 -0.18 -34.02
C ILE C 65 -19.92 -1.11 -35.26
N GLY C 66 -18.91 -1.97 -35.40
CA GLY C 66 -18.88 -2.94 -36.49
C GLY C 66 -18.19 -2.49 -37.78
N PRO C 67 -16.91 -2.08 -37.69
CA PRO C 67 -16.13 -2.01 -38.92
C PRO C 67 -15.77 -3.42 -39.42
N PRO C 68 -15.34 -3.56 -40.70
CA PRO C 68 -15.14 -4.90 -41.29
C PRO C 68 -14.26 -5.86 -40.48
N GLN C 69 -13.26 -5.32 -39.77
CA GLN C 69 -12.35 -6.12 -38.93
C GLN C 69 -13.07 -6.86 -37.81
N CYS C 70 -14.22 -6.32 -37.39
CA CYS C 70 -14.95 -6.84 -36.24
C CYS C 70 -16.25 -7.51 -36.62
N ASP C 71 -16.43 -7.82 -37.90
CA ASP C 71 -17.64 -8.51 -38.33
C ASP C 71 -17.79 -9.85 -37.62
N GLN C 72 -16.65 -10.47 -37.32
CA GLN C 72 -16.58 -11.76 -36.62
C GLN C 72 -17.09 -11.69 -35.19
N PHE C 73 -16.85 -10.56 -34.52
CA PHE C 73 -17.10 -10.46 -33.08
C PHE C 73 -18.17 -9.42 -32.73
N LEU C 74 -19.13 -9.18 -33.63
CA LEU C 74 -20.20 -8.21 -33.36
C LEU C 74 -21.02 -8.59 -32.11
N GLU C 75 -21.23 -9.88 -31.94
CA GLU C 75 -21.87 -10.39 -30.73
C GLU C 75 -21.01 -11.52 -30.16
N PHE C 76 -19.83 -11.14 -29.68
CA PHE C 76 -18.87 -12.12 -29.16
C PHE C 76 -19.21 -12.53 -27.73
N SER C 77 -18.69 -13.69 -27.33
CA SER C 77 -18.99 -14.26 -26.04
C SER C 77 -17.76 -14.99 -25.48
N SER C 78 -17.15 -14.44 -24.44
CA SER C 78 -15.98 -15.07 -23.82
C SER C 78 -15.86 -14.74 -22.33
N ASP C 79 -14.89 -15.37 -21.67
CA ASP C 79 -14.60 -15.12 -20.27
C ASP C 79 -13.11 -14.75 -20.13
N LEU C 80 -12.52 -14.39 -21.26
CA LEU C 80 -11.11 -14.05 -21.38
C LEU C 80 -10.93 -13.39 -22.75
N ILE C 81 -10.66 -12.09 -22.76
CA ILE C 81 -10.61 -11.30 -23.99
C ILE C 81 -9.18 -10.86 -24.25
N ILE C 82 -8.61 -11.37 -25.34
CA ILE C 82 -7.21 -11.09 -25.66
C ILE C 82 -7.13 -10.02 -26.74
N GLU C 83 -6.68 -8.83 -26.35
CA GLU C 83 -6.42 -7.75 -27.31
C GLU C 83 -5.10 -8.03 -28.04
N ARG C 84 -4.98 -7.48 -29.24
CA ARG C 84 -3.74 -7.56 -30.00
C ARG C 84 -3.32 -6.18 -30.44
N ARG C 85 -2.01 -5.99 -30.67
CA ARG C 85 -1.46 -4.68 -31.03
C ARG C 85 -1.99 -4.10 -32.36
N GLU C 86 -2.18 -4.97 -33.35
CA GLU C 86 -2.64 -4.56 -34.69
C GLU C 86 -4.14 -4.25 -34.75
N GLY C 87 -4.86 -4.54 -33.67
CA GLY C 87 -6.30 -4.32 -33.61
C GLY C 87 -6.67 -2.84 -33.56
N THR C 88 -7.69 -2.46 -34.33
CA THR C 88 -8.13 -1.07 -34.38
C THR C 88 -9.64 -0.99 -34.21
N ASP C 89 -10.12 0.17 -33.77
CA ASP C 89 -11.51 0.35 -33.38
C ASP C 89 -12.39 0.93 -34.48
N ILE C 90 -11.76 1.60 -35.45
CA ILE C 90 -12.47 2.35 -36.49
C ILE C 90 -11.78 2.26 -37.85
N CYS C 91 -12.55 2.47 -38.93
CA CYS C 91 -11.97 2.62 -40.27
C CYS C 91 -12.04 4.08 -40.76
N TYR C 92 -13.24 4.63 -40.82
CA TYR C 92 -13.42 6.06 -41.06
C TYR C 92 -12.86 6.82 -39.87
N PRO C 93 -11.94 7.79 -40.11
CA PRO C 93 -11.30 8.57 -39.05
C PRO C 93 -12.25 9.06 -37.96
N GLY C 94 -11.73 9.14 -36.74
CA GLY C 94 -12.55 9.50 -35.59
C GLY C 94 -12.26 8.64 -34.37
N ARG C 95 -12.60 9.17 -33.21
CA ARG C 95 -12.18 8.64 -31.94
C ARG C 95 -13.35 8.65 -30.95
N PHE C 96 -13.49 7.53 -30.21
CA PHE C 96 -14.42 7.42 -29.08
C PHE C 96 -13.99 8.34 -27.95
N THR C 97 -14.95 8.90 -27.23
CA THR C 97 -14.63 9.83 -26.14
C THR C 97 -14.67 9.11 -24.80
N ASN C 98 -13.71 9.43 -23.93
CA ASN C 98 -13.45 8.65 -22.70
C ASN C 98 -13.29 7.17 -23.04
N GLU C 99 -12.44 6.91 -24.03
CA GLU C 99 -12.31 5.58 -24.63
C GLU C 99 -11.80 4.50 -23.70
N GLU C 100 -10.80 4.80 -22.88
CA GLU C 100 -10.26 3.78 -21.99
C GLU C 100 -11.29 3.33 -20.97
N SER C 101 -12.12 4.28 -20.51
CA SER C 101 -13.21 3.97 -19.57
C SER C 101 -14.14 2.93 -20.19
N LEU C 102 -14.45 3.13 -21.46
CA LEU C 102 -15.26 2.17 -22.20
C LEU C 102 -14.50 0.85 -22.37
N ARG C 103 -13.21 0.92 -22.68
CA ARG C 103 -12.41 -0.29 -22.87
C ARG C 103 -12.47 -1.13 -21.63
N GLN C 104 -12.17 -0.53 -20.47
CA GLN C 104 -12.20 -1.25 -19.19
C GLN C 104 -13.55 -1.91 -18.91
N ILE C 105 -14.64 -1.25 -19.28
CA ILE C 105 -15.97 -1.79 -19.06
C ILE C 105 -16.16 -3.01 -19.93
N LEU C 106 -15.77 -2.92 -21.20
CA LEU C 106 -15.91 -4.02 -22.14
C LEU C 106 -15.03 -5.23 -21.79
N ARG C 107 -13.92 -5.00 -21.10
CA ARG C 107 -12.99 -6.08 -20.78
C ARG C 107 -13.56 -7.09 -19.78
N ARG C 108 -14.47 -6.64 -18.91
CA ARG C 108 -15.07 -7.50 -17.89
C ARG C 108 -16.52 -7.93 -18.23
N SER C 109 -16.95 -7.61 -19.44
CA SER C 109 -18.35 -7.66 -19.81
C SER C 109 -18.91 -9.07 -20.07
N GLY C 110 -18.04 -10.05 -20.25
CA GLY C 110 -18.46 -11.39 -20.63
C GLY C 110 -18.80 -11.55 -22.10
N GLY C 111 -18.56 -10.48 -22.87
CA GLY C 111 -18.99 -10.40 -24.25
C GLY C 111 -20.24 -9.55 -24.37
N ILE C 112 -20.67 -9.27 -25.60
CA ILE C 112 -21.84 -8.40 -25.85
C ILE C 112 -22.91 -9.06 -26.68
N GLY C 113 -24.16 -8.74 -26.37
CA GLY C 113 -25.31 -9.19 -27.13
C GLY C 113 -26.00 -7.98 -27.68
N LYS C 114 -26.01 -7.85 -29.00
CA LYS C 114 -26.64 -6.72 -29.66
C LYS C 114 -28.15 -6.90 -29.85
N GLU C 115 -28.90 -5.86 -29.52
CA GLU C 115 -30.36 -5.84 -29.58
C GLU C 115 -30.82 -4.64 -30.39
N SER C 116 -31.74 -4.86 -31.33
CA SER C 116 -32.19 -3.79 -32.24
C SER C 116 -32.99 -2.70 -31.54
N MET C 117 -32.58 -1.45 -31.76
CA MET C 117 -33.19 -0.30 -31.09
C MET C 117 -34.53 0.10 -31.69
N GLY C 118 -34.82 -0.42 -32.88
CA GLY C 118 -36.12 -0.24 -33.50
C GLY C 118 -36.37 1.18 -33.97
N PHE C 119 -35.40 1.75 -34.68
CA PHE C 119 -35.57 3.06 -35.29
C PHE C 119 -35.85 2.94 -36.79
N THR C 120 -36.80 3.74 -37.25
CA THR C 120 -37.17 3.79 -38.65
C THR C 120 -37.25 5.24 -39.07
N TYR C 121 -36.79 5.54 -40.28
CA TYR C 121 -36.78 6.91 -40.77
C TYR C 121 -37.30 7.04 -42.19
N SER C 122 -38.22 7.99 -42.39
CA SER C 122 -38.54 8.44 -43.73
C SER C 122 -38.30 9.96 -43.81
N GLY C 123 -38.22 10.47 -45.03
CA GLY C 123 -37.90 11.88 -45.26
C GLY C 123 -36.41 12.11 -45.43
N ILE C 124 -35.62 11.09 -45.09
CA ILE C 124 -34.16 11.13 -45.23
C ILE C 124 -33.66 9.81 -45.81
N ARG C 125 -32.35 9.75 -46.03
CA ARG C 125 -31.65 8.52 -46.42
C ARG C 125 -30.82 8.01 -45.26
N THR C 126 -30.79 6.69 -45.11
CA THR C 126 -30.18 6.06 -43.96
C THR C 126 -29.03 5.15 -44.39
N ASN C 127 -28.75 5.16 -45.69
CA ASN C 127 -27.83 4.23 -46.33
C ASN C 127 -26.41 4.80 -46.54
N GLY C 128 -26.08 5.88 -45.84
CA GLY C 128 -24.81 6.57 -46.00
C GLY C 128 -23.63 5.64 -45.81
N ALA C 129 -22.93 5.38 -46.91
CA ALA C 129 -21.75 4.52 -46.92
C ALA C 129 -20.51 5.34 -47.25
N THR C 130 -19.33 4.73 -47.17
CA THR C 130 -18.08 5.40 -47.53
C THR C 130 -16.98 4.42 -47.96
N SER C 131 -16.08 4.89 -48.83
CA SER C 131 -15.01 4.05 -49.39
C SER C 131 -13.97 3.58 -48.36
N ALA C 132 -13.73 4.44 -47.36
CA ALA C 132 -12.82 4.16 -46.25
C ALA C 132 -13.11 2.80 -45.59
N CYS C 133 -14.40 2.46 -45.49
CA CYS C 133 -14.83 1.17 -44.94
C CYS C 133 -15.47 0.32 -46.04
N THR C 134 -14.65 -0.47 -46.73
CA THR C 134 -15.15 -1.37 -47.77
C THR C 134 -15.46 -2.77 -47.25
N ARG C 135 -16.60 -3.28 -47.68
CA ARG C 135 -17.02 -4.67 -47.43
C ARG C 135 -17.62 -5.18 -48.73
N SER C 136 -16.75 -5.41 -49.71
CA SER C 136 -17.14 -5.67 -51.10
C SER C 136 -17.96 -4.51 -51.66
N GLY C 137 -17.28 -3.38 -51.85
CA GLY C 137 -17.93 -2.11 -52.20
C GLY C 137 -18.07 -1.26 -50.95
N SER C 138 -18.36 0.03 -51.13
CA SER C 138 -18.52 0.94 -50.00
C SER C 138 -19.63 0.50 -49.05
N SER C 139 -19.37 0.58 -47.76
CA SER C 139 -20.38 0.31 -46.73
C SER C 139 -20.19 1.25 -45.53
N PHE C 140 -20.74 0.86 -44.38
CA PHE C 140 -20.60 1.64 -43.16
C PHE C 140 -20.32 0.72 -41.96
N TYR C 141 -20.30 1.29 -40.76
CA TYR C 141 -20.25 0.49 -39.55
C TYR C 141 -21.56 -0.29 -39.44
N ALA C 142 -21.43 -1.60 -39.27
CA ALA C 142 -22.59 -2.52 -39.39
C ALA C 142 -23.68 -2.34 -38.33
N GLU C 143 -23.40 -1.54 -37.30
CA GLU C 143 -24.36 -1.29 -36.23
C GLU C 143 -24.86 0.15 -36.26
N MET C 144 -24.44 0.91 -37.27
CA MET C 144 -24.77 2.33 -37.36
C MET C 144 -25.45 2.68 -38.69
N LYS C 145 -26.07 3.86 -38.73
CA LYS C 145 -26.71 4.37 -39.95
C LYS C 145 -26.31 5.81 -40.17
N TRP C 146 -25.77 6.11 -41.36
CA TRP C 146 -25.41 7.47 -41.69
C TRP C 146 -26.61 8.22 -42.27
N LEU C 147 -27.24 9.03 -41.43
CA LEU C 147 -28.42 9.78 -41.81
C LEU C 147 -28.04 11.07 -42.53
N LEU C 148 -28.63 11.27 -43.71
CA LEU C 148 -28.42 12.47 -44.52
C LEU C 148 -29.66 12.84 -45.35
N SER C 149 -29.65 14.03 -45.93
CA SER C 149 -30.75 14.52 -46.77
C SER C 149 -31.01 13.63 -48.00
N ASN C 150 -32.24 13.71 -48.52
CA ASN C 150 -32.68 12.97 -49.72
C ASN C 150 -31.86 13.36 -50.94
N SER C 151 -31.57 14.65 -51.06
CA SER C 151 -30.69 15.16 -52.09
C SER C 151 -29.78 16.25 -51.52
N ASP C 152 -28.69 16.53 -52.25
CA ASP C 152 -27.73 17.56 -51.88
C ASP C 152 -28.43 18.87 -51.51
N ASN C 153 -27.99 19.43 -50.39
CA ASN C 153 -28.45 20.75 -49.93
C ASN C 153 -29.91 20.82 -49.43
N ALA C 154 -30.61 19.69 -49.45
CA ALA C 154 -31.96 19.61 -48.89
C ALA C 154 -31.92 19.74 -47.37
N ALA C 155 -32.91 20.42 -46.80
CA ALA C 155 -32.95 20.68 -45.37
C ALA C 155 -33.21 19.41 -44.58
N PHE C 156 -32.59 19.32 -43.41
CA PHE C 156 -32.75 18.16 -42.54
C PHE C 156 -33.87 18.41 -41.54
N PRO C 157 -34.87 17.50 -41.49
CA PRO C 157 -35.98 17.66 -40.55
C PRO C 157 -35.55 17.46 -39.10
N GLN C 158 -36.02 18.34 -38.22
CA GLN C 158 -35.82 18.18 -36.78
C GLN C 158 -36.48 16.88 -36.30
N MET C 159 -35.65 15.88 -35.98
CA MET C 159 -36.13 14.56 -35.60
C MET C 159 -35.95 14.25 -34.13
N THR C 160 -36.83 13.38 -33.62
CA THR C 160 -36.74 12.87 -32.26
C THR C 160 -36.92 11.35 -32.26
N LYS C 161 -35.96 10.64 -31.70
CA LYS C 161 -36.04 9.20 -31.58
C LYS C 161 -35.84 8.79 -30.12
N ALA C 162 -36.68 7.88 -29.65
CA ALA C 162 -36.65 7.45 -28.26
C ALA C 162 -36.52 5.94 -28.18
N TYR C 163 -35.66 5.48 -27.28
CA TYR C 163 -35.50 4.06 -26.99
C TYR C 163 -35.59 3.86 -25.48
N ARG C 164 -36.45 2.95 -25.06
CA ARG C 164 -36.55 2.60 -23.65
C ARG C 164 -36.03 1.19 -23.46
N ASN C 165 -35.20 1.01 -22.43
CA ASN C 165 -34.51 -0.26 -22.17
C ASN C 165 -35.41 -1.35 -21.56
N PRO C 166 -35.81 -2.36 -22.38
CA PRO C 166 -36.74 -3.38 -21.90
C PRO C 166 -36.10 -4.47 -21.04
N ARG C 167 -34.77 -4.49 -20.99
CA ARG C 167 -34.03 -5.56 -20.31
C ARG C 167 -33.89 -5.32 -18.79
N ASN C 168 -33.19 -6.24 -18.12
CA ASN C 168 -32.96 -6.18 -16.67
C ASN C 168 -31.56 -5.71 -16.31
N LYS C 169 -30.78 -5.36 -17.32
CA LYS C 169 -29.40 -4.93 -17.14
C LYS C 169 -29.11 -3.72 -18.05
N PRO C 170 -28.12 -2.88 -17.69
CA PRO C 170 -27.92 -1.62 -18.43
C PRO C 170 -27.60 -1.80 -19.91
N ALA C 171 -27.92 -0.81 -20.74
CA ALA C 171 -27.71 -0.89 -22.17
C ALA C 171 -26.70 0.15 -22.64
N LEU C 172 -25.69 -0.32 -23.36
CA LEU C 172 -24.64 0.54 -23.90
C LEU C 172 -25.13 1.25 -25.17
N ILE C 173 -25.30 2.56 -25.10
CA ILE C 173 -25.81 3.34 -26.23
C ILE C 173 -24.69 4.15 -26.89
N ILE C 174 -24.35 3.78 -28.13
CA ILE C 174 -23.36 4.53 -28.89
C ILE C 174 -24.01 5.31 -30.01
N TRP C 175 -23.62 6.58 -30.13
CA TRP C 175 -24.00 7.39 -31.26
C TRP C 175 -22.77 8.15 -31.69
N GLY C 176 -22.89 8.95 -32.73
CA GLY C 176 -21.75 9.65 -33.26
C GLY C 176 -22.13 10.98 -33.84
N VAL C 177 -21.16 11.88 -33.84
CA VAL C 177 -21.29 13.20 -34.42
C VAL C 177 -20.30 13.26 -35.58
N HIS C 178 -20.82 13.26 -36.80
CA HIS C 178 -20.00 13.40 -37.97
C HIS C 178 -19.62 14.85 -38.22
N HIS C 179 -18.33 15.13 -38.22
CA HIS C 179 -17.81 16.43 -38.62
C HIS C 179 -17.37 16.36 -40.09
N SER C 180 -18.08 17.06 -40.98
CA SER C 180 -17.75 17.10 -42.40
C SER C 180 -16.42 17.79 -42.68
N GLU C 181 -16.03 17.84 -43.96
CA GLU C 181 -14.75 18.42 -44.36
C GLU C 181 -14.80 19.95 -44.48
N SER C 182 -15.63 20.45 -45.39
CA SER C 182 -15.81 21.89 -45.56
C SER C 182 -17.16 22.31 -44.98
N VAL C 183 -17.38 23.62 -44.91
CA VAL C 183 -18.68 24.17 -44.49
C VAL C 183 -19.73 23.80 -45.55
N SER C 184 -19.29 23.76 -46.81
CA SER C 184 -20.14 23.36 -47.93
C SER C 184 -20.48 21.87 -47.88
N GLU C 185 -19.51 21.05 -47.46
CA GLU C 185 -19.73 19.60 -47.27
C GLU C 185 -20.91 19.32 -46.35
N GLN C 186 -20.92 20.00 -45.21
CA GLN C 186 -21.96 19.88 -44.20
C GLN C 186 -23.33 20.32 -44.70
N THR C 187 -23.36 21.41 -45.45
CA THR C 187 -24.61 21.92 -46.03
C THR C 187 -25.09 20.99 -47.13
N LYS C 188 -24.15 20.31 -47.78
CA LYS C 188 -24.48 19.44 -48.90
C LYS C 188 -25.11 18.13 -48.43
N LEU C 189 -24.71 17.66 -47.25
CA LEU C 189 -25.23 16.39 -46.72
C LEU C 189 -26.41 16.61 -45.79
N TYR C 190 -26.45 17.78 -45.16
CA TYR C 190 -27.49 18.09 -44.20
C TYR C 190 -28.08 19.47 -44.55
N GLY C 191 -28.63 20.18 -43.57
CA GLY C 191 -29.20 21.50 -43.86
C GLY C 191 -28.16 22.59 -44.02
N SER C 192 -28.59 23.85 -43.98
CA SER C 192 -27.66 24.95 -43.72
C SER C 192 -27.94 25.44 -42.30
N GLY C 193 -26.92 25.97 -41.64
CA GLY C 193 -27.06 26.50 -40.28
C GLY C 193 -26.58 25.56 -39.18
N ASN C 194 -26.82 25.96 -37.93
CA ASN C 194 -26.31 25.23 -36.75
C ASN C 194 -26.98 23.87 -36.57
N LYS C 195 -26.18 22.81 -36.56
CA LYS C 195 -26.69 21.45 -36.44
C LYS C 195 -26.51 20.95 -35.02
N LEU C 196 -27.58 20.96 -34.24
CA LEU C 196 -27.47 20.57 -32.84
C LEU C 196 -28.04 19.18 -32.58
N ILE C 197 -27.23 18.32 -31.95
CA ILE C 197 -27.64 16.99 -31.48
C ILE C 197 -27.86 17.03 -29.97
N THR C 198 -29.00 16.54 -29.50
CA THR C 198 -29.29 16.47 -28.06
C THR C 198 -29.65 15.06 -27.62
N VAL C 199 -28.92 14.56 -26.64
CA VAL C 199 -29.13 13.23 -26.10
C VAL C 199 -29.51 13.35 -24.64
N ARG C 200 -30.68 12.83 -24.27
CA ARG C 200 -31.18 12.97 -22.90
C ARG C 200 -31.71 11.66 -22.34
N SER C 201 -31.16 11.27 -21.19
CA SER C 201 -31.75 10.22 -20.36
C SER C 201 -32.03 10.81 -18.98
N SER C 202 -32.55 10.00 -18.06
CA SER C 202 -32.90 10.47 -16.72
C SER C 202 -31.70 10.74 -15.79
N LYS C 203 -30.48 10.56 -16.32
CA LYS C 203 -29.27 10.88 -15.58
C LYS C 203 -28.12 11.32 -16.49
N TYR C 204 -28.45 11.79 -17.69
CA TYR C 204 -27.47 12.26 -18.66
C TYR C 204 -28.11 13.25 -19.62
N GLN C 205 -27.48 14.41 -19.77
CA GLN C 205 -27.87 15.40 -20.76
C GLN C 205 -26.62 15.99 -21.41
N GLN C 206 -26.53 15.91 -22.72
CA GLN C 206 -25.37 16.42 -23.41
C GLN C 206 -25.76 16.84 -24.81
N SER C 207 -25.15 17.92 -25.28
CA SER C 207 -25.37 18.44 -26.62
C SER C 207 -24.06 18.49 -27.43
N PHE C 208 -24.19 18.46 -28.76
CA PHE C 208 -23.04 18.41 -29.64
C PHE C 208 -23.20 19.30 -30.86
N THR C 209 -22.12 20.00 -31.21
CA THR C 209 -22.04 20.81 -32.43
C THR C 209 -20.92 20.28 -33.34
N PRO C 210 -21.23 20.05 -34.62
CA PRO C 210 -20.19 19.60 -35.53
C PRO C 210 -19.14 20.68 -35.81
N ASN C 211 -17.90 20.25 -35.98
CA ASN C 211 -16.77 21.13 -36.32
C ASN C 211 -16.17 20.70 -37.65
N PRO C 212 -16.62 21.31 -38.75
CA PRO C 212 -16.05 20.98 -40.06
C PRO C 212 -14.61 21.47 -40.14
N GLY C 213 -13.94 21.21 -41.26
CA GLY C 213 -12.54 21.63 -41.42
C GLY C 213 -11.60 20.43 -41.50
N ALA C 214 -11.97 19.35 -40.82
CA ALA C 214 -11.27 18.07 -40.90
C ALA C 214 -12.22 16.94 -40.55
N ARG C 215 -12.51 16.10 -41.54
CA ARG C 215 -13.56 15.07 -41.46
C ARG C 215 -13.28 14.00 -40.41
N ARG C 216 -14.30 13.72 -39.60
CA ARG C 216 -14.22 12.72 -38.54
C ARG C 216 -15.62 12.34 -38.06
N ILE C 217 -15.76 11.08 -37.62
CA ILE C 217 -16.92 10.67 -36.84
C ILE C 217 -16.43 10.32 -35.47
N ASP C 218 -16.72 11.20 -34.50
CA ASP C 218 -16.35 10.98 -33.09
C ASP C 218 -17.52 10.34 -32.35
N PHE C 219 -17.27 9.17 -31.76
CA PHE C 219 -18.32 8.38 -31.11
C PHE C 219 -18.50 8.68 -29.61
N HIS C 220 -19.76 8.70 -29.19
CA HIS C 220 -20.14 9.01 -27.83
C HIS C 220 -21.05 7.95 -27.30
N TRP C 221 -20.93 7.69 -26.00
CA TRP C 221 -21.69 6.62 -25.37
C TRP C 221 -22.31 7.02 -24.04
N LEU C 222 -23.37 6.31 -23.66
CA LEU C 222 -23.90 6.37 -22.31
C LEU C 222 -24.45 5.01 -21.91
N LEU C 223 -24.43 4.72 -20.60
CA LEU C 223 -25.06 3.53 -20.05
C LEU C 223 -26.49 3.85 -19.59
N LEU C 224 -27.46 3.23 -20.26
CA LEU C 224 -28.87 3.48 -19.98
C LEU C 224 -29.46 2.38 -19.11
N ASP C 225 -30.06 2.77 -18.00
CA ASP C 225 -30.63 1.83 -17.02
C ASP C 225 -31.94 1.22 -17.52
N PRO C 226 -32.32 0.04 -16.99
CA PRO C 226 -33.61 -0.56 -17.34
C PRO C 226 -34.80 0.38 -17.12
N ASN C 227 -35.81 0.25 -17.99
CA ASN C 227 -37.04 1.06 -17.94
C ASN C 227 -36.86 2.58 -17.97
N ASP C 228 -35.66 3.01 -18.39
CA ASP C 228 -35.34 4.41 -18.60
C ASP C 228 -35.23 4.66 -20.10
N THR C 229 -35.40 5.92 -20.52
CA THR C 229 -35.40 6.26 -21.94
C THR C 229 -34.19 7.11 -22.33
N VAL C 230 -33.69 6.89 -23.55
CA VAL C 230 -32.79 7.82 -24.21
C VAL C 230 -33.55 8.50 -25.32
N THR C 231 -33.41 9.82 -25.40
CA THR C 231 -34.03 10.58 -26.46
C THR C 231 -32.93 11.26 -27.23
N PHE C 232 -33.08 11.24 -28.55
CA PHE C 232 -32.16 11.93 -29.44
C PHE C 232 -32.93 13.03 -30.17
N THR C 233 -32.38 14.25 -30.17
CA THR C 233 -32.94 15.34 -30.98
C THR C 233 -31.82 16.00 -31.79
N PHE C 234 -31.95 15.92 -33.11
CA PHE C 234 -30.88 16.27 -34.03
C PHE C 234 -31.43 16.82 -35.33
N ASN C 235 -30.54 17.31 -36.20
CA ASN C 235 -30.94 17.94 -37.45
C ASN C 235 -29.84 17.89 -38.51
N GLY C 236 -28.98 16.88 -38.37
CA GLY C 236 -27.84 16.66 -39.26
C GLY C 236 -26.60 16.26 -38.48
N ALA C 237 -25.59 15.74 -39.16
CA ALA C 237 -24.31 15.41 -38.53
C ALA C 237 -24.38 14.23 -37.55
N PHE C 238 -25.59 13.74 -37.33
CA PHE C 238 -25.84 12.68 -36.36
C PHE C 238 -25.63 11.29 -36.97
N ILE C 239 -24.88 10.43 -36.28
CA ILE C 239 -24.77 9.04 -36.69
C ILE C 239 -25.57 8.18 -35.72
N ALA C 240 -26.54 7.46 -36.27
CA ALA C 240 -27.55 6.77 -35.48
C ALA C 240 -27.12 5.37 -35.11
N PRO C 241 -27.48 4.93 -33.89
CA PRO C 241 -27.37 3.53 -33.52
C PRO C 241 -28.51 2.71 -34.13
N ASP C 242 -28.20 1.54 -34.67
CA ASP C 242 -29.22 0.60 -35.12
C ASP C 242 -29.53 -0.35 -33.97
N ARG C 243 -28.47 -0.93 -33.41
CA ARG C 243 -28.57 -1.88 -32.30
C ARG C 243 -27.87 -1.35 -31.06
N THR C 244 -28.27 -1.85 -29.91
CA THR C 244 -27.63 -1.53 -28.64
C THR C 244 -27.00 -2.81 -28.06
N SER C 245 -26.06 -2.66 -27.13
CA SER C 245 -25.32 -3.80 -26.55
C SER C 245 -25.69 -4.06 -25.10
N PHE C 246 -25.61 -5.32 -24.71
CA PHE C 246 -25.83 -5.74 -23.32
C PHE C 246 -24.69 -6.67 -22.91
N PHE C 247 -24.21 -6.54 -21.69
CA PHE C 247 -23.08 -7.37 -21.26
C PHE C 247 -23.55 -8.76 -20.83
N ARG C 248 -22.86 -9.78 -21.31
CA ARG C 248 -23.25 -11.17 -21.06
C ARG C 248 -23.06 -11.61 -19.60
N GLY C 249 -21.89 -11.33 -19.03
CA GLY C 249 -21.58 -11.70 -17.65
C GLY C 249 -20.22 -11.18 -17.22
N GLU C 250 -19.33 -12.10 -16.88
CA GLU C 250 -17.99 -11.81 -16.39
C GLU C 250 -16.94 -12.17 -17.43
N SER C 251 -15.85 -11.42 -17.46
CA SER C 251 -14.66 -11.79 -18.23
C SER C 251 -13.39 -11.09 -17.71
N LEU C 252 -12.23 -11.63 -18.10
CA LEU C 252 -10.94 -11.00 -17.83
C LEU C 252 -10.34 -10.52 -19.15
N GLY C 253 -9.85 -9.29 -19.17
CA GLY C 253 -9.20 -8.76 -20.37
C GLY C 253 -7.70 -8.80 -20.27
N VAL C 254 -7.05 -9.38 -21.28
CA VAL C 254 -5.57 -9.40 -21.36
C VAL C 254 -5.07 -8.69 -22.62
N GLN C 255 -3.95 -7.97 -22.49
CA GLN C 255 -3.24 -7.43 -23.64
C GLN C 255 -1.97 -8.24 -23.77
N SER C 256 -1.76 -8.82 -24.95
CA SER C 256 -0.58 -9.65 -25.18
C SER C 256 -0.26 -9.82 -26.66
N ASP C 257 0.99 -10.21 -26.92
CA ASP C 257 1.46 -10.56 -28.26
C ASP C 257 1.73 -12.09 -28.33
N ALA C 258 1.44 -12.77 -27.22
CA ALA C 258 1.68 -14.20 -27.09
C ALA C 258 0.55 -15.02 -27.75
N PRO C 259 0.89 -16.16 -28.38
CA PRO C 259 -0.11 -17.03 -29.01
C PRO C 259 -0.97 -17.75 -27.97
N LEU C 260 -2.18 -18.13 -28.37
CA LEU C 260 -3.06 -18.90 -27.49
C LEU C 260 -2.64 -20.38 -27.45
N ASP C 261 -2.72 -20.98 -26.26
CA ASP C 261 -2.53 -22.42 -26.12
C ASP C 261 -3.62 -23.02 -25.26
N SER C 262 -4.38 -23.94 -25.85
CA SER C 262 -5.54 -24.54 -25.22
C SER C 262 -5.21 -25.86 -24.50
N SER C 263 -3.93 -26.15 -24.34
CA SER C 263 -3.51 -27.39 -23.67
C SER C 263 -2.93 -27.15 -22.27
N CYS C 264 -2.30 -25.98 -22.05
CA CYS C 264 -1.90 -25.58 -20.71
C CYS C 264 -3.06 -24.85 -20.05
N ARG C 265 -3.14 -24.93 -18.73
CA ARG C 265 -4.13 -24.20 -17.94
C ARG C 265 -3.44 -23.18 -17.03
N GLY C 266 -4.09 -22.02 -16.86
CA GLY C 266 -3.58 -20.98 -15.95
C GLY C 266 -4.65 -19.96 -15.60
N ASP C 267 -4.32 -19.04 -14.68
CA ASP C 267 -5.29 -18.03 -14.27
C ASP C 267 -4.69 -16.64 -14.06
N CYS C 268 -3.37 -16.53 -14.24
CA CYS C 268 -2.64 -15.27 -14.09
C CYS C 268 -1.92 -14.93 -15.38
N PHE C 269 -2.30 -13.81 -15.98
CA PHE C 269 -1.78 -13.45 -17.30
C PHE C 269 -1.06 -12.09 -17.32
N HIS C 270 -0.16 -11.93 -18.30
CA HIS C 270 0.49 -10.67 -18.59
C HIS C 270 0.93 -10.62 -20.06
N SER C 271 1.48 -9.49 -20.48
CA SER C 271 1.80 -9.25 -21.89
C SER C 271 2.74 -10.29 -22.50
N GLY C 272 3.58 -10.91 -21.68
CA GLY C 272 4.56 -11.87 -22.17
C GLY C 272 4.24 -13.33 -21.89
N GLY C 273 2.97 -13.63 -21.61
CA GLY C 273 2.52 -15.01 -21.42
C GLY C 273 1.68 -15.26 -20.18
N THR C 274 1.83 -16.47 -19.63
CA THR C 274 1.07 -16.94 -18.47
C THR C 274 2.02 -17.34 -17.34
N ILE C 275 1.67 -16.93 -16.12
CA ILE C 275 2.40 -17.33 -14.93
C ILE C 275 1.60 -18.41 -14.21
N VAL C 276 2.20 -19.60 -14.09
CA VAL C 276 1.57 -20.69 -13.36
C VAL C 276 2.45 -21.00 -12.16
N SER C 277 1.90 -20.85 -10.96
CA SER C 277 2.69 -21.06 -9.76
C SER C 277 1.87 -21.06 -8.50
N SER C 278 2.19 -22.00 -7.62
CA SER C 278 1.67 -21.99 -6.25
C SER C 278 2.43 -20.97 -5.41
N LEU C 279 3.71 -20.79 -5.72
CA LEU C 279 4.58 -19.84 -5.05
C LEU C 279 3.91 -18.48 -4.77
N PRO C 280 4.24 -17.85 -3.63
CA PRO C 280 3.51 -16.64 -3.21
C PRO C 280 4.02 -15.33 -3.83
N PHE C 281 5.22 -15.36 -4.43
CA PHE C 281 5.82 -14.20 -5.10
C PHE C 281 6.29 -14.55 -6.52
N GLN C 282 6.56 -13.52 -7.33
CA GLN C 282 7.06 -13.70 -8.70
C GLN C 282 7.91 -12.53 -9.20
N ASN C 283 8.95 -12.84 -9.98
CA ASN C 283 9.83 -11.81 -10.55
C ASN C 283 9.74 -11.70 -12.07
N ILE C 284 8.65 -12.21 -12.63
CA ILE C 284 8.47 -12.33 -14.08
C ILE C 284 8.08 -11.00 -14.71
N ASN C 285 6.94 -10.46 -14.27
CA ASN C 285 6.45 -9.17 -14.73
C ASN C 285 5.59 -8.50 -13.66
N SER C 286 5.79 -7.20 -13.44
CA SER C 286 5.01 -6.44 -12.45
C SER C 286 3.57 -6.11 -12.88
N ARG C 287 3.32 -6.12 -14.19
CA ARG C 287 2.03 -5.71 -14.74
C ARG C 287 1.21 -6.92 -15.16
N THR C 288 0.46 -7.46 -14.21
CA THR C 288 -0.28 -8.69 -14.42
C THR C 288 -1.78 -8.52 -14.28
N VAL C 289 -2.52 -9.38 -14.96
CA VAL C 289 -3.97 -9.44 -14.77
C VAL C 289 -4.40 -10.84 -14.37
N GLY C 290 -5.48 -10.92 -13.61
CA GLY C 290 -6.02 -12.20 -13.17
C GLY C 290 -5.70 -12.47 -11.72
N LYS C 291 -5.59 -13.75 -11.37
CA LYS C 291 -5.23 -14.12 -10.01
C LYS C 291 -3.73 -14.42 -9.95
N CYS C 292 -2.95 -13.41 -9.56
CA CYS C 292 -1.50 -13.54 -9.66
C CYS C 292 -0.79 -13.58 -8.30
N PRO C 293 0.38 -14.26 -8.24
CA PRO C 293 1.32 -14.08 -7.12
C PRO C 293 1.84 -12.63 -7.05
N ARG C 294 2.02 -12.14 -5.83
CA ARG C 294 2.48 -10.76 -5.59
C ARG C 294 3.84 -10.53 -6.29
N TYR C 295 4.00 -9.42 -6.98
CA TYR C 295 5.27 -9.17 -7.67
C TYR C 295 6.34 -8.60 -6.73
N VAL C 296 7.56 -9.16 -6.81
CA VAL C 296 8.74 -8.65 -6.07
C VAL C 296 9.92 -8.25 -6.99
N LYS C 297 10.95 -7.63 -6.42
CA LYS C 297 12.14 -7.24 -7.18
C LYS C 297 13.26 -8.30 -7.20
N GLN C 298 13.21 -9.23 -6.24
CA GLN C 298 14.28 -10.20 -6.07
C GLN C 298 14.16 -11.35 -7.07
N LYS C 299 15.30 -11.80 -7.60
CA LYS C 299 15.38 -12.93 -8.52
C LYS C 299 15.07 -14.21 -7.78
N SER C 300 15.42 -14.23 -6.49
CA SER C 300 15.38 -15.42 -5.66
C SER C 300 15.31 -15.04 -4.17
N LEU C 301 14.59 -15.86 -3.39
CA LEU C 301 14.47 -15.73 -1.93
C LEU C 301 14.19 -17.12 -1.42
N LEU C 302 15.24 -17.80 -0.97
CA LEU C 302 15.12 -19.19 -0.53
C LEU C 302 14.65 -19.32 0.91
N LEU C 303 13.62 -20.15 1.12
CA LEU C 303 13.06 -20.45 2.43
C LEU C 303 13.61 -21.76 2.97
N ALA C 304 14.23 -21.72 4.14
CA ALA C 304 14.87 -22.91 4.71
C ALA C 304 13.84 -23.97 5.09
N THR C 305 14.15 -25.21 4.69
CA THR C 305 13.33 -26.37 4.99
C THR C 305 14.20 -27.43 5.67
N GLY C 306 15.13 -26.96 6.49
CA GLY C 306 16.07 -27.84 7.20
C GLY C 306 17.06 -27.06 8.04
N MET C 307 17.62 -27.71 9.06
CA MET C 307 18.52 -27.08 10.03
C MET C 307 19.82 -26.57 9.43
N ARG C 308 20.70 -26.03 10.29
CA ARG C 308 22.02 -25.59 9.86
C ARG C 308 22.86 -26.77 9.40
N ASN C 309 23.59 -26.55 8.31
CA ASN C 309 24.53 -27.52 7.80
C ASN C 309 25.90 -27.33 8.46
N VAL C 310 26.25 -28.23 9.38
CA VAL C 310 27.56 -28.23 10.02
C VAL C 310 28.33 -29.50 9.63
N PRO C 311 29.12 -29.43 8.54
CA PRO C 311 29.94 -30.54 8.10
C PRO C 311 31.22 -30.63 8.93
N GLU C 312 31.81 -31.82 9.00
CA GLU C 312 33.05 -31.99 9.77
C GLU C 312 34.26 -31.43 9.02
N GLY D 1 22.01 -20.90 16.58
CA GLY D 1 21.00 -21.51 17.51
C GLY D 1 20.87 -20.75 18.81
N LEU D 2 19.62 -20.59 19.25
CA LEU D 2 19.33 -19.96 20.53
C LEU D 2 19.43 -20.95 21.68
N PHE D 3 19.50 -22.24 21.37
CA PHE D 3 19.51 -23.29 22.38
C PHE D 3 20.88 -23.92 22.59
N GLY D 4 21.78 -23.63 21.66
CA GLY D 4 23.20 -23.91 21.83
C GLY D 4 23.61 -25.34 21.60
N ALA D 5 22.82 -26.07 20.81
CA ALA D 5 23.13 -27.45 20.50
C ALA D 5 23.73 -27.58 19.10
N ILE D 6 22.95 -27.25 18.07
CA ILE D 6 23.43 -27.27 16.69
C ILE D 6 24.30 -26.04 16.44
N ALA D 7 25.54 -26.29 16.02
CA ALA D 7 26.60 -25.29 15.93
C ALA D 7 26.91 -24.69 17.30
N GLY D 8 26.69 -25.50 18.33
CA GLY D 8 26.93 -25.14 19.72
C GLY D 8 27.75 -26.23 20.34
N PHE D 9 27.32 -26.76 21.49
CA PHE D 9 28.07 -27.83 22.14
C PHE D 9 28.26 -29.08 21.26
N ILE D 10 27.34 -29.33 20.32
CA ILE D 10 27.53 -30.40 19.35
C ILE D 10 28.46 -29.91 18.24
N GLU D 11 29.64 -30.55 18.16
CA GLU D 11 30.71 -30.13 17.26
C GLU D 11 30.22 -30.00 15.81
N ASN D 12 29.60 -31.04 15.27
CA ASN D 12 29.12 -31.03 13.90
C ASN D 12 27.97 -32.02 13.61
N GLY D 13 27.47 -31.98 12.37
CA GLY D 13 26.47 -32.93 11.93
C GLY D 13 27.11 -34.21 11.43
N TRP D 14 26.27 -35.17 11.10
CA TRP D 14 26.71 -36.48 10.66
C TRP D 14 26.32 -36.76 9.21
N GLU D 15 27.32 -36.77 8.32
CA GLU D 15 27.09 -36.95 6.88
C GLU D 15 26.62 -38.34 6.49
N GLY D 16 26.33 -39.18 7.49
CA GLY D 16 25.87 -40.54 7.26
C GLY D 16 24.60 -40.86 8.01
N LEU D 17 23.85 -39.83 8.38
CA LEU D 17 22.53 -40.02 9.00
C LEU D 17 21.44 -39.84 7.92
N ILE D 18 21.16 -40.93 7.23
CA ILE D 18 20.16 -40.96 6.16
C ILE D 18 18.75 -41.27 6.69
N ASN D 19 18.69 -41.96 7.82
CA ASN D 19 17.44 -42.39 8.44
C ASN D 19 16.52 -41.24 8.82
N GLY D 20 17.09 -40.11 9.23
CA GLY D 20 16.31 -38.96 9.67
C GLY D 20 17.14 -37.70 9.89
N TRP D 21 16.69 -36.86 10.83
CA TRP D 21 17.32 -35.55 11.10
C TRP D 21 18.23 -35.58 12.32
N TYR D 22 17.79 -36.33 13.35
CA TYR D 22 18.50 -36.45 14.62
C TYR D 22 18.66 -37.93 15.02
N GLY D 23 19.82 -38.30 15.55
CA GLY D 23 20.07 -39.71 15.86
C GLY D 23 20.83 -40.04 17.14
N PHE D 24 21.11 -41.33 17.32
CA PHE D 24 21.92 -41.82 18.45
C PHE D 24 23.14 -42.58 17.94
N ARG D 25 24.33 -42.11 18.29
CA ARG D 25 25.56 -42.83 17.96
C ARG D 25 26.18 -43.38 19.25
N HIS D 26 26.13 -44.70 19.39
CA HIS D 26 26.63 -45.37 20.60
C HIS D 26 27.97 -46.06 20.41
N GLN D 27 28.74 -46.12 21.47
CA GLN D 27 30.03 -46.82 21.51
C GLN D 27 30.00 -47.78 22.69
N ASN D 28 30.35 -49.05 22.46
CA ASN D 28 30.45 -50.01 23.56
C ASN D 28 31.44 -51.16 23.30
N ALA D 29 31.35 -52.19 24.14
CA ALA D 29 32.15 -53.39 24.01
C ALA D 29 31.71 -54.19 22.79
N GLN D 30 30.44 -54.04 22.41
CA GLN D 30 29.91 -54.71 21.23
C GLN D 30 30.38 -54.07 19.92
N GLY D 31 30.61 -52.76 19.94
CA GLY D 31 31.04 -52.03 18.75
C GLY D 31 30.19 -50.80 18.49
N GLU D 32 30.62 -49.98 17.53
CA GLU D 32 29.92 -48.73 17.23
C GLU D 32 28.68 -48.98 16.36
N GLY D 33 27.73 -48.05 16.43
CA GLY D 33 26.50 -48.10 15.64
C GLY D 33 25.73 -46.80 15.72
N THR D 34 24.87 -46.56 14.73
CA THR D 34 24.09 -45.32 14.64
C THR D 34 22.61 -45.59 14.31
N ALA D 35 21.73 -44.96 15.09
CA ALA D 35 20.28 -44.99 14.85
C ALA D 35 19.72 -43.58 14.61
N ALA D 36 18.39 -43.45 14.62
CA ALA D 36 17.74 -42.14 14.42
C ALA D 36 16.38 -42.08 15.10
N ASP D 37 16.17 -41.07 15.95
CA ASP D 37 14.90 -40.91 16.69
C ASP D 37 13.80 -40.41 15.76
N TYR D 38 12.78 -41.25 15.56
CA TYR D 38 11.63 -40.89 14.73
C TYR D 38 10.88 -39.70 15.33
N LYS D 39 10.49 -39.83 16.60
CA LYS D 39 9.65 -38.84 17.29
C LYS D 39 10.10 -37.39 17.13
N SER D 40 11.40 -37.15 17.27
CA SER D 40 11.93 -35.78 17.20
C SER D 40 12.19 -35.28 15.77
N THR D 41 12.33 -36.21 14.83
CA THR D 41 12.41 -35.87 13.42
C THR D 41 11.03 -35.44 12.91
N GLN D 42 10.01 -36.22 13.28
CA GLN D 42 8.63 -35.99 12.87
C GLN D 42 8.07 -34.72 13.47
N SER D 43 8.39 -34.49 14.74
CA SER D 43 8.03 -33.25 15.44
C SER D 43 8.58 -32.00 14.75
N ALA D 44 9.74 -32.14 14.12
CA ALA D 44 10.39 -31.03 13.44
C ALA D 44 9.92 -30.85 11.99
N ILE D 45 9.54 -31.95 11.33
CA ILE D 45 9.12 -31.89 9.92
C ILE D 45 7.75 -31.23 9.72
N ASP D 46 6.83 -31.47 10.64
CA ASP D 46 5.49 -30.89 10.58
C ASP D 46 5.49 -29.39 10.78
N GLN D 47 6.46 -28.91 11.56
CA GLN D 47 6.61 -27.48 11.84
C GLN D 47 7.21 -26.77 10.63
N ILE D 48 8.00 -27.50 9.86
CA ILE D 48 8.44 -27.02 8.56
C ILE D 48 7.31 -27.19 7.52
N THR D 49 6.63 -28.33 7.52
CA THR D 49 5.50 -28.55 6.58
C THR D 49 4.43 -27.49 6.79
N GLY D 50 4.09 -27.24 8.06
CA GLY D 50 3.14 -26.20 8.43
C GLY D 50 3.54 -24.80 7.98
N LYS D 51 4.85 -24.53 7.93
CA LYS D 51 5.34 -23.26 7.40
C LYS D 51 5.08 -23.12 5.91
N LEU D 52 5.24 -24.21 5.18
CA LEU D 52 5.02 -24.21 3.73
C LEU D 52 3.55 -24.22 3.40
N ASN D 53 2.74 -24.86 4.24
CA ASN D 53 1.29 -24.86 4.07
C ASN D 53 0.67 -23.47 4.06
N ARG D 54 1.15 -22.57 4.92
CA ARG D 54 0.63 -21.20 4.93
C ARG D 54 1.09 -20.35 3.74
N LEU D 55 2.29 -20.67 3.20
CA LEU D 55 2.89 -19.87 2.11
C LEU D 55 2.63 -20.37 0.68
N ILE D 56 2.43 -21.67 0.53
CA ILE D 56 2.17 -22.28 -0.78
C ILE D 56 0.66 -22.45 -0.98
N GLY D 57 0.23 -22.42 -2.24
CA GLY D 57 -1.17 -22.63 -2.59
C GLY D 57 -2.09 -21.53 -2.10
N LYS D 58 -1.54 -20.34 -1.91
CA LYS D 58 -2.33 -19.18 -1.51
C LYS D 58 -3.26 -18.79 -2.65
N THR D 59 -4.54 -18.61 -2.34
CA THR D 59 -5.50 -18.07 -3.32
C THR D 59 -5.33 -16.56 -3.38
N ASN D 60 -5.05 -16.04 -4.56
CA ASN D 60 -4.88 -14.60 -4.73
C ASN D 60 -6.12 -13.95 -5.30
N GLN D 61 -6.29 -12.66 -5.02
CA GLN D 61 -7.44 -11.94 -5.55
C GLN D 61 -7.24 -11.49 -6.99
N GLN D 62 -8.34 -11.33 -7.70
CA GLN D 62 -8.30 -10.93 -9.10
C GLN D 62 -7.94 -9.46 -9.23
N PHE D 63 -7.16 -9.15 -10.26
CA PHE D 63 -6.82 -7.79 -10.61
C PHE D 63 -6.97 -7.59 -12.11
N GLU D 64 -7.59 -6.47 -12.48
CA GLU D 64 -7.84 -6.15 -13.88
C GLU D 64 -6.85 -5.10 -14.38
N LEU D 65 -6.81 -4.90 -15.70
CA LEU D 65 -5.99 -3.86 -16.30
C LEU D 65 -6.46 -2.46 -15.94
N ILE D 66 -5.52 -1.60 -15.56
CA ILE D 66 -5.84 -0.20 -15.29
C ILE D 66 -5.20 0.75 -16.30
N ASP D 67 -4.26 0.22 -17.07
CA ASP D 67 -3.57 0.98 -18.10
C ASP D 67 -3.63 0.23 -19.43
N ASN D 68 -2.83 0.68 -20.39
CA ASN D 68 -2.95 0.27 -21.77
C ASN D 68 -1.63 0.46 -22.49
N GLU D 69 -0.99 -0.64 -22.86
CA GLU D 69 0.32 -0.59 -23.50
C GLU D 69 0.26 -0.43 -25.02
N PHE D 70 -0.94 -0.53 -25.60
CA PHE D 70 -1.13 -0.32 -27.04
C PHE D 70 -1.52 1.13 -27.38
N ASN D 71 -2.52 1.65 -26.69
CA ASN D 71 -2.98 3.03 -26.87
C ASN D 71 -2.88 3.76 -25.54
N GLU D 72 -1.81 4.53 -25.36
CA GLU D 72 -1.47 5.08 -24.03
C GLU D 72 -2.46 6.10 -23.47
N ILE D 73 -2.65 6.07 -22.15
CA ILE D 73 -3.69 6.86 -21.44
C ILE D 73 -3.25 8.26 -20.98
N GLU D 74 -4.21 9.06 -20.53
CA GLU D 74 -3.95 10.43 -20.05
C GLU D 74 -2.91 10.46 -18.93
N GLN D 75 -1.79 11.11 -19.21
CA GLN D 75 -0.57 10.97 -18.41
C GLN D 75 -0.69 11.40 -16.94
N GLN D 76 -1.67 12.24 -16.64
CA GLN D 76 -2.01 12.56 -15.25
C GLN D 76 -2.32 11.27 -14.46
N ILE D 77 -3.39 10.59 -14.86
CA ILE D 77 -3.78 9.31 -14.28
C ILE D 77 -2.63 8.33 -14.45
N GLY D 78 -2.09 8.28 -15.66
CA GLY D 78 -1.00 7.36 -15.99
C GLY D 78 0.08 7.35 -14.94
N ASN D 79 0.69 8.52 -14.71
CA ASN D 79 1.77 8.69 -13.74
C ASN D 79 1.35 8.36 -12.32
N VAL D 80 0.12 8.69 -11.96
CA VAL D 80 -0.41 8.33 -10.65
C VAL D 80 -0.38 6.83 -10.47
N ILE D 81 -0.83 6.11 -11.51
CA ILE D 81 -0.77 4.66 -11.53
C ILE D 81 0.66 4.18 -11.29
N ASN D 82 1.58 4.59 -12.17
CA ASN D 82 2.98 4.18 -12.06
C ASN D 82 3.53 4.42 -10.68
N TRP D 83 3.27 5.60 -10.13
CA TRP D 83 3.73 6.00 -8.82
C TRP D 83 3.25 5.05 -7.73
N THR D 84 1.97 4.70 -7.79
CA THR D 84 1.35 3.75 -6.88
C THR D 84 1.96 2.37 -7.05
N ARG D 85 2.01 1.92 -8.30
CA ARG D 85 2.55 0.63 -8.64
C ARG D 85 3.94 0.46 -8.03
N ASP D 86 4.79 1.46 -8.23
CA ASP D 86 6.15 1.45 -7.71
C ASP D 86 6.20 1.28 -6.20
N ALA D 87 5.31 1.96 -5.49
CA ALA D 87 5.21 1.82 -4.05
C ALA D 87 4.72 0.42 -3.63
N MET D 88 3.77 -0.13 -4.38
CA MET D 88 3.25 -1.46 -4.09
C MET D 88 4.37 -2.48 -4.16
N THR D 89 5.17 -2.40 -5.22
CA THR D 89 6.32 -3.28 -5.41
C THR D 89 7.29 -3.15 -4.25
N GLU D 90 7.52 -1.93 -3.79
CA GLU D 90 8.46 -1.70 -2.71
C GLU D 90 7.99 -2.29 -1.40
N ILE D 91 6.69 -2.24 -1.16
CA ILE D 91 6.12 -2.81 0.06
C ILE D 91 6.29 -4.31 0.03
N TRP D 92 5.91 -4.95 -1.08
CA TRP D 92 5.98 -6.39 -1.20
C TRP D 92 7.40 -6.93 -1.20
N SER D 93 8.31 -6.25 -1.89
CA SER D 93 9.70 -6.64 -1.90
C SER D 93 10.26 -6.60 -0.49
N TYR D 94 9.90 -5.55 0.26
CA TYR D 94 10.26 -5.43 1.66
C TYR D 94 9.71 -6.58 2.48
N ASN D 95 8.45 -6.92 2.25
CA ASN D 95 7.77 -7.97 3.00
C ASN D 95 8.30 -9.35 2.68
N ALA D 96 8.57 -9.61 1.41
CA ALA D 96 9.20 -10.86 1.01
C ALA D 96 10.62 -10.98 1.59
N GLU D 97 11.41 -9.91 1.52
CA GLU D 97 12.73 -9.92 2.15
C GLU D 97 12.58 -10.27 3.64
N LEU D 98 11.57 -9.70 4.29
CA LEU D 98 11.39 -9.86 5.73
C LEU D 98 10.75 -11.19 6.14
N LEU D 99 9.73 -11.63 5.41
CA LEU D 99 9.04 -12.88 5.72
C LEU D 99 10.03 -14.03 5.76
N VAL D 100 10.70 -14.27 4.63
CA VAL D 100 11.74 -15.28 4.54
C VAL D 100 12.82 -15.10 5.61
N ALA D 101 13.41 -13.91 5.72
CA ALA D 101 14.48 -13.66 6.71
C ALA D 101 14.01 -14.01 8.12
N MET D 102 12.82 -13.53 8.46
CA MET D 102 12.19 -13.82 9.74
C MET D 102 11.81 -15.30 9.91
N GLU D 103 11.24 -15.93 8.88
CA GLU D 103 10.86 -17.36 8.92
C GLU D 103 12.06 -18.30 9.00
N ASN D 104 13.12 -17.98 8.25
CA ASN D 104 14.35 -18.77 8.28
C ASN D 104 15.00 -18.74 9.67
N GLN D 105 14.98 -17.57 10.30
CA GLN D 105 15.48 -17.45 11.67
C GLN D 105 14.73 -18.47 12.55
N HIS D 106 13.40 -18.38 12.56
CA HIS D 106 12.61 -19.28 13.39
C HIS D 106 12.82 -20.75 13.04
N THR D 107 13.06 -21.03 11.76
CA THR D 107 13.29 -22.41 11.31
C THR D 107 14.59 -22.99 11.88
N ILE D 108 15.68 -22.24 11.77
CA ILE D 108 16.96 -22.66 12.30
C ILE D 108 16.90 -22.94 13.81
N ASP D 109 16.31 -22.00 14.55
CA ASP D 109 16.21 -22.10 16.01
C ASP D 109 15.24 -23.18 16.47
N LEU D 110 14.19 -23.40 15.67
CA LEU D 110 13.22 -24.46 15.92
C LEU D 110 13.86 -25.83 15.78
N ALA D 111 14.72 -26.01 14.78
CA ALA D 111 15.44 -27.26 14.62
C ALA D 111 16.45 -27.44 15.76
N ASP D 112 17.00 -26.34 16.25
CA ASP D 112 17.95 -26.39 17.36
C ASP D 112 17.28 -26.77 18.67
N SER D 113 16.09 -26.22 18.92
CA SER D 113 15.35 -26.57 20.12
C SER D 113 15.07 -28.06 20.14
N GLU D 114 14.71 -28.60 18.96
CA GLU D 114 14.46 -30.02 18.83
C GLU D 114 15.65 -30.85 19.27
N MET D 115 16.84 -30.45 18.84
CA MET D 115 18.08 -31.07 19.28
C MET D 115 18.22 -30.98 20.79
N SER D 116 18.02 -29.76 21.30
CA SER D 116 18.08 -29.51 22.73
C SER D 116 17.11 -30.38 23.50
N LYS D 117 15.87 -30.46 23.03
CA LYS D 117 14.83 -31.27 23.68
C LYS D 117 15.21 -32.74 23.81
N LEU D 118 15.70 -33.32 22.72
CA LEU D 118 16.00 -34.75 22.66
C LEU D 118 17.14 -35.10 23.60
N TYR D 119 18.15 -34.24 23.63
CA TYR D 119 19.24 -34.30 24.57
C TYR D 119 18.70 -34.23 25.99
N GLU D 120 17.86 -33.22 26.23
CA GLU D 120 17.24 -33.06 27.55
C GLU D 120 16.56 -34.33 28.04
N ARG D 121 15.76 -34.95 27.17
CA ARG D 121 15.06 -36.18 27.56
C ARG D 121 16.05 -37.26 27.98
N VAL D 122 17.01 -37.57 27.12
CA VAL D 122 17.98 -38.64 27.39
C VAL D 122 18.71 -38.37 28.70
N LYS D 123 19.10 -37.12 28.94
CA LYS D 123 19.73 -36.73 30.20
C LYS D 123 18.87 -37.17 31.37
N LYS D 124 17.61 -36.76 31.37
CA LYS D 124 16.68 -37.05 32.45
C LYS D 124 16.30 -38.53 32.54
N GLN D 125 16.34 -39.20 31.39
CA GLN D 125 16.07 -40.62 31.30
C GLN D 125 17.17 -41.42 31.99
N LEU D 126 18.42 -40.99 31.80
CA LEU D 126 19.58 -41.68 32.37
C LEU D 126 19.82 -41.41 33.86
N ARG D 127 19.20 -40.36 34.40
CA ARG D 127 19.18 -40.12 35.84
C ARG D 127 20.57 -39.97 36.43
N GLU D 128 20.88 -40.74 37.48
CA GLU D 128 22.21 -40.74 38.07
C GLU D 128 23.13 -41.85 37.52
N ASN D 129 22.75 -42.44 36.38
CA ASN D 129 23.53 -43.52 35.77
C ASN D 129 24.54 -43.09 34.72
N ALA D 130 24.47 -41.84 34.27
CA ALA D 130 25.42 -41.33 33.28
C ALA D 130 25.76 -39.86 33.47
N GLU D 131 26.90 -39.45 32.94
CA GLU D 131 27.35 -38.06 33.03
C GLU D 131 27.59 -37.46 31.65
N GLU D 132 27.10 -36.24 31.45
CA GLU D 132 27.27 -35.57 30.17
C GLU D 132 28.69 -35.06 29.99
N ASP D 133 29.25 -35.31 28.80
CA ASP D 133 30.63 -34.97 28.51
C ASP D 133 30.82 -33.53 28.07
N GLY D 134 29.74 -32.86 27.67
CA GLY D 134 29.81 -31.46 27.26
C GLY D 134 29.87 -31.22 25.77
N THR D 135 30.03 -32.28 24.99
CA THR D 135 29.98 -32.17 23.53
C THR D 135 28.79 -32.95 22.95
N GLY D 136 27.86 -33.35 23.80
CA GLY D 136 26.67 -34.05 23.35
C GLY D 136 26.70 -35.54 23.62
N CYS D 137 27.71 -36.02 24.33
CA CYS D 137 27.79 -37.43 24.70
C CYS D 137 27.43 -37.66 26.16
N PHE D 138 26.87 -38.83 26.44
CA PHE D 138 26.66 -39.32 27.79
C PHE D 138 27.57 -40.51 28.07
N GLU D 139 28.46 -40.38 29.06
CA GLU D 139 29.22 -41.51 29.52
C GLU D 139 28.35 -42.33 30.46
N ILE D 140 27.82 -43.44 29.95
CA ILE D 140 27.07 -44.40 30.76
C ILE D 140 28.07 -45.09 31.67
N PHE D 141 27.73 -45.22 32.96
CA PHE D 141 28.69 -45.79 33.90
C PHE D 141 28.59 -47.29 34.17
N HIS D 142 27.50 -47.91 33.72
CA HIS D 142 27.38 -49.37 33.76
C HIS D 142 27.62 -49.94 32.37
N LYS D 143 28.09 -51.19 32.30
CA LYS D 143 28.31 -51.85 31.01
C LYS D 143 26.98 -52.04 30.31
N CYS D 144 26.92 -51.57 29.07
CA CYS D 144 25.67 -51.43 28.35
C CYS D 144 25.79 -51.89 26.89
N ASP D 145 25.24 -53.07 26.61
CA ASP D 145 25.38 -53.70 25.29
C ASP D 145 24.43 -53.13 24.23
N ASP D 146 24.34 -53.79 23.09
CA ASP D 146 23.47 -53.35 21.99
C ASP D 146 21.97 -53.42 22.34
N GLN D 147 21.61 -54.40 23.16
CA GLN D 147 20.25 -54.53 23.70
C GLN D 147 19.92 -53.38 24.67
N CYS D 148 20.93 -53.03 25.47
CA CYS D 148 20.82 -52.00 26.47
C CYS D 148 20.68 -50.61 25.84
N MET D 149 21.56 -50.27 24.90
CA MET D 149 21.51 -49.00 24.16
C MET D 149 20.16 -48.84 23.47
N GLU D 150 19.63 -49.98 22.99
CA GLU D 150 18.28 -50.08 22.45
C GLU D 150 17.25 -49.47 23.39
N SER D 151 17.29 -49.84 24.68
CA SER D 151 16.28 -49.40 25.65
C SER D 151 16.22 -47.90 25.80
N ILE D 152 17.34 -47.23 25.55
CA ILE D 152 17.38 -45.77 25.60
C ILE D 152 16.70 -45.15 24.38
N ARG D 153 17.09 -45.57 23.19
CA ARG D 153 16.44 -45.13 21.95
C ARG D 153 14.94 -45.42 21.98
N ASN D 154 14.60 -46.70 22.21
CA ASN D 154 13.23 -47.19 22.36
C ASN D 154 12.49 -46.53 23.53
N ASN D 155 13.22 -45.74 24.31
CA ASN D 155 12.68 -44.95 25.42
C ASN D 155 12.01 -45.78 26.52
N THR D 156 12.67 -46.89 26.87
CA THR D 156 12.17 -47.83 27.86
C THR D 156 13.33 -48.35 28.71
N TYR D 157 13.99 -47.40 29.38
CA TYR D 157 15.19 -47.68 30.18
C TYR D 157 14.88 -47.60 31.67
N ASP D 158 14.81 -48.77 32.31
CA ASP D 158 14.61 -48.86 33.74
C ASP D 158 15.94 -48.53 34.42
N HIS D 159 16.03 -47.31 34.97
CA HIS D 159 17.28 -46.85 35.58
C HIS D 159 17.66 -47.59 36.86
N THR D 160 16.66 -48.04 37.62
CA THR D 160 16.83 -48.75 38.89
C THR D 160 17.72 -49.98 38.75
N GLN D 161 17.49 -50.71 37.65
CA GLN D 161 18.26 -51.89 37.27
C GLN D 161 19.78 -51.69 37.29
N TYR D 162 20.24 -50.48 36.95
CA TYR D 162 21.68 -50.24 36.81
C TYR D 162 22.26 -49.21 37.78
N ARG D 163 21.47 -48.78 38.76
CA ARG D 163 21.84 -47.69 39.67
C ARG D 163 22.97 -48.05 40.64
N THR D 164 22.71 -48.96 41.57
CA THR D 164 23.72 -49.43 42.53
C THR D 164 25.05 -49.66 41.81
N GLU D 165 24.99 -50.38 40.68
CA GLU D 165 26.17 -50.74 39.92
C GLU D 165 26.93 -49.53 39.34
N SER D 166 26.24 -48.65 38.64
CA SER D 166 26.92 -47.52 38.00
C SER D 166 27.25 -46.40 38.97
N LEU D 167 26.60 -46.40 40.13
CA LEU D 167 26.94 -45.45 41.19
C LEU D 167 28.29 -45.76 41.80
N GLN D 168 28.52 -47.03 42.12
CA GLN D 168 29.78 -47.48 42.68
C GLN D 168 30.93 -47.09 41.77
N ASN D 169 30.69 -47.17 40.46
CA ASN D 169 31.66 -46.76 39.46
C ASN D 169 31.95 -45.27 39.46
N ARG D 170 30.96 -44.48 39.90
CA ARG D 170 31.09 -43.02 39.90
C ARG D 170 31.96 -42.48 41.05
N ILE D 171 32.21 -43.30 42.06
CA ILE D 171 33.15 -42.94 43.14
C ILE D 171 34.50 -43.67 42.96
N GLN D 172 34.46 -44.99 43.00
CA GLN D 172 35.66 -45.85 42.95
C GLN D 172 36.67 -45.57 44.08
N GLY E 4 8.55 -42.57 48.29
CA GLY E 4 9.18 -41.24 48.54
C GLY E 4 8.25 -40.07 48.24
N ASP E 5 8.40 -38.99 48.99
CA ASP E 5 7.61 -37.78 48.80
C ASP E 5 8.08 -36.97 47.59
N LYS E 6 7.17 -36.25 46.96
CA LYS E 6 7.47 -35.50 45.75
C LYS E 6 6.63 -34.25 45.55
N ILE E 7 7.22 -33.26 44.89
CA ILE E 7 6.51 -32.07 44.44
C ILE E 7 6.54 -31.99 42.92
N CYS E 8 5.35 -31.85 42.33
CA CYS E 8 5.22 -31.82 40.88
C CYS E 8 4.80 -30.44 40.40
N LEU E 9 5.18 -30.15 39.16
CA LEU E 9 4.91 -28.85 38.57
C LEU E 9 3.97 -28.96 37.39
N GLY E 10 3.20 -27.89 37.15
CA GLY E 10 2.20 -27.89 36.08
C GLY E 10 1.57 -26.53 35.85
N HIS E 11 0.57 -26.54 34.96
CA HIS E 11 -0.10 -25.33 34.52
C HIS E 11 -1.59 -25.60 34.46
N HIS E 12 -2.41 -24.55 34.41
CA HIS E 12 -3.86 -24.76 34.32
C HIS E 12 -4.29 -25.35 32.98
N ALA E 13 -5.53 -25.82 32.94
CA ALA E 13 -6.12 -26.28 31.69
C ALA E 13 -7.62 -26.07 31.73
N VAL E 14 -8.27 -26.29 30.58
CA VAL E 14 -9.72 -26.25 30.46
C VAL E 14 -10.23 -27.35 29.51
N ALA E 15 -11.55 -27.47 29.41
CA ALA E 15 -12.17 -28.14 28.27
C ALA E 15 -12.54 -27.07 27.22
N ASN E 16 -12.94 -25.89 27.69
CA ASN E 16 -13.35 -24.74 26.83
C ASN E 16 -12.20 -24.03 26.08
N GLY E 17 -11.44 -24.77 25.28
CA GLY E 17 -10.28 -24.22 24.58
C GLY E 17 -10.54 -23.79 23.14
N THR E 18 -9.92 -22.68 22.74
CA THR E 18 -10.10 -22.08 21.40
C THR E 18 -8.98 -22.46 20.43
N LYS E 19 -9.35 -22.87 19.22
CA LYS E 19 -8.38 -23.21 18.17
C LYS E 19 -7.87 -21.94 17.48
N VAL E 20 -6.55 -21.77 17.44
CA VAL E 20 -5.94 -20.60 16.79
C VAL E 20 -4.82 -20.98 15.80
N ASN E 21 -4.33 -19.99 15.04
CA ASN E 21 -3.31 -20.26 14.04
C ASN E 21 -1.95 -19.67 14.38
N THR E 22 -0.91 -20.47 14.17
CA THR E 22 0.49 -20.06 14.37
C THR E 22 1.24 -20.26 13.06
N LEU E 23 2.52 -19.88 13.05
CA LEU E 23 3.37 -20.00 11.86
C LEU E 23 3.59 -21.45 11.47
N THR E 24 3.36 -22.35 12.43
CA THR E 24 3.70 -23.76 12.34
C THR E 24 2.48 -24.66 12.15
N GLU E 25 1.36 -24.30 12.77
CA GLU E 25 0.18 -25.13 12.70
C GLU E 25 -1.09 -24.32 12.58
N ARG E 26 -1.98 -24.78 11.71
CA ARG E 26 -3.31 -24.23 11.61
C ARG E 26 -4.22 -25.07 12.52
N GLY E 27 -4.76 -24.45 13.56
CA GLY E 27 -5.76 -25.10 14.42
C GLY E 27 -5.23 -25.81 15.66
N ILE E 28 -4.22 -25.21 16.28
CA ILE E 28 -3.73 -25.63 17.59
C ILE E 28 -4.66 -25.02 18.65
N GLU E 29 -4.79 -25.70 19.79
CA GLU E 29 -5.75 -25.26 20.81
C GLU E 29 -5.08 -24.53 21.97
N VAL E 30 -5.51 -23.30 22.23
CA VAL E 30 -5.02 -22.52 23.36
C VAL E 30 -6.09 -22.39 24.46
N VAL E 31 -5.64 -22.04 25.66
CA VAL E 31 -6.52 -21.85 26.80
C VAL E 31 -7.54 -20.75 26.53
N ASN E 32 -7.07 -19.61 26.06
CA ASN E 32 -7.96 -18.48 25.81
C ASN E 32 -7.53 -17.65 24.61
N ALA E 33 -8.51 -17.13 23.89
CA ALA E 33 -8.25 -16.31 22.72
C ALA E 33 -9.12 -15.06 22.73
N THR E 34 -8.97 -14.22 21.72
CA THR E 34 -9.71 -12.98 21.63
C THR E 34 -9.70 -12.46 20.19
N GLU E 35 -10.88 -12.36 19.59
CA GLU E 35 -11.05 -11.93 18.20
C GLU E 35 -10.39 -10.57 17.93
N THR E 36 -9.73 -10.43 16.78
CA THR E 36 -9.05 -9.16 16.43
C THR E 36 -9.71 -8.44 15.25
N VAL E 37 -10.60 -9.13 14.55
CA VAL E 37 -11.33 -8.55 13.43
C VAL E 37 -12.74 -8.21 13.90
N GLU E 38 -13.19 -7.00 13.62
CA GLU E 38 -14.53 -6.56 13.99
C GLU E 38 -15.52 -6.96 12.91
N THR E 39 -16.61 -7.60 13.30
CA THR E 39 -17.69 -7.91 12.35
C THR E 39 -19.05 -7.36 12.77
N THR E 40 -19.10 -6.71 13.94
CA THR E 40 -20.37 -6.22 14.49
C THR E 40 -20.64 -4.79 14.07
N ASN E 41 -21.54 -4.67 13.10
CA ASN E 41 -21.97 -3.39 12.54
C ASN E 41 -23.12 -2.78 13.31
N ILE E 42 -23.09 -1.46 13.39
CA ILE E 42 -24.24 -0.71 13.85
C ILE E 42 -24.92 -0.13 12.62
N LYS E 43 -26.21 -0.46 12.44
CA LYS E 43 -27.00 -0.02 11.27
C LYS E 43 -27.41 1.44 11.34
N LYS E 44 -26.67 2.26 12.08
CA LYS E 44 -27.04 3.64 12.35
C LYS E 44 -25.84 4.53 12.07
N ILE E 45 -26.09 5.80 11.75
CA ILE E 45 -25.03 6.81 11.71
C ILE E 45 -24.96 7.37 13.12
N CYS E 46 -23.77 7.29 13.73
CA CYS E 46 -23.58 7.69 15.12
C CYS E 46 -23.12 9.13 15.27
N THR E 47 -24.00 9.94 15.84
CA THR E 47 -23.88 11.40 15.78
C THR E 47 -23.66 12.06 17.13
N GLN E 48 -23.46 11.24 18.16
CA GLN E 48 -23.27 11.75 19.51
C GLN E 48 -21.89 12.38 19.64
N GLY E 49 -21.83 13.51 20.32
CA GLY E 49 -20.60 14.26 20.51
C GLY E 49 -20.22 15.07 19.28
N LYS E 50 -20.93 14.83 18.18
CA LYS E 50 -20.73 15.58 16.95
C LYS E 50 -21.89 16.53 16.72
N ARG E 51 -21.99 17.09 15.51
CA ARG E 51 -23.07 18.00 15.14
C ARG E 51 -23.39 17.74 13.67
N PRO E 52 -24.33 16.82 13.41
CA PRO E 52 -24.54 16.29 12.06
C PRO E 52 -25.41 17.20 11.21
N THR E 53 -25.46 16.94 9.90
CA THR E 53 -26.42 17.59 9.01
C THR E 53 -26.84 16.59 7.94
N ASP E 54 -27.99 15.94 8.15
CA ASP E 54 -28.56 15.01 7.20
C ASP E 54 -29.21 15.83 6.10
N LEU E 55 -28.78 15.61 4.86
CA LEU E 55 -29.21 16.45 3.75
C LEU E 55 -30.50 16.01 3.06
N GLY E 56 -30.88 14.75 3.23
CA GLY E 56 -32.15 14.22 2.70
C GLY E 56 -32.34 14.47 1.21
N GLN E 57 -33.48 15.05 0.87
CA GLN E 57 -33.83 15.40 -0.52
C GLN E 57 -32.92 16.48 -1.11
N CYS E 58 -32.14 17.12 -0.26
CA CYS E 58 -31.25 18.14 -0.69
C CYS E 58 -29.91 17.56 -1.09
N GLY E 59 -29.58 17.62 -2.38
CA GLY E 59 -28.25 17.25 -2.86
C GLY E 59 -27.22 18.23 -2.34
N LEU E 60 -26.01 17.75 -2.10
CA LEU E 60 -24.96 18.57 -1.51
C LEU E 60 -24.78 19.95 -2.17
N LEU E 61 -24.41 19.96 -3.46
CA LEU E 61 -24.15 21.22 -4.18
C LEU E 61 -25.38 22.11 -4.28
N GLY E 62 -26.54 21.57 -3.89
CA GLY E 62 -27.77 22.34 -3.85
C GLY E 62 -27.68 23.45 -2.83
N THR E 63 -26.86 23.24 -1.81
CA THR E 63 -26.66 24.24 -0.75
C THR E 63 -26.01 25.53 -1.25
N LEU E 64 -25.56 25.52 -2.51
CA LEU E 64 -24.88 26.70 -3.07
C LEU E 64 -25.83 27.58 -3.86
N ILE E 65 -26.79 26.96 -4.54
CA ILE E 65 -27.66 27.67 -5.47
C ILE E 65 -29.10 27.79 -4.96
N GLY E 66 -29.55 26.81 -4.19
CA GLY E 66 -30.83 26.89 -3.50
C GLY E 66 -32.10 26.52 -4.27
N PRO E 67 -32.16 25.29 -4.81
CA PRO E 67 -33.43 24.77 -5.30
C PRO E 67 -34.36 24.51 -4.11
N PRO E 68 -35.68 24.35 -4.34
CA PRO E 68 -36.63 24.19 -3.22
C PRO E 68 -36.28 23.07 -2.20
N GLN E 69 -35.67 21.97 -2.65
CA GLN E 69 -35.29 20.87 -1.75
C GLN E 69 -34.28 21.34 -0.71
N CYS E 70 -33.48 22.33 -1.06
CA CYS E 70 -32.34 22.72 -0.25
C CYS E 70 -32.54 24.02 0.52
N ASP E 71 -33.77 24.37 0.83
CA ASP E 71 -34.04 25.68 1.43
C ASP E 71 -33.54 25.87 2.86
N GLN E 72 -33.63 24.82 3.69
CA GLN E 72 -33.22 24.93 5.08
C GLN E 72 -31.74 24.62 5.27
N PHE E 73 -31.06 24.30 4.17
CA PHE E 73 -29.63 23.98 4.19
C PHE E 73 -28.75 25.02 3.49
N LEU E 74 -29.30 26.20 3.24
CA LEU E 74 -28.57 27.28 2.59
C LEU E 74 -27.37 27.77 3.39
N GLU E 75 -27.53 27.87 4.71
CA GLU E 75 -26.43 28.08 5.63
C GLU E 75 -26.57 27.03 6.71
N PHE E 76 -25.53 26.23 6.89
CA PHE E 76 -25.57 25.21 7.91
C PHE E 76 -24.20 25.07 8.57
N SER E 77 -24.23 24.65 9.82
CA SER E 77 -23.02 24.43 10.60
C SER E 77 -22.96 22.97 10.97
N SER E 78 -21.85 22.31 10.67
CA SER E 78 -21.77 20.86 10.75
C SER E 78 -20.35 20.33 10.77
N ASP E 79 -20.13 19.23 11.50
CA ASP E 79 -18.86 18.49 11.42
C ASP E 79 -19.06 17.06 10.90
N LEU E 80 -20.29 16.77 10.47
CA LEU E 80 -20.61 15.49 9.87
C LEU E 80 -21.74 15.66 8.86
N ILE E 81 -21.36 15.85 7.60
CA ILE E 81 -22.31 16.04 6.51
C ILE E 81 -22.72 14.68 5.92
N ILE E 82 -24.02 14.40 5.94
CA ILE E 82 -24.55 13.14 5.39
C ILE E 82 -25.33 13.33 4.09
N GLU E 83 -24.79 12.82 2.99
CA GLU E 83 -25.51 12.77 1.72
C GLU E 83 -26.48 11.59 1.71
N ARG E 84 -27.54 11.71 0.92
CA ARG E 84 -28.54 10.67 0.77
C ARG E 84 -28.76 10.32 -0.69
N ARG E 85 -29.08 9.06 -0.96
CA ARG E 85 -29.39 8.58 -2.30
C ARG E 85 -30.41 9.47 -3.02
N GLU E 86 -31.40 9.96 -2.28
CA GLU E 86 -32.48 10.77 -2.85
C GLU E 86 -32.14 12.25 -3.12
N GLY E 87 -31.02 12.73 -2.57
CA GLY E 87 -30.66 14.15 -2.69
C GLY E 87 -30.50 14.57 -4.14
N THR E 88 -30.98 15.77 -4.48
CA THR E 88 -30.85 16.34 -5.84
C THR E 88 -30.20 17.72 -5.80
N ASP E 89 -29.31 17.98 -6.75
CA ASP E 89 -28.59 19.26 -6.78
C ASP E 89 -29.39 20.36 -7.48
N ILE E 90 -30.30 19.98 -8.38
CA ILE E 90 -30.99 20.94 -9.28
C ILE E 90 -32.53 20.83 -9.30
N CYS E 91 -33.18 21.90 -9.78
CA CYS E 91 -34.62 21.85 -10.10
C CYS E 91 -34.85 21.99 -11.61
N TYR E 92 -34.14 22.93 -12.23
CA TYR E 92 -34.17 23.13 -13.68
C TYR E 92 -32.98 22.38 -14.28
N PRO E 93 -33.19 21.65 -15.40
CA PRO E 93 -32.14 20.87 -16.07
C PRO E 93 -30.81 21.62 -16.24
N GLY E 94 -29.72 21.00 -15.81
CA GLY E 94 -28.39 21.63 -15.84
C GLY E 94 -27.41 20.95 -14.91
N ARG E 95 -26.11 21.22 -15.12
CA ARG E 95 -25.05 20.53 -14.37
C ARG E 95 -23.89 21.45 -13.99
N PHE E 96 -23.19 21.08 -12.92
CA PHE E 96 -21.97 21.77 -12.49
C PHE E 96 -20.73 21.31 -13.24
N THR E 97 -19.73 22.18 -13.37
CA THR E 97 -18.43 21.77 -13.91
C THR E 97 -17.51 21.33 -12.77
N ASN E 98 -16.71 20.29 -13.02
CA ASN E 98 -15.92 19.59 -11.98
C ASN E 98 -16.75 19.44 -10.72
N GLU E 99 -17.91 18.80 -10.88
CA GLU E 99 -18.85 18.62 -9.77
C GLU E 99 -18.28 17.82 -8.61
N GLU E 100 -17.56 16.75 -8.94
CA GLU E 100 -16.99 15.88 -7.91
C GLU E 100 -15.93 16.63 -7.11
N SER E 101 -15.08 17.39 -7.80
CA SER E 101 -14.09 18.23 -7.14
C SER E 101 -14.77 19.16 -6.15
N LEU E 102 -15.86 19.80 -6.57
CA LEU E 102 -16.58 20.71 -5.71
C LEU E 102 -17.17 19.98 -4.52
N ARG E 103 -17.83 18.85 -4.79
CA ARG E 103 -18.37 18.01 -3.73
C ARG E 103 -17.33 17.69 -2.68
N GLN E 104 -16.12 17.36 -3.12
CA GLN E 104 -15.07 16.96 -2.20
C GLN E 104 -14.61 18.10 -1.31
N ILE E 105 -14.59 19.32 -1.86
CA ILE E 105 -14.16 20.45 -1.04
C ILE E 105 -15.31 20.94 -0.14
N LEU E 106 -16.54 20.73 -0.57
CA LEU E 106 -17.71 21.03 0.28
C LEU E 106 -17.84 20.10 1.50
N ARG E 107 -17.46 18.84 1.34
CA ARG E 107 -17.63 17.86 2.40
C ARG E 107 -16.73 18.13 3.61
N ARG E 108 -15.59 18.78 3.39
CA ARG E 108 -14.66 19.10 4.47
C ARG E 108 -14.68 20.57 4.89
N SER E 109 -15.69 21.28 4.41
CA SER E 109 -15.84 22.71 4.63
C SER E 109 -16.12 23.09 6.09
N GLY E 110 -16.80 22.20 6.80
CA GLY E 110 -17.36 22.52 8.11
C GLY E 110 -18.74 23.13 7.99
N GLY E 111 -19.28 23.10 6.78
CA GLY E 111 -20.56 23.72 6.48
C GLY E 111 -20.31 25.07 5.85
N ILE E 112 -21.39 25.72 5.40
CA ILE E 112 -21.24 27.03 4.78
C ILE E 112 -21.96 28.15 5.52
N GLY E 113 -21.43 29.35 5.31
CA GLY E 113 -22.08 30.59 5.73
C GLY E 113 -22.24 31.38 4.46
N LYS E 114 -23.36 32.08 4.33
CA LYS E 114 -23.65 32.80 3.10
C LYS E 114 -23.58 34.31 3.29
N GLU E 115 -23.00 35.00 2.32
CA GLU E 115 -22.99 36.45 2.37
C GLU E 115 -23.35 37.05 1.02
N SER E 116 -24.08 38.16 1.06
CA SER E 116 -24.44 38.90 -0.15
C SER E 116 -23.25 39.52 -0.87
N MET E 117 -23.43 39.74 -2.16
CA MET E 117 -22.36 40.21 -3.02
C MET E 117 -22.53 41.67 -3.47
N GLY E 118 -23.61 42.28 -3.00
CA GLY E 118 -23.91 43.69 -3.24
C GLY E 118 -24.29 43.96 -4.69
N PHE E 119 -25.02 43.02 -5.29
CA PHE E 119 -25.39 43.17 -6.68
C PHE E 119 -26.75 43.82 -6.86
N THR E 120 -26.72 45.00 -7.47
CA THR E 120 -27.92 45.76 -7.80
C THR E 120 -27.97 45.99 -9.30
N TYR E 121 -29.14 45.73 -9.88
CA TYR E 121 -29.35 45.86 -11.31
C TYR E 121 -30.48 46.83 -11.63
N SER E 122 -30.31 47.56 -12.73
CA SER E 122 -31.40 48.36 -13.28
C SER E 122 -31.30 48.51 -14.80
N GLY E 123 -32.46 48.64 -15.43
CA GLY E 123 -32.57 48.60 -16.89
C GLY E 123 -32.92 47.19 -17.36
N ILE E 124 -33.01 46.26 -16.41
CA ILE E 124 -33.32 44.85 -16.70
C ILE E 124 -34.23 44.21 -15.66
N ARG E 125 -34.80 43.07 -16.03
CA ARG E 125 -35.59 42.27 -15.12
C ARG E 125 -34.69 41.31 -14.35
N THR E 126 -35.15 40.96 -13.16
CA THR E 126 -34.36 40.31 -12.13
C THR E 126 -35.03 38.99 -11.69
N ASN E 127 -36.29 38.84 -12.05
CA ASN E 127 -37.17 37.84 -11.46
C ASN E 127 -37.54 36.64 -12.37
N GLY E 128 -36.62 36.18 -13.20
CA GLY E 128 -36.93 35.11 -14.13
C GLY E 128 -37.20 33.79 -13.43
N ALA E 129 -38.45 33.37 -13.37
CA ALA E 129 -38.82 32.11 -12.72
C ALA E 129 -39.11 31.00 -13.71
N THR E 130 -39.26 29.78 -13.20
CA THR E 130 -39.55 28.59 -14.01
C THR E 130 -40.47 27.66 -13.21
N SER E 131 -41.21 26.80 -13.90
CA SER E 131 -42.08 25.82 -13.24
C SER E 131 -41.31 24.61 -12.72
N ALA E 132 -40.04 24.49 -13.11
CA ALA E 132 -39.22 23.37 -12.67
C ALA E 132 -38.85 23.50 -11.18
N CYS E 133 -38.89 24.73 -10.66
CA CYS E 133 -38.62 25.01 -9.25
C CYS E 133 -39.85 25.67 -8.67
N THR E 134 -40.55 24.97 -7.76
CA THR E 134 -41.75 25.55 -7.15
C THR E 134 -41.63 25.78 -5.65
N ARG E 135 -42.00 26.99 -5.26
CA ARG E 135 -42.11 27.34 -3.86
C ARG E 135 -43.59 27.57 -3.56
N SER E 136 -44.20 28.49 -4.30
CA SER E 136 -45.64 28.73 -4.23
C SER E 136 -46.19 28.71 -5.66
N GLY E 137 -45.55 27.92 -6.50
CA GLY E 137 -45.69 28.05 -7.95
C GLY E 137 -44.33 28.41 -8.52
N SER E 138 -44.31 29.04 -9.70
CA SER E 138 -43.05 29.36 -10.37
C SER E 138 -42.06 30.07 -9.45
N SER E 139 -40.84 29.56 -9.44
CA SER E 139 -39.77 30.07 -8.59
C SER E 139 -38.43 29.82 -9.29
N PHE E 140 -37.32 30.06 -8.57
CA PHE E 140 -35.98 29.89 -9.13
C PHE E 140 -35.01 29.45 -8.04
N TYR E 141 -33.70 29.51 -8.31
CA TYR E 141 -32.67 29.21 -7.32
C TYR E 141 -32.51 30.36 -6.31
N ALA E 142 -32.67 30.05 -5.03
CA ALA E 142 -32.82 31.09 -4.01
C ALA E 142 -31.60 32.00 -3.85
N GLU E 143 -30.42 31.47 -4.15
CA GLU E 143 -29.18 32.24 -4.00
C GLU E 143 -28.74 32.79 -5.35
N MET E 144 -29.69 32.85 -6.29
CA MET E 144 -29.37 33.22 -7.66
C MET E 144 -30.42 34.14 -8.27
N LYS E 145 -30.00 34.90 -9.27
CA LYS E 145 -30.90 35.77 -10.01
C LYS E 145 -30.81 35.52 -11.51
N TRP E 146 -31.96 35.21 -12.12
CA TRP E 146 -32.07 35.08 -13.57
C TRP E 146 -32.31 36.45 -14.20
N LEU E 147 -31.25 37.06 -14.74
CA LEU E 147 -31.37 38.38 -15.32
C LEU E 147 -31.82 38.29 -16.78
N LEU E 148 -32.77 39.14 -17.16
CA LEU E 148 -33.31 39.15 -18.53
C LEU E 148 -33.83 40.51 -18.97
N SER E 149 -33.99 40.68 -20.27
CA SER E 149 -34.40 41.95 -20.87
C SER E 149 -35.74 42.47 -20.37
N ASN E 150 -35.86 43.80 -20.35
CA ASN E 150 -37.04 44.51 -19.83
C ASN E 150 -38.41 44.11 -20.40
N SER E 151 -38.42 43.67 -21.66
CA SER E 151 -39.61 43.10 -22.27
C SER E 151 -39.21 41.98 -23.23
N ASP E 152 -40.15 41.49 -24.04
CA ASP E 152 -39.84 40.51 -25.07
C ASP E 152 -39.00 41.15 -26.17
N ASN E 153 -37.96 40.43 -26.62
CA ASN E 153 -37.08 40.88 -27.71
C ASN E 153 -36.31 42.17 -27.48
N ALA E 154 -36.49 42.78 -26.31
CA ALA E 154 -35.72 43.98 -25.94
C ALA E 154 -34.23 43.63 -25.83
N ALA E 155 -33.36 44.58 -26.20
CA ALA E 155 -31.91 44.34 -26.17
C ALA E 155 -31.37 44.34 -24.75
N PHE E 156 -30.58 43.33 -24.40
CA PHE E 156 -29.95 43.28 -23.09
C PHE E 156 -28.72 44.18 -23.10
N PRO E 157 -28.56 45.02 -22.06
CA PRO E 157 -27.41 45.94 -22.03
C PRO E 157 -26.09 45.24 -21.73
N GLN E 158 -25.00 45.84 -22.21
CA GLN E 158 -23.65 45.41 -21.91
C GLN E 158 -23.35 45.82 -20.47
N MET E 159 -22.82 44.88 -19.67
CA MET E 159 -22.60 45.18 -18.25
C MET E 159 -21.30 44.63 -17.68
N THR E 160 -20.90 45.20 -16.55
CA THR E 160 -19.78 44.72 -15.74
C THR E 160 -20.28 44.53 -14.32
N LYS E 161 -19.82 43.48 -13.66
CA LYS E 161 -20.08 43.28 -12.24
C LYS E 161 -18.82 42.81 -11.50
N ALA E 162 -18.37 43.64 -10.56
CA ALA E 162 -17.18 43.33 -9.77
C ALA E 162 -17.55 43.02 -8.33
N TYR E 163 -16.74 42.17 -7.69
CA TYR E 163 -16.88 41.84 -6.29
C TYR E 163 -15.54 41.46 -5.69
N ARG E 164 -15.08 42.26 -4.73
CA ARG E 164 -13.85 41.96 -4.01
C ARG E 164 -14.18 41.14 -2.76
N ASN E 165 -13.42 40.09 -2.51
CA ASN E 165 -13.56 39.31 -1.28
C ASN E 165 -13.11 40.14 -0.07
N PRO E 166 -14.05 40.46 0.85
CA PRO E 166 -13.74 41.30 2.00
C PRO E 166 -13.12 40.51 3.17
N ARG E 167 -13.35 39.20 3.13
CA ARG E 167 -13.07 38.32 4.26
C ARG E 167 -11.64 37.85 4.33
N ASN E 168 -11.40 37.01 5.35
CA ASN E 168 -10.08 36.50 5.69
C ASN E 168 -9.78 35.19 4.97
N LYS E 169 -10.84 34.46 4.61
CA LYS E 169 -10.74 33.18 3.92
C LYS E 169 -11.29 33.29 2.47
N PRO E 170 -11.01 32.28 1.60
CA PRO E 170 -11.48 32.38 0.22
C PRO E 170 -13.01 32.23 0.07
N ALA E 171 -13.55 32.73 -1.04
CA ALA E 171 -14.98 32.72 -1.32
C ALA E 171 -15.34 31.83 -2.51
N LEU E 172 -16.43 31.07 -2.41
CA LEU E 172 -16.89 30.21 -3.49
C LEU E 172 -17.94 30.86 -4.39
N ILE E 173 -17.45 31.55 -5.43
CA ILE E 173 -18.31 32.23 -6.39
C ILE E 173 -18.89 31.24 -7.39
N ILE E 174 -20.23 31.19 -7.46
CA ILE E 174 -20.92 30.37 -8.43
C ILE E 174 -21.74 31.26 -9.34
N TRP E 175 -21.63 31.04 -10.64
CA TRP E 175 -22.49 31.69 -11.62
C TRP E 175 -23.02 30.62 -12.56
N GLY E 176 -23.97 31.02 -13.41
CA GLY E 176 -24.56 30.10 -14.36
C GLY E 176 -24.66 30.67 -15.75
N VAL E 177 -24.82 29.78 -16.72
CA VAL E 177 -25.08 30.18 -18.09
C VAL E 177 -26.42 29.54 -18.48
N HIS E 178 -27.29 30.30 -19.14
CA HIS E 178 -28.56 29.75 -19.60
C HIS E 178 -28.49 29.38 -21.07
N HIS E 179 -28.78 28.13 -21.37
CA HIS E 179 -28.85 27.66 -22.75
C HIS E 179 -30.30 27.49 -23.14
N SER E 180 -30.78 28.42 -23.95
CA SER E 180 -32.17 28.45 -24.42
C SER E 180 -32.59 27.23 -25.27
N GLU E 181 -33.90 26.98 -25.28
CA GLU E 181 -34.52 25.96 -26.12
C GLU E 181 -34.20 26.17 -27.62
N SER E 182 -34.22 27.42 -28.08
CA SER E 182 -33.87 27.75 -29.46
C SER E 182 -33.30 29.17 -29.58
N VAL E 183 -32.78 29.50 -30.76
CA VAL E 183 -32.30 30.86 -31.04
C VAL E 183 -33.45 31.84 -30.84
N SER E 184 -34.63 31.46 -31.33
CA SER E 184 -35.84 32.26 -31.20
C SER E 184 -36.10 32.62 -29.73
N GLU E 185 -36.01 31.62 -28.85
CA GLU E 185 -36.24 31.82 -27.42
C GLU E 185 -35.18 32.74 -26.82
N GLN E 186 -33.91 32.56 -27.19
CA GLN E 186 -32.82 33.42 -26.71
C GLN E 186 -33.02 34.90 -27.12
N THR E 187 -33.45 35.11 -28.35
CA THR E 187 -33.78 36.44 -28.86
C THR E 187 -34.92 37.09 -28.07
N LYS E 188 -35.85 36.26 -27.56
CA LYS E 188 -36.96 36.75 -26.74
C LYS E 188 -36.47 37.20 -25.36
N LEU E 189 -35.72 36.32 -24.68
CA LEU E 189 -35.28 36.56 -23.31
C LEU E 189 -34.35 37.76 -23.19
N TYR E 190 -33.26 37.73 -23.93
CA TYR E 190 -32.26 38.79 -23.95
C TYR E 190 -32.39 39.48 -25.32
N GLY E 191 -31.36 40.17 -25.80
CA GLY E 191 -31.47 40.80 -27.12
C GLY E 191 -31.41 39.79 -28.26
N SER E 192 -31.02 40.24 -29.45
CA SER E 192 -30.61 39.33 -30.50
C SER E 192 -29.12 39.50 -30.72
N GLY E 193 -28.47 38.48 -31.27
CA GLY E 193 -27.05 38.56 -31.61
C GLY E 193 -26.13 37.79 -30.68
N ASN E 194 -24.83 37.84 -30.98
CA ASN E 194 -23.78 37.20 -30.17
C ASN E 194 -23.95 37.48 -28.69
N LYS E 195 -23.96 36.42 -27.89
CA LYS E 195 -23.99 36.58 -26.44
C LYS E 195 -22.70 36.05 -25.84
N LEU E 196 -22.12 36.83 -24.94
CA LEU E 196 -20.77 36.59 -24.42
C LEU E 196 -20.70 36.88 -22.93
N ILE E 197 -20.16 35.92 -22.17
CA ILE E 197 -19.94 36.11 -20.75
C ILE E 197 -18.48 35.83 -20.42
N THR E 198 -17.85 36.73 -19.67
CA THR E 198 -16.47 36.56 -19.22
C THR E 198 -16.37 36.71 -17.71
N VAL E 199 -15.82 35.68 -17.07
CA VAL E 199 -15.59 35.67 -15.64
C VAL E 199 -14.08 35.74 -15.46
N ARG E 200 -13.62 36.83 -14.85
CA ARG E 200 -12.19 37.12 -14.78
C ARG E 200 -11.77 37.51 -13.37
N SER E 201 -11.12 36.58 -12.66
CA SER E 201 -10.44 36.90 -11.41
C SER E 201 -8.93 36.99 -11.67
N SER E 202 -8.14 37.29 -10.64
CA SER E 202 -6.71 37.50 -10.83
C SER E 202 -5.96 36.19 -11.16
N LYS E 203 -6.67 35.07 -11.01
CA LYS E 203 -6.09 33.74 -11.23
C LYS E 203 -7.03 32.88 -12.08
N TYR E 204 -8.02 33.50 -12.71
CA TYR E 204 -9.01 32.74 -13.48
C TYR E 204 -9.65 33.54 -14.60
N GLN E 205 -9.43 33.10 -15.84
CA GLN E 205 -10.10 33.67 -17.03
C GLN E 205 -10.81 32.57 -17.81
N GLN E 206 -12.02 32.86 -18.27
CA GLN E 206 -12.85 31.86 -18.97
C GLN E 206 -14.09 32.50 -19.60
N SER E 207 -14.05 32.63 -20.93
CA SER E 207 -15.18 33.13 -21.71
C SER E 207 -16.24 32.05 -21.84
N PHE E 208 -17.49 32.47 -21.83
CA PHE E 208 -18.60 31.57 -22.10
C PHE E 208 -19.51 32.15 -23.18
N THR E 209 -19.98 31.28 -24.07
CA THR E 209 -21.03 31.66 -25.01
C THR E 209 -22.16 30.66 -24.88
N PRO E 210 -23.41 31.15 -24.82
CA PRO E 210 -24.57 30.30 -24.77
C PRO E 210 -24.79 29.56 -26.09
N ASN E 211 -25.34 28.36 -25.98
CA ASN E 211 -25.56 27.48 -27.11
C ASN E 211 -27.03 27.06 -27.09
N PRO E 212 -27.87 27.75 -27.88
CA PRO E 212 -29.33 27.50 -27.94
C PRO E 212 -29.66 26.18 -28.63
N GLY E 213 -30.40 25.31 -27.96
CA GLY E 213 -30.69 23.99 -28.49
C GLY E 213 -31.51 23.08 -27.58
N ALA E 214 -31.06 22.94 -26.34
CA ALA E 214 -31.87 22.30 -25.33
C ALA E 214 -31.81 23.13 -24.06
N ARG E 215 -32.98 23.34 -23.46
CA ARG E 215 -33.11 24.07 -22.20
C ARG E 215 -32.23 23.44 -21.12
N ARG E 216 -31.23 24.20 -20.67
CA ARG E 216 -30.41 23.82 -19.52
C ARG E 216 -29.67 25.03 -18.93
N ILE E 217 -29.34 24.95 -17.64
CA ILE E 217 -28.51 25.97 -16.99
C ILE E 217 -27.28 25.31 -16.37
N ASP E 218 -26.10 25.59 -16.93
CA ASP E 218 -24.85 25.03 -16.45
C ASP E 218 -24.15 25.95 -15.45
N PHE E 219 -23.76 25.40 -14.31
CA PHE E 219 -23.11 26.20 -13.28
C PHE E 219 -21.61 26.02 -13.28
N HIS E 220 -20.89 27.12 -13.10
CA HIS E 220 -19.44 27.09 -13.05
C HIS E 220 -19.00 27.81 -11.79
N TRP E 221 -17.73 27.64 -11.39
CA TRP E 221 -17.29 28.11 -10.08
C TRP E 221 -15.80 28.38 -9.92
N LEU E 222 -15.47 29.21 -8.94
CA LEU E 222 -14.09 29.46 -8.55
C LEU E 222 -13.96 29.76 -7.05
N LEU E 223 -12.74 29.68 -6.54
CA LEU E 223 -12.42 30.18 -5.19
C LEU E 223 -11.70 31.51 -5.32
N LEU E 224 -12.35 32.60 -4.90
CA LEU E 224 -11.76 33.93 -4.93
C LEU E 224 -10.99 34.25 -3.64
N ASP E 225 -9.73 34.63 -3.77
CA ASP E 225 -8.84 34.83 -2.62
C ASP E 225 -9.09 36.15 -1.90
N PRO E 226 -8.67 36.24 -0.62
CA PRO E 226 -8.88 37.48 0.12
C PRO E 226 -8.18 38.69 -0.54
N ASN E 227 -8.88 39.83 -0.56
CA ASN E 227 -8.39 41.07 -1.17
C ASN E 227 -8.53 41.05 -2.71
N ASP E 228 -8.87 39.87 -3.23
CA ASP E 228 -8.98 39.63 -4.67
C ASP E 228 -10.40 39.94 -5.21
N THR E 229 -10.46 40.32 -6.48
CA THR E 229 -11.69 40.74 -7.13
C THR E 229 -12.05 39.81 -8.29
N VAL E 230 -13.30 39.36 -8.34
CA VAL E 230 -13.85 38.67 -9.51
C VAL E 230 -14.73 39.62 -10.32
N THR E 231 -14.65 39.50 -11.65
CA THR E 231 -15.32 40.45 -12.56
C THR E 231 -16.18 39.74 -13.62
N PHE E 232 -17.43 40.20 -13.72
CA PHE E 232 -18.43 39.60 -14.60
C PHE E 232 -18.80 40.58 -15.69
N THR E 233 -18.38 40.28 -16.91
CA THR E 233 -18.77 41.05 -18.07
C THR E 233 -19.66 40.18 -18.93
N PHE E 234 -20.86 40.66 -19.21
CA PHE E 234 -21.89 39.88 -19.92
C PHE E 234 -22.93 40.73 -20.62
N ASN E 235 -23.65 40.12 -21.56
CA ASN E 235 -24.69 40.80 -22.32
C ASN E 235 -25.97 39.96 -22.40
N GLY E 236 -26.04 38.91 -21.57
CA GLY E 236 -27.21 38.03 -21.50
C GLY E 236 -26.89 36.57 -21.20
N ALA E 237 -27.95 35.77 -21.05
CA ALA E 237 -27.86 34.33 -20.74
C ALA E 237 -27.10 34.06 -19.45
N PHE E 238 -27.12 35.02 -18.55
CA PHE E 238 -26.29 34.98 -17.36
C PHE E 238 -27.12 34.79 -16.09
N ILE E 239 -26.97 33.64 -15.47
CA ILE E 239 -27.55 33.37 -14.15
C ILE E 239 -26.52 33.79 -13.12
N ALA E 240 -26.70 34.99 -12.56
CA ALA E 240 -25.71 35.62 -11.70
C ALA E 240 -25.99 35.27 -10.25
N PRO E 241 -24.95 35.27 -9.41
CA PRO E 241 -25.20 34.98 -8.02
C PRO E 241 -25.71 36.22 -7.29
N ASP E 242 -26.59 35.99 -6.32
CA ASP E 242 -26.99 37.02 -5.40
C ASP E 242 -26.07 36.95 -4.18
N ARG E 243 -25.69 35.74 -3.80
CA ARG E 243 -24.89 35.48 -2.59
C ARG E 243 -23.74 34.51 -2.85
N THR E 244 -22.58 34.79 -2.26
CA THR E 244 -21.46 33.86 -2.26
C THR E 244 -21.37 33.19 -0.90
N SER E 245 -20.44 32.26 -0.75
CA SER E 245 -20.41 31.37 0.41
C SER E 245 -19.01 31.13 0.93
N PHE E 246 -18.89 31.17 2.26
CA PHE E 246 -17.61 30.97 2.98
C PHE E 246 -17.67 29.77 3.91
N PHE E 247 -16.57 29.04 4.00
CA PHE E 247 -16.51 27.78 4.75
C PHE E 247 -16.29 28.01 6.23
N ARG E 248 -16.77 27.08 7.04
CA ARG E 248 -16.74 27.29 8.48
C ARG E 248 -15.49 26.73 9.18
N GLY E 249 -15.11 25.50 8.89
CA GLY E 249 -13.98 24.89 9.60
C GLY E 249 -13.58 23.56 9.02
N GLU E 250 -13.76 22.50 9.80
CA GLU E 250 -13.49 21.14 9.36
C GLU E 250 -14.69 20.22 9.58
N SER E 251 -15.08 19.51 8.53
CA SER E 251 -16.12 18.50 8.65
C SER E 251 -15.75 17.23 7.90
N LEU E 252 -16.48 16.16 8.21
CA LEU E 252 -16.33 14.89 7.52
C LEU E 252 -17.58 14.58 6.70
N GLY E 253 -17.40 14.23 5.43
CA GLY E 253 -18.53 13.87 4.57
C GLY E 253 -18.77 12.38 4.60
N VAL E 254 -20.05 12.00 4.59
CA VAL E 254 -20.44 10.59 4.53
C VAL E 254 -21.53 10.37 3.49
N GLN E 255 -21.53 9.20 2.87
CA GLN E 255 -22.68 8.75 2.07
C GLN E 255 -23.27 7.51 2.72
N SER E 256 -24.59 7.50 2.91
CA SER E 256 -25.26 6.40 3.62
C SER E 256 -26.77 6.39 3.45
N ASP E 257 -27.38 5.33 3.94
CA ASP E 257 -28.84 5.20 3.97
C ASP E 257 -29.33 4.91 5.40
N ALA E 258 -28.38 4.69 6.30
CA ALA E 258 -28.68 4.42 7.71
C ALA E 258 -29.26 5.66 8.39
N PRO E 259 -30.22 5.45 9.31
CA PRO E 259 -30.77 6.55 10.11
C PRO E 259 -29.78 7.08 11.15
N LEU E 260 -29.98 8.32 11.59
CA LEU E 260 -29.08 8.96 12.56
C LEU E 260 -29.41 8.59 14.01
N ASP E 261 -28.39 8.49 14.83
CA ASP E 261 -28.57 8.18 16.25
C ASP E 261 -27.61 8.98 17.12
N SER E 262 -28.17 9.80 18.00
CA SER E 262 -27.39 10.68 18.86
C SER E 262 -27.08 10.07 20.23
N SER E 263 -27.21 8.76 20.35
CA SER E 263 -26.97 8.08 21.62
C SER E 263 -25.82 7.09 21.55
N CYS E 264 -25.23 6.97 20.37
CA CYS E 264 -24.03 6.15 20.14
C CYS E 264 -22.89 7.03 19.64
N ARG E 265 -21.67 6.71 20.06
CA ARG E 265 -20.47 7.45 19.67
C ARG E 265 -19.67 6.64 18.66
N GLY E 266 -19.07 7.29 17.66
CA GLY E 266 -18.26 6.56 16.68
C GLY E 266 -17.56 7.47 15.70
N ASP E 267 -16.46 7.00 15.11
CA ASP E 267 -15.69 7.82 14.17
C ASP E 267 -15.51 7.12 12.82
N CYS E 268 -16.01 5.90 12.72
CA CYS E 268 -15.84 5.14 11.51
C CYS E 268 -17.18 4.90 10.87
N PHE E 269 -17.43 5.56 9.75
CA PHE E 269 -18.72 5.47 9.07
C PHE E 269 -18.60 4.83 7.68
N HIS E 270 -19.68 4.24 7.22
CA HIS E 270 -19.69 3.68 5.88
C HIS E 270 -21.07 3.62 5.25
N SER E 271 -21.12 2.97 4.08
CA SER E 271 -22.33 2.81 3.29
C SER E 271 -23.57 2.48 4.10
N GLY E 272 -23.46 1.52 5.03
CA GLY E 272 -24.60 1.10 5.84
C GLY E 272 -24.41 1.19 7.34
N GLY E 273 -23.87 2.32 7.81
CA GLY E 273 -23.76 2.56 9.25
C GLY E 273 -22.39 2.98 9.75
N THR E 274 -22.08 2.54 10.97
CA THR E 274 -20.93 2.97 11.76
C THR E 274 -20.23 1.76 12.37
N ILE E 275 -18.90 1.83 12.41
CA ILE E 275 -18.08 0.82 13.08
C ILE E 275 -17.57 1.36 14.42
N VAL E 276 -18.00 0.71 15.50
CA VAL E 276 -17.54 1.03 16.85
C VAL E 276 -16.64 -0.09 17.34
N SER E 277 -15.37 0.23 17.52
CA SER E 277 -14.36 -0.79 17.87
C SER E 277 -13.00 -0.21 18.30
N SER E 278 -12.33 -0.97 19.14
CA SER E 278 -10.94 -0.74 19.49
C SER E 278 -10.07 -1.81 18.82
N LEU E 279 -10.69 -2.68 18.03
CA LEU E 279 -9.96 -3.73 17.33
C LEU E 279 -9.15 -3.12 16.18
N PRO E 280 -8.01 -3.74 15.83
CA PRO E 280 -7.17 -3.20 14.74
C PRO E 280 -7.73 -3.44 13.35
N PHE E 281 -8.49 -4.51 13.16
CA PHE E 281 -9.04 -4.82 11.84
C PHE E 281 -10.55 -4.92 11.83
N GLN E 282 -11.16 -4.76 10.66
CA GLN E 282 -12.61 -4.96 10.50
C GLN E 282 -12.93 -5.72 9.21
N ASN E 283 -14.02 -6.50 9.24
CA ASN E 283 -14.45 -7.24 8.06
C ASN E 283 -15.82 -6.78 7.51
N ILE E 284 -16.20 -5.56 7.83
CA ILE E 284 -17.56 -5.10 7.56
C ILE E 284 -17.71 -4.46 6.18
N ASN E 285 -16.84 -3.50 5.86
CA ASN E 285 -16.93 -2.78 4.59
C ASN E 285 -15.55 -2.28 4.14
N SER E 286 -15.20 -2.60 2.90
CA SER E 286 -13.91 -2.19 2.33
C SER E 286 -13.82 -0.69 2.06
N ARG E 287 -14.98 -0.04 2.03
CA ARG E 287 -15.07 1.40 1.76
C ARG E 287 -15.62 2.15 2.97
N THR E 288 -14.74 2.81 3.72
CA THR E 288 -15.17 3.57 4.90
C THR E 288 -14.58 4.99 4.96
N VAL E 289 -15.15 5.82 5.82
CA VAL E 289 -14.64 7.17 6.07
C VAL E 289 -14.46 7.49 7.54
N GLY E 290 -13.52 8.37 7.85
CA GLY E 290 -13.23 8.76 9.23
C GLY E 290 -12.02 8.02 9.78
N LYS E 291 -12.07 7.74 11.09
CA LYS E 291 -10.94 7.11 11.77
C LYS E 291 -11.25 5.64 12.04
N CYS E 292 -10.76 4.79 11.14
CA CYS E 292 -11.23 3.42 11.01
C CYS E 292 -10.15 2.38 11.19
N PRO E 293 -10.51 1.21 11.76
CA PRO E 293 -9.70 -0.01 11.64
C PRO E 293 -9.51 -0.40 10.17
N ARG E 294 -8.45 -1.14 9.87
CA ARG E 294 -8.15 -1.53 8.49
C ARG E 294 -9.02 -2.70 8.00
N TYR E 295 -9.62 -2.54 6.81
CA TYR E 295 -10.39 -3.63 6.24
C TYR E 295 -9.50 -4.79 5.83
N VAL E 296 -9.76 -5.96 6.39
CA VAL E 296 -9.19 -7.21 5.88
C VAL E 296 -10.29 -8.07 5.28
N LYS E 297 -9.90 -9.20 4.70
CA LYS E 297 -10.88 -10.08 4.08
C LYS E 297 -11.22 -11.30 4.94
N GLN E 298 -10.52 -11.47 6.05
CA GLN E 298 -10.81 -12.59 6.94
C GLN E 298 -11.98 -12.25 7.84
N LYS E 299 -12.86 -13.23 8.05
CA LYS E 299 -13.93 -13.13 9.04
C LYS E 299 -13.37 -13.13 10.46
N SER E 300 -12.30 -13.89 10.64
CA SER E 300 -11.77 -14.20 11.95
C SER E 300 -10.25 -14.34 11.91
N LEU E 301 -9.59 -13.62 12.80
CA LEU E 301 -8.18 -13.83 13.09
C LEU E 301 -7.99 -13.77 14.61
N LEU E 302 -7.92 -14.95 15.22
CA LEU E 302 -7.92 -15.07 16.67
C LEU E 302 -6.54 -14.98 17.28
N LEU E 303 -6.40 -14.07 18.25
CA LEU E 303 -5.16 -13.89 18.98
C LEU E 303 -5.20 -14.66 20.28
N ALA E 304 -4.17 -15.47 20.51
CA ALA E 304 -4.03 -16.21 21.75
C ALA E 304 -3.86 -15.25 22.93
N THR E 305 -4.57 -15.53 24.02
CA THR E 305 -4.41 -14.80 25.29
C THR E 305 -4.16 -15.78 26.45
N GLY E 306 -3.72 -16.99 26.11
CA GLY E 306 -3.39 -18.02 27.10
C GLY E 306 -2.36 -18.97 26.54
N MET E 307 -2.02 -19.99 27.32
CA MET E 307 -1.06 -21.00 26.87
C MET E 307 -1.72 -22.07 26.00
N ARG E 308 -0.90 -23.01 25.50
CA ARG E 308 -1.36 -24.20 24.80
C ARG E 308 -2.23 -25.06 25.74
N ASN E 309 -3.33 -25.59 25.22
CA ASN E 309 -4.27 -26.38 26.00
C ASN E 309 -4.10 -27.88 25.81
N VAL E 310 -3.70 -28.56 26.88
CA VAL E 310 -3.59 -30.03 26.88
C VAL E 310 -4.48 -30.57 28.01
N PRO E 311 -5.74 -30.91 27.68
CA PRO E 311 -6.72 -31.27 28.69
C PRO E 311 -6.36 -32.54 29.42
N GLU E 312 -6.87 -32.67 30.65
CA GLU E 312 -6.68 -33.87 31.47
C GLU E 312 -7.38 -35.09 30.86
N GLY F 1 5.98 -24.62 21.99
CA GLY F 1 6.72 -25.89 21.71
C GLY F 1 8.20 -25.75 22.01
N LEU F 2 8.77 -24.60 21.62
CA LEU F 2 10.22 -24.35 21.67
C LEU F 2 10.98 -24.76 22.93
N PHE F 3 10.35 -24.62 24.09
CA PHE F 3 11.03 -24.85 25.36
C PHE F 3 10.94 -26.28 25.89
N GLY F 4 10.01 -27.06 25.35
CA GLY F 4 9.93 -28.49 25.64
C GLY F 4 9.20 -28.91 26.91
N ALA F 5 8.64 -27.93 27.63
CA ALA F 5 7.91 -28.22 28.87
C ALA F 5 6.42 -28.44 28.63
N ILE F 6 5.70 -27.40 28.23
CA ILE F 6 4.26 -27.50 27.96
C ILE F 6 4.00 -28.31 26.68
N ALA F 7 3.25 -29.41 26.83
CA ALA F 7 3.05 -30.40 25.77
C ALA F 7 4.39 -30.97 25.28
N GLY F 8 5.29 -31.18 26.24
CA GLY F 8 6.60 -31.74 25.99
C GLY F 8 6.90 -32.80 27.03
N PHE F 9 7.74 -32.46 28.00
CA PHE F 9 8.05 -33.42 29.05
C PHE F 9 6.97 -33.45 30.14
N ILE F 10 6.20 -32.37 30.25
CA ILE F 10 5.00 -32.35 31.09
C ILE F 10 3.79 -32.88 30.30
N GLU F 11 3.20 -33.95 30.80
CA GLU F 11 2.09 -34.67 30.16
C GLU F 11 0.96 -33.72 29.76
N ASN F 12 0.24 -33.21 30.76
CA ASN F 12 -0.92 -32.33 30.53
C ASN F 12 -1.10 -31.25 31.59
N GLY F 13 -2.08 -30.37 31.36
CA GLY F 13 -2.45 -29.36 32.35
C GLY F 13 -3.34 -29.91 33.44
N TRP F 14 -3.86 -29.03 34.29
CA TRP F 14 -4.79 -29.42 35.33
C TRP F 14 -6.05 -28.56 35.28
N GLU F 15 -7.18 -29.17 34.91
CA GLU F 15 -8.44 -28.44 34.86
C GLU F 15 -8.93 -28.03 36.25
N GLY F 16 -8.27 -28.56 37.27
CA GLY F 16 -8.58 -28.25 38.67
C GLY F 16 -7.82 -27.05 39.18
N LEU F 17 -6.77 -26.65 38.47
CA LEU F 17 -5.94 -25.51 38.86
C LEU F 17 -6.59 -24.18 38.47
N ILE F 18 -7.54 -23.73 39.31
CA ILE F 18 -8.32 -22.52 39.04
C ILE F 18 -7.70 -21.24 39.63
N ASN F 19 -6.89 -21.39 40.68
CA ASN F 19 -6.30 -20.25 41.38
C ASN F 19 -5.23 -19.42 40.60
N GLY F 20 -4.72 -19.96 39.49
CA GLY F 20 -3.66 -19.28 38.72
C GLY F 20 -3.19 -20.04 37.47
N TRP F 21 -2.08 -19.58 36.87
CA TRP F 21 -1.55 -20.17 35.63
C TRP F 21 -0.62 -21.36 35.85
N TYR F 22 0.38 -21.18 36.72
CA TYR F 22 1.35 -22.23 37.04
C TYR F 22 1.38 -22.54 38.54
N GLY F 23 1.55 -23.81 38.90
CA GLY F 23 1.52 -24.20 40.31
C GLY F 23 2.14 -25.53 40.69
N PHE F 24 2.14 -25.81 41.99
CA PHE F 24 2.80 -26.97 42.57
C PHE F 24 1.78 -27.96 43.11
N ARG F 25 2.06 -29.25 42.96
CA ARG F 25 1.20 -30.30 43.49
C ARG F 25 2.06 -31.29 44.26
N HIS F 26 1.98 -31.20 45.59
CA HIS F 26 2.76 -32.05 46.49
C HIS F 26 1.99 -33.28 46.98
N GLN F 27 2.71 -34.39 47.09
CA GLN F 27 2.17 -35.63 47.67
C GLN F 27 3.12 -36.09 48.78
N ASN F 28 2.55 -36.47 49.93
CA ASN F 28 3.34 -36.88 51.08
C ASN F 28 2.52 -37.69 52.11
N ALA F 29 2.95 -37.66 53.37
CA ALA F 29 2.25 -38.34 54.47
C ALA F 29 0.85 -37.77 54.72
N GLN F 30 0.66 -36.48 54.41
CA GLN F 30 -0.61 -35.80 54.65
C GLN F 30 -1.31 -35.42 53.34
N GLY F 31 -1.82 -36.43 52.63
CA GLY F 31 -2.66 -36.23 51.44
C GLY F 31 -2.06 -35.44 50.29
N GLU F 32 -2.92 -34.99 49.38
CA GLU F 32 -2.50 -34.25 48.19
C GLU F 32 -2.23 -32.78 48.52
N GLY F 33 -2.61 -31.87 47.63
CA GLY F 33 -2.47 -30.43 47.82
C GLY F 33 -1.95 -29.71 46.59
N THR F 34 -2.76 -28.81 46.03
CA THR F 34 -2.35 -27.99 44.88
C THR F 34 -2.42 -26.50 45.21
N ALA F 35 -1.40 -25.76 44.79
CA ALA F 35 -1.33 -24.32 45.04
C ALA F 35 -0.60 -23.61 43.90
N ALA F 36 -1.22 -22.56 43.36
CA ALA F 36 -0.64 -21.79 42.26
C ALA F 36 0.62 -21.01 42.66
N ASP F 37 1.33 -20.48 41.66
CA ASP F 37 2.46 -19.57 41.88
C ASP F 37 2.13 -18.19 41.32
N TYR F 38 2.56 -17.14 42.03
CA TYR F 38 2.27 -15.78 41.63
C TYR F 38 3.27 -15.29 40.58
N LYS F 39 4.50 -15.01 41.00
CA LYS F 39 5.52 -14.37 40.15
C LYS F 39 5.45 -14.79 38.69
N SER F 40 5.49 -16.09 38.43
CA SER F 40 5.54 -16.60 37.08
C SER F 40 4.20 -16.51 36.35
N THR F 41 3.10 -16.68 37.09
CA THR F 41 1.76 -16.46 36.56
C THR F 41 1.55 -14.98 36.23
N GLN F 42 1.88 -14.14 37.21
CA GLN F 42 1.77 -12.70 37.05
C GLN F 42 2.61 -12.24 35.88
N SER F 43 3.88 -12.64 35.85
CA SER F 43 4.82 -12.28 34.80
C SER F 43 4.30 -12.56 33.39
N ALA F 44 3.63 -13.70 33.23
CA ALA F 44 3.08 -14.13 31.93
C ALA F 44 1.91 -13.27 31.44
N ILE F 45 1.05 -12.85 32.37
CA ILE F 45 -0.08 -12.00 32.01
C ILE F 45 0.37 -10.55 31.85
N ASP F 46 1.46 -10.17 32.52
CA ASP F 46 2.08 -8.86 32.30
C ASP F 46 2.48 -8.74 30.82
N GLN F 47 2.94 -9.85 30.27
CA GLN F 47 3.37 -9.90 28.88
C GLN F 47 2.19 -9.94 27.92
N ILE F 48 1.21 -10.81 28.19
CA ILE F 48 0.02 -10.92 27.31
C ILE F 48 -0.75 -9.60 27.21
N THR F 49 -0.86 -8.87 28.31
CA THR F 49 -1.50 -7.55 28.30
C THR F 49 -0.71 -6.61 27.41
N GLY F 50 0.62 -6.68 27.53
CA GLY F 50 1.52 -5.88 26.71
C GLY F 50 1.22 -6.00 25.24
N LYS F 51 0.99 -7.23 24.79
CA LYS F 51 0.59 -7.49 23.40
C LYS F 51 -0.73 -6.82 23.09
N LEU F 52 -1.67 -6.90 24.02
CA LEU F 52 -3.00 -6.32 23.81
C LEU F 52 -2.95 -4.81 23.78
N ASN F 53 -2.19 -4.21 24.71
CA ASN F 53 -2.03 -2.77 24.76
C ASN F 53 -1.42 -2.19 23.48
N ARG F 54 -0.75 -3.05 22.69
CA ARG F 54 -0.19 -2.61 21.42
C ARG F 54 -1.17 -2.79 20.25
N LEU F 55 -2.22 -3.59 20.44
CA LEU F 55 -3.19 -3.82 19.36
C LEU F 55 -4.54 -3.13 19.54
N ILE F 56 -5.09 -3.23 20.75
CA ILE F 56 -6.39 -2.69 21.07
C ILE F 56 -6.26 -1.20 21.39
N GLY F 57 -7.22 -0.40 20.93
CA GLY F 57 -7.28 1.03 21.19
C GLY F 57 -6.22 1.87 20.48
N LYS F 58 -5.97 1.56 19.21
CA LYS F 58 -5.04 2.34 18.38
C LYS F 58 -5.70 3.62 17.90
N THR F 59 -4.90 4.66 17.66
CA THR F 59 -5.39 5.87 17.02
C THR F 59 -5.22 5.69 15.51
N ASN F 60 -6.33 5.64 14.80
CA ASN F 60 -6.30 5.48 13.35
C ASN F 60 -6.25 6.83 12.65
N GLN F 61 -5.83 6.83 11.39
CA GLN F 61 -5.81 8.05 10.58
C GLN F 61 -7.18 8.31 10.00
N GLN F 62 -7.47 9.58 9.72
CA GLN F 62 -8.71 9.96 9.07
C GLN F 62 -8.59 9.78 7.57
N PHE F 63 -9.65 9.30 6.93
CA PHE F 63 -9.69 9.15 5.48
C PHE F 63 -11.01 9.70 4.93
N GLU F 64 -10.91 10.64 3.99
CA GLU F 64 -12.09 11.24 3.34
C GLU F 64 -12.62 10.32 2.24
N LEU F 65 -13.77 10.66 1.68
CA LEU F 65 -14.29 9.93 0.51
C LEU F 65 -13.47 10.29 -0.71
N ILE F 66 -13.17 9.30 -1.54
CA ILE F 66 -12.59 9.57 -2.86
C ILE F 66 -13.53 9.13 -4.00
N ASP F 67 -14.52 8.30 -3.67
CA ASP F 67 -15.51 7.81 -4.62
C ASP F 67 -16.75 8.68 -4.62
N ASN F 68 -17.77 8.22 -5.36
CA ASN F 68 -19.14 8.65 -5.16
C ASN F 68 -20.05 7.48 -5.46
N GLU F 69 -20.82 7.10 -4.46
CA GLU F 69 -21.68 5.93 -4.50
C GLU F 69 -22.92 6.17 -5.37
N PHE F 70 -23.51 7.36 -5.24
CA PHE F 70 -24.80 7.68 -5.85
C PHE F 70 -24.70 8.26 -7.25
N ASN F 71 -23.60 8.96 -7.52
CA ASN F 71 -23.31 9.49 -8.86
C ASN F 71 -22.01 8.94 -9.40
N GLU F 72 -22.10 7.78 -10.06
CA GLU F 72 -20.94 7.02 -10.56
C GLU F 72 -19.94 7.96 -11.25
N ILE F 73 -18.70 7.94 -10.77
CA ILE F 73 -17.63 8.80 -11.33
C ILE F 73 -16.96 8.16 -12.54
N GLU F 74 -16.15 8.95 -13.23
CA GLU F 74 -15.43 8.53 -14.43
C GLU F 74 -14.69 7.18 -14.21
N GLN F 75 -15.10 6.13 -14.94
CA GLN F 75 -14.62 4.74 -14.69
C GLN F 75 -13.12 4.56 -14.69
N GLN F 76 -12.42 5.35 -15.51
CA GLN F 76 -10.97 5.40 -15.51
C GLN F 76 -10.46 5.62 -14.09
N ILE F 77 -10.89 6.72 -13.47
CA ILE F 77 -10.49 7.09 -12.12
C ILE F 77 -10.96 6.09 -11.07
N GLY F 78 -12.24 5.71 -11.13
CA GLY F 78 -12.82 4.75 -10.20
C GLY F 78 -12.09 3.41 -10.15
N ASN F 79 -11.86 2.82 -11.32
CA ASN F 79 -11.06 1.59 -11.48
C ASN F 79 -9.65 1.69 -10.93
N VAL F 80 -9.08 2.89 -10.97
CA VAL F 80 -7.79 3.17 -10.33
C VAL F 80 -7.95 3.17 -8.82
N ILE F 81 -8.96 3.86 -8.32
CA ILE F 81 -9.33 3.81 -6.90
C ILE F 81 -9.63 2.36 -6.46
N ASN F 82 -10.36 1.62 -7.28
CA ASN F 82 -10.72 0.23 -7.01
C ASN F 82 -9.53 -0.72 -7.00
N TRP F 83 -8.54 -0.44 -7.85
CA TRP F 83 -7.31 -1.20 -7.89
C TRP F 83 -6.57 -0.97 -6.59
N THR F 84 -6.19 0.29 -6.36
CA THR F 84 -5.47 0.70 -5.16
C THR F 84 -6.11 0.14 -3.91
N ARG F 85 -7.41 0.38 -3.76
CA ARG F 85 -8.17 -0.10 -2.62
C ARG F 85 -8.02 -1.62 -2.42
N ASP F 86 -8.22 -2.39 -3.48
CA ASP F 86 -8.08 -3.85 -3.40
C ASP F 86 -6.63 -4.25 -3.14
N ALA F 87 -5.69 -3.49 -3.69
CA ALA F 87 -4.27 -3.72 -3.44
C ALA F 87 -3.94 -3.53 -1.97
N MET F 88 -4.52 -2.48 -1.37
CA MET F 88 -4.42 -2.20 0.07
C MET F 88 -4.98 -3.33 0.92
N THR F 89 -6.14 -3.83 0.52
CA THR F 89 -6.77 -4.96 1.19
C THR F 89 -5.82 -6.14 1.23
N GLU F 90 -5.15 -6.41 0.11
CA GLU F 90 -4.20 -7.51 0.00
C GLU F 90 -3.03 -7.36 0.98
N ILE F 91 -2.50 -6.14 1.08
CA ILE F 91 -1.39 -5.87 1.98
C ILE F 91 -1.80 -5.99 3.44
N TRP F 92 -3.02 -5.60 3.78
CA TRP F 92 -3.47 -5.67 5.18
C TRP F 92 -3.90 -7.07 5.58
N SER F 93 -4.63 -7.75 4.70
CA SER F 93 -5.04 -9.12 4.93
C SER F 93 -3.83 -10.02 5.18
N TYR F 94 -2.74 -9.69 4.50
CA TYR F 94 -1.45 -10.33 4.69
C TYR F 94 -0.89 -10.06 6.09
N ASN F 95 -0.73 -8.78 6.41
CA ASN F 95 -0.21 -8.30 7.69
C ASN F 95 -0.97 -8.86 8.86
N ALA F 96 -2.29 -8.68 8.84
CA ALA F 96 -3.19 -9.22 9.84
C ALA F 96 -2.91 -10.70 10.07
N GLU F 97 -3.05 -11.50 9.01
CA GLU F 97 -2.71 -12.91 9.07
C GLU F 97 -1.36 -13.15 9.74
N LEU F 98 -0.30 -12.56 9.17
CA LEU F 98 1.08 -12.80 9.60
C LEU F 98 1.39 -12.25 10.99
N LEU F 99 0.83 -11.09 11.33
CA LEU F 99 0.96 -10.55 12.67
C LEU F 99 0.30 -11.48 13.70
N VAL F 100 -0.96 -11.81 13.46
CA VAL F 100 -1.69 -12.69 14.38
C VAL F 100 -1.04 -14.08 14.48
N ALA F 101 -0.62 -14.64 13.34
CA ALA F 101 0.10 -15.93 13.35
C ALA F 101 1.45 -15.85 14.05
N MET F 102 2.16 -14.74 13.84
CA MET F 102 3.47 -14.52 14.43
C MET F 102 3.37 -14.26 15.95
N GLU F 103 2.54 -13.31 16.35
CA GLU F 103 2.32 -13.03 17.77
C GLU F 103 1.85 -14.28 18.53
N ASN F 104 0.99 -15.06 17.91
CA ASN F 104 0.50 -16.29 18.52
C ASN F 104 1.60 -17.31 18.83
N GLN F 105 2.46 -17.54 17.85
CA GLN F 105 3.61 -18.43 18.04
C GLN F 105 4.44 -17.98 19.23
N HIS F 106 4.64 -16.66 19.35
CA HIS F 106 5.40 -16.11 20.46
C HIS F 106 4.71 -16.32 21.80
N THR F 107 3.37 -16.24 21.81
CA THR F 107 2.58 -16.47 23.02
C THR F 107 2.70 -17.90 23.53
N ILE F 108 2.49 -18.86 22.63
CA ILE F 108 2.72 -20.29 22.88
C ILE F 108 4.12 -20.57 23.49
N ASP F 109 5.15 -20.03 22.87
CA ASP F 109 6.54 -20.28 23.27
C ASP F 109 6.97 -19.52 24.53
N LEU F 110 6.39 -18.35 24.75
CA LEU F 110 6.65 -17.58 25.96
C LEU F 110 6.02 -18.26 27.19
N ALA F 111 4.84 -18.85 27.01
CA ALA F 111 4.13 -19.52 28.09
C ALA F 111 4.82 -20.82 28.50
N ASP F 112 5.36 -21.53 27.51
CA ASP F 112 6.18 -22.72 27.71
C ASP F 112 7.50 -22.36 28.44
N SER F 113 7.97 -21.14 28.18
CA SER F 113 9.16 -20.56 28.79
C SER F 113 8.99 -20.27 30.28
N GLU F 114 7.82 -19.75 30.66
CA GLU F 114 7.57 -19.43 32.06
C GLU F 114 7.48 -20.68 32.92
N MET F 115 6.95 -21.75 32.34
CA MET F 115 6.95 -23.06 32.94
C MET F 115 8.38 -23.57 33.17
N SER F 116 9.19 -23.56 32.12
CA SER F 116 10.59 -23.97 32.20
C SER F 116 11.36 -23.13 33.22
N LYS F 117 11.25 -21.80 33.11
CA LYS F 117 11.96 -20.88 34.00
C LYS F 117 11.71 -21.18 35.49
N LEU F 118 10.45 -21.47 35.81
CA LEU F 118 10.03 -21.83 37.16
C LEU F 118 10.56 -23.20 37.54
N TYR F 119 10.41 -24.16 36.62
CA TYR F 119 10.90 -25.53 36.83
C TYR F 119 12.39 -25.55 37.17
N GLU F 120 13.15 -24.65 36.55
CA GLU F 120 14.59 -24.56 36.78
C GLU F 120 14.95 -23.82 38.07
N ARG F 121 14.10 -22.86 38.46
CA ARG F 121 14.26 -22.17 39.73
C ARG F 121 14.18 -23.17 40.89
N VAL F 122 13.26 -24.12 40.73
CA VAL F 122 13.05 -25.19 41.70
C VAL F 122 14.21 -26.19 41.66
N LYS F 123 14.54 -26.71 40.48
CA LYS F 123 15.64 -27.68 40.32
C LYS F 123 16.86 -27.25 41.12
N LYS F 124 17.27 -25.99 40.91
CA LYS F 124 18.41 -25.38 41.58
C LYS F 124 18.24 -25.28 43.10
N GLN F 125 17.05 -24.89 43.54
CA GLN F 125 16.75 -24.66 44.95
C GLN F 125 16.85 -25.94 45.80
N LEU F 126 16.55 -27.09 45.18
CA LEU F 126 16.58 -28.37 45.87
C LEU F 126 17.99 -28.96 45.99
N ARG F 127 18.92 -28.47 45.16
CA ARG F 127 20.27 -29.00 45.11
C ARG F 127 20.24 -30.53 45.00
N GLU F 128 20.93 -31.22 45.91
CA GLU F 128 21.08 -32.68 45.83
C GLU F 128 20.09 -33.44 46.70
N ASN F 129 19.00 -32.79 47.09
CA ASN F 129 18.01 -33.40 47.97
C ASN F 129 16.92 -34.17 47.22
N ALA F 130 16.85 -33.94 45.91
CA ALA F 130 15.83 -34.54 45.08
C ALA F 130 16.40 -34.80 43.70
N GLU F 131 15.82 -35.77 43.00
CA GLU F 131 16.18 -36.05 41.62
C GLU F 131 15.03 -35.62 40.70
N GLU F 132 15.06 -36.10 39.46
CA GLU F 132 14.05 -35.73 38.46
C GLU F 132 13.42 -36.95 37.79
N ASP F 133 12.10 -36.91 37.63
CA ASP F 133 11.37 -37.88 36.83
C ASP F 133 11.71 -37.67 35.35
N GLY F 134 11.49 -36.45 34.88
CA GLY F 134 11.49 -36.16 33.46
C GLY F 134 10.05 -36.00 33.02
N THR F 135 9.13 -36.12 33.98
CA THR F 135 7.71 -35.85 33.78
C THR F 135 7.30 -34.60 34.56
N GLY F 136 8.29 -33.91 35.12
CA GLY F 136 8.06 -32.67 35.83
C GLY F 136 7.83 -32.83 37.32
N CYS F 137 8.22 -33.99 37.85
CA CYS F 137 8.18 -34.23 39.29
C CYS F 137 9.58 -34.34 39.88
N PHE F 138 9.73 -33.83 41.09
CA PHE F 138 10.97 -33.99 41.82
C PHE F 138 10.77 -35.00 42.93
N GLU F 139 11.48 -36.11 42.87
CA GLU F 139 11.46 -37.09 43.94
C GLU F 139 12.37 -36.63 45.07
N ILE F 140 11.75 -36.16 46.15
CA ILE F 140 12.45 -35.63 47.32
C ILE F 140 12.86 -36.76 48.25
N PHE F 141 14.15 -36.79 48.59
CA PHE F 141 14.71 -37.90 49.35
C PHE F 141 14.77 -37.66 50.87
N HIS F 142 13.78 -36.95 51.38
CA HIS F 142 13.59 -36.75 52.81
C HIS F 142 12.12 -36.44 53.09
N LYS F 143 11.74 -36.52 54.36
CA LYS F 143 10.36 -36.20 54.76
C LYS F 143 10.11 -34.70 54.84
N CYS F 144 9.29 -34.22 53.90
CA CYS F 144 8.92 -32.83 53.78
C CYS F 144 7.41 -32.74 54.04
N ASP F 145 7.06 -32.31 55.25
CA ASP F 145 5.67 -32.13 55.65
C ASP F 145 5.04 -30.91 54.96
N ASP F 146 3.72 -30.79 55.04
CA ASP F 146 3.01 -29.70 54.39
C ASP F 146 3.57 -28.30 54.66
N GLN F 147 4.09 -28.08 55.85
CA GLN F 147 4.74 -26.79 56.19
C GLN F 147 6.17 -26.65 55.63
N CYS F 148 6.78 -27.78 55.25
CA CYS F 148 8.05 -27.79 54.52
C CYS F 148 7.82 -27.53 53.03
N MET F 149 6.75 -28.11 52.49
CA MET F 149 6.37 -27.96 51.08
C MET F 149 6.24 -26.50 50.68
N GLU F 150 5.78 -25.67 51.63
CA GLU F 150 5.54 -24.26 51.34
C GLU F 150 6.81 -23.43 51.28
N SER F 151 7.85 -23.86 51.99
CA SER F 151 9.15 -23.21 51.92
C SER F 151 9.67 -23.27 50.49
N ILE F 152 9.58 -24.44 49.89
CA ILE F 152 9.96 -24.64 48.50
C ILE F 152 9.16 -23.74 47.59
N ARG F 153 7.84 -23.69 47.83
CA ARG F 153 6.93 -22.90 47.02
C ARG F 153 7.34 -21.43 46.92
N ASN F 154 7.72 -20.82 48.05
CA ASN F 154 8.15 -19.42 48.02
C ASN F 154 9.60 -19.20 48.48
N ASN F 155 10.51 -20.00 47.96
CA ASN F 155 11.95 -19.74 48.01
C ASN F 155 12.57 -19.42 49.39
N THR F 156 12.35 -20.32 50.35
CA THR F 156 12.92 -20.20 51.70
C THR F 156 13.53 -21.52 52.16
N TYR F 157 13.27 -22.56 51.38
CA TYR F 157 13.78 -23.92 51.60
C TYR F 157 15.30 -23.93 51.69
N ASP F 158 15.80 -24.34 52.86
CA ASP F 158 17.23 -24.49 53.09
C ASP F 158 17.65 -25.95 52.90
N HIS F 159 18.32 -26.20 51.78
CA HIS F 159 18.72 -27.55 51.38
C HIS F 159 19.73 -28.18 52.33
N THR F 160 20.51 -27.35 53.02
CA THR F 160 21.56 -27.83 53.92
C THR F 160 20.99 -28.58 55.11
N GLN F 161 19.80 -28.15 55.52
CA GLN F 161 19.08 -28.71 56.66
C GLN F 161 18.51 -30.11 56.40
N TYR F 162 18.49 -30.52 55.13
CA TYR F 162 17.98 -31.84 54.76
C TYR F 162 18.97 -32.64 53.94
N ARG F 163 20.15 -32.08 53.70
CA ARG F 163 21.14 -32.67 52.79
C ARG F 163 21.69 -34.01 53.27
N THR F 164 22.25 -34.04 54.49
CA THR F 164 22.83 -35.28 55.02
C THR F 164 21.84 -36.45 54.99
N GLU F 165 20.60 -36.17 55.37
CA GLU F 165 19.50 -37.13 55.33
C GLU F 165 19.22 -37.61 53.89
N SER F 166 19.07 -36.65 52.98
CA SER F 166 18.79 -36.93 51.56
C SER F 166 19.82 -37.82 50.92
N LEU F 167 21.10 -37.48 51.12
CA LEU F 167 22.19 -38.16 50.45
C LEU F 167 22.23 -39.68 50.71
N GLN F 168 21.96 -40.08 51.96
CA GLN F 168 21.95 -41.51 52.29
C GLN F 168 20.78 -42.27 51.68
N ASN F 169 19.66 -41.57 51.45
CA ASN F 169 18.51 -42.15 50.77
C ASN F 169 18.75 -42.42 49.30
N ARG F 170 19.75 -41.76 48.73
CA ARG F 170 20.10 -41.93 47.32
C ARG F 170 21.14 -43.05 47.12
N ILE F 171 21.24 -43.96 48.09
CA ILE F 171 22.25 -45.02 48.07
C ILE F 171 21.65 -46.41 48.33
C1 GAL G . -4.72 46.87 -27.34
C2 GAL G . -4.86 47.02 -25.82
C3 GAL G . -3.88 48.06 -25.24
C4 GAL G . -3.05 48.83 -26.29
C5 GAL G . -2.62 48.01 -27.53
C6 GAL G . -1.11 47.74 -27.62
O1 GAL G . -5.36 45.71 -27.79
O2 GAL G . -6.18 47.42 -25.50
O3 GAL G . -3.06 47.42 -24.27
O4 GAL G . -1.93 49.45 -25.68
O5 GAL G . -3.34 46.79 -27.66
O6 GAL G . -0.83 46.55 -28.35
C1 SIA G . -0.04 44.44 -27.44
C2 SIA G . -0.78 45.13 -28.59
C3 SIA G . 0.17 45.62 -29.70
C4 SIA G . 0.65 44.51 -30.63
C5 SIA G . -0.47 43.56 -31.05
C6 SIA G . -1.31 43.11 -29.87
C7 SIA G . -2.48 42.22 -30.33
C8 SIA G . -3.19 41.55 -29.17
C9 SIA G . -4.09 40.41 -29.67
C10 SIA G . -0.05 42.11 -33.02
C11 SIA G . -0.91 43.00 -33.87
N5 SIA G . 0.11 42.42 -31.73
O1A SIA G . 1.21 44.52 -27.35
O1B SIA G . -0.72 43.81 -26.61
O4 SIA G . 1.23 45.08 -31.80
O6 SIA G . -1.80 44.25 -29.12
O7 SIA G . -3.41 43.00 -31.08
O8 SIA G . -2.24 41.04 -28.22
O9 SIA G . -4.86 39.85 -28.60
O10 SIA G . 0.50 41.12 -33.49
C1 NAG H . -3.33 17.14 -0.05
C2 NAG H . -4.23 18.34 -0.29
C3 NAG H . -3.39 19.62 -0.31
C4 NAG H . -2.49 19.76 0.93
C5 NAG H . -1.88 18.44 1.42
C6 NAG H . -1.60 18.54 2.93
C7 NAG H . -6.34 18.54 -1.54
C8 NAG H . -7.03 18.41 -2.88
N2 NAG H . -5.03 18.26 -1.51
O3 NAG H . -4.25 20.75 -0.39
O4 NAG H . -1.44 20.65 0.62
O5 NAG H . -2.66 17.28 1.20
O6 NAG H . -0.69 17.54 3.32
O7 NAG H . -7.00 18.88 -0.55
C1 NAG H . -1.32 21.76 1.54
C2 NAG H . -1.10 23.03 0.71
C3 NAG H . -1.92 24.24 1.21
C4 NAG H . -2.05 24.32 2.73
C5 NAG H . -2.04 22.96 3.44
C6 NAG H . -3.07 22.90 4.58
C7 NAG H . 1.31 22.48 0.34
C8 NAG H . 2.70 23.04 0.35
N2 NAG H . 0.32 23.34 0.65
O3 NAG H . -3.22 24.22 0.66
O4 NAG H . -1.02 25.14 3.24
O5 NAG H . -2.35 21.92 2.51
O6 NAG H . -2.45 23.35 5.78
O7 NAG H . 1.15 21.28 0.05
C1 GAL I . -14.91 15.83 -51.95
C2 GAL I . -13.42 15.78 -51.59
C3 GAL I . -12.70 14.81 -52.53
C4 GAL I . -13.41 13.45 -52.60
C5 GAL I . -14.94 13.62 -52.79
C6 GAL I . -15.68 12.28 -52.87
O1 GAL I . -15.56 16.75 -51.11
O2 GAL I . -12.87 17.07 -51.69
O3 GAL I . -11.36 14.68 -52.13
O4 GAL I . -13.11 12.65 -51.46
O5 GAL I . -15.47 14.53 -51.83
O6 GAL I . -16.06 11.77 -51.59
C1 SIA I . -15.19 9.90 -50.33
C2 SIA I . -16.42 10.75 -50.64
C3 SIA I . -17.51 9.84 -51.23
C4 SIA I . -18.39 9.20 -50.14
C5 SIA I . -18.94 10.27 -49.21
C6 SIA I . -17.78 11.01 -48.52
C7 SIA I . -18.30 12.09 -47.52
C8 SIA I . -17.25 12.95 -46.80
C9 SIA I . -17.89 13.78 -45.70
C10 SIA I . -21.18 9.97 -48.16
C11 SIA I . -21.72 11.05 -49.05
N5 SIA I . -19.87 9.66 -48.27
O1A SIA I . -14.06 10.34 -50.64
O1B SIA I . -15.33 8.77 -49.81
O4 SIA I . -19.45 8.44 -50.74
O6 SIA I . -16.88 11.57 -49.51
O7 SIA I . -19.22 12.97 -48.19
O8 SIA I . -16.23 12.14 -46.18
O9 SIA I . -17.07 14.91 -45.36
O10 SIA I . -21.90 9.40 -47.36
C1 NAG J . 15.44 -30.78 -0.95
C2 NAG J . 14.78 -32.16 -1.00
C3 NAG J . 14.04 -32.45 -2.32
C4 NAG J . 13.29 -31.23 -2.93
C5 NAG J . 14.14 -29.96 -2.77
C6 NAG J . 13.38 -28.70 -3.23
C7 NAG J . 15.64 -34.18 0.13
C8 NAG J . 16.75 -35.17 0.22
N2 NAG J . 15.78 -33.20 -0.77
O3 NAG J . 13.13 -33.50 -2.11
O4 NAG J . 13.05 -31.43 -4.31
O5 NAG J . 14.55 -29.80 -1.42
O6 NAG J . 13.19 -27.81 -2.15
O7 NAG J . 14.67 -34.29 0.88
C1 NAG J . 11.71 -31.91 -4.64
C2 NAG J . 11.25 -31.25 -5.96
C3 NAG J . 10.10 -31.99 -6.67
C4 NAG J . 10.24 -33.52 -6.62
C5 NAG J . 10.56 -33.98 -5.19
C6 NAG J . 10.80 -35.49 -5.11
C7 NAG J . 11.31 -28.81 -6.37
C8 NAG J . 10.70 -27.49 -6.03
N2 NAG J . 10.80 -29.88 -5.76
O3 NAG J . 10.02 -31.58 -8.02
O4 NAG J . 9.05 -34.10 -7.13
O5 NAG J . 11.72 -33.32 -4.69
O6 NAG J . 10.80 -35.89 -3.76
O7 NAG J . 12.25 -28.86 -7.17
C1 NAG K . 4.56 4.20 -16.77
C2 NAG K . 4.83 5.09 -17.98
C3 NAG K . 4.82 4.29 -19.29
C4 NAG K . 5.68 3.02 -19.21
C5 NAG K . 5.24 2.22 -17.98
C6 NAG K . 6.02 0.92 -17.75
C7 NAG K . 4.16 7.43 -18.12
C8 NAG K . 3.02 8.40 -18.14
N2 NAG K . 3.84 6.15 -18.02
O3 NAG K . 5.26 5.11 -20.36
O4 NAG K . 5.55 2.33 -20.44
O5 NAG K . 5.37 3.03 -16.82
O6 NAG K . 7.22 1.18 -17.06
O7 NAG K . 5.33 7.83 -18.18
C1 NAG K . 6.81 1.83 -20.96
C2 NAG K . 6.55 0.61 -21.85
C3 NAG K . 7.68 0.41 -22.84
C4 NAG K . 7.76 1.61 -23.78
C5 NAG K . 7.73 2.95 -23.01
C6 NAG K . 6.63 3.87 -23.54
C7 NAG K . 5.15 -1.03 -20.66
C8 NAG K . 5.17 -2.26 -19.79
N2 NAG K . 6.36 -0.58 -21.01
O3 NAG K . 7.52 -0.76 -23.62
O4 NAG K . 8.90 1.50 -24.60
O5 NAG K . 7.64 2.82 -21.58
O6 NAG K . 6.88 5.19 -23.10
O7 NAG K . 4.09 -0.51 -21.01
C1 GAL L . -43.02 27.92 -22.86
C2 GAL L . -43.14 26.48 -23.35
C3 GAL L . -44.37 25.80 -22.73
C4 GAL L . -44.44 26.00 -21.20
C5 GAL L . -44.18 27.46 -20.83
C6 GAL L . -44.14 27.67 -19.32
O1 GAL L . -41.86 28.53 -23.40
O2 GAL L . -43.22 26.47 -24.76
O3 GAL L . -44.39 24.42 -23.02
O4 GAL L . -43.51 25.14 -20.55
O5 GAL L . -42.96 27.92 -21.44
O6 GAL L . -43.00 28.41 -18.93
C1 SIA L . -41.34 27.85 -17.42
C2 SIA L . -41.65 28.77 -18.61
C3 SIA L . -42.29 30.08 -18.11
C4 SIA L . -41.26 31.06 -17.55
C5 SIA L . -40.10 31.23 -18.52
C6 SIA L . -39.48 29.90 -18.86
C7 SIA L . -38.23 30.07 -19.73
C8 SIA L . -37.75 28.77 -20.37
C9 SIA L . -36.30 28.90 -20.82
C10 SIA L . -38.81 33.30 -18.24
C11 SIA L . -39.61 33.93 -19.36
N5 SIA L . -39.09 32.06 -17.90
O1A SIA L . -42.22 27.63 -16.57
O1B SIA L . -40.21 27.31 -17.33
O4 SIA L . -41.87 32.33 -17.32
O6 SIA L . -40.49 29.04 -19.45
O7 SIA L . -38.40 31.08 -20.75
O8 SIA L . -37.84 27.71 -19.41
O9 SIA L . -35.96 27.89 -21.77
O10 SIA L . -37.93 33.90 -17.65
C1 NAG M . -15.54 -0.12 -7.99
C2 NAG M . -16.53 -0.02 -9.16
C3 NAG M . -17.98 0.22 -8.72
C4 NAG M . -18.38 -0.62 -7.49
C5 NAG M . -17.28 -0.60 -6.41
C6 NAG M . -17.57 -1.53 -5.25
C7 NAG M . -15.76 0.81 -11.32
C8 NAG M . -15.32 2.01 -12.10
N2 NAG M . -16.09 1.04 -10.05
O3 NAG M . -18.84 -0.09 -9.80
O4 NAG M . -19.62 -0.15 -6.98
O5 NAG M . -16.04 -0.98 -6.97
O6 NAG M . -17.51 -0.80 -4.06
O7 NAG M . -15.79 -0.30 -11.85
C1 NAG M . -20.56 -1.24 -6.96
C2 NAG M . -21.74 -1.01 -6.03
C3 NAG M . -22.57 -2.30 -5.94
C4 NAG M . -22.79 -3.01 -7.28
C5 NAG M . -21.62 -2.87 -8.27
C6 NAG M . -22.04 -3.18 -9.71
C7 NAG M . -21.12 0.66 -4.35
C8 NAG M . -20.69 0.91 -2.93
N2 NAG M . -21.33 -0.60 -4.70
O3 NAG M . -23.83 -2.01 -5.36
O4 NAG M . -23.03 -4.38 -7.01
O5 NAG M . -21.07 -1.56 -8.24
O6 NAG M . -20.97 -2.91 -10.59
O7 NAG M . -21.25 1.61 -5.13
C1 NAG N . 25.74 2.40 21.30
C2 NAG N . 27.27 2.51 21.15
C3 NAG N . 27.59 3.97 20.83
C4 NAG N . 26.92 4.31 19.49
C5 NAG N . 25.41 4.05 19.59
C6 NAG N . 24.73 4.22 18.23
C7 NAG N . 28.07 2.44 23.54
C8 NAG N . 28.88 1.60 24.48
N2 NAG N . 27.98 1.94 22.30
O3 NAG N . 28.98 4.19 20.75
O4 NAG N . 27.21 5.63 19.12
O5 NAG N . 25.11 2.74 20.08
O6 NAG N . 23.57 4.99 18.40
O7 NAG N . 27.56 3.50 23.92
C1 NAG O . -10.64 -15.01 28.01
C2 NAG O . -10.70 -13.71 28.83
C3 NAG O . -12.13 -13.21 28.98
C4 NAG O . -12.97 -13.29 27.70
C5 NAG O . -12.68 -14.56 26.87
C6 NAG O . -13.27 -14.47 25.47
C7 NAG O . -10.34 -14.70 31.10
C8 NAG O . -9.51 -14.62 32.34
N2 NAG O . -10.03 -13.84 30.13
O3 NAG O . -12.09 -11.87 29.42
O4 NAG O . -14.34 -13.24 28.03
O5 NAG O . -11.28 -14.78 26.76
O6 NAG O . -12.46 -13.63 24.67
O7 NAG O . -11.25 -15.53 31.04
#